data_1EHX
#
_entry.id   1EHX
#
_cell.length_a   1.000
_cell.length_b   1.000
_cell.length_c   1.000
_cell.angle_alpha   90.00
_cell.angle_beta   90.00
_cell.angle_gamma   90.00
#
_symmetry.space_group_name_H-M   'P 1'
#
_entity_poly.entity_id   1
_entity_poly.type   'polypeptide(L)'
_entity_poly.pdbx_seq_one_letter_code
;MQDPTINPTSISAKAGSFADTKITLTPNGNTFNGISELQSSQYTKGTNEVTLLASYLNTLPENTTKTLTFDFGVGTKNPK
LTITVLPKDIPGLE
;
_entity_poly.pdbx_strand_id   A
#
# COMPACT_ATOMS: atom_id res chain seq x y z
N MET A 1 14.40 13.66 -3.31
CA MET A 1 15.05 13.68 -4.64
C MET A 1 15.83 12.39 -4.91
N GLN A 2 15.15 11.26 -4.73
CA GLN A 2 15.77 9.97 -4.94
C GLN A 2 15.25 9.31 -6.23
N ASP A 3 15.76 8.13 -6.54
CA ASP A 3 15.35 7.41 -7.74
C ASP A 3 14.87 6.00 -7.39
N PRO A 4 13.97 5.88 -6.40
CA PRO A 4 13.43 4.58 -5.98
C PRO A 4 12.35 4.08 -6.93
N THR A 5 12.40 2.81 -7.28
CA THR A 5 11.41 2.24 -8.19
C THR A 5 10.61 1.13 -7.53
N ILE A 6 9.37 1.43 -7.20
CA ILE A 6 8.50 0.45 -6.56
C ILE A 6 7.15 0.36 -7.27
N ASN A 7 6.27 -0.47 -6.71
CA ASN A 7 4.93 -0.66 -7.26
C ASN A 7 4.33 0.64 -7.75
N PRO A 8 3.22 0.56 -8.48
CA PRO A 8 2.54 1.73 -9.04
C PRO A 8 2.28 2.82 -8.01
N THR A 9 1.31 3.68 -8.28
CA THR A 9 0.98 4.78 -7.37
C THR A 9 -0.50 4.79 -7.00
N SER A 10 -1.28 3.87 -7.55
CA SER A 10 -2.71 3.83 -7.24
C SER A 10 -3.38 2.56 -7.78
N ILE A 11 -4.30 2.02 -6.99
CA ILE A 11 -5.05 0.83 -7.35
C ILE A 11 -6.46 0.90 -6.77
N SER A 12 -7.36 0.05 -7.26
CA SER A 12 -8.73 0.04 -6.77
C SER A 12 -9.29 -1.37 -6.65
N ALA A 13 -9.99 -1.63 -5.54
CA ALA A 13 -10.59 -2.92 -5.29
C ALA A 13 -11.50 -2.85 -4.07
N LYS A 14 -12.37 -3.83 -3.92
CA LYS A 14 -13.28 -3.86 -2.78
C LYS A 14 -12.48 -4.18 -1.52
N ALA A 15 -12.82 -3.52 -0.41
CA ALA A 15 -12.10 -3.78 0.82
C ALA A 15 -12.29 -5.21 1.26
N GLY A 16 -11.27 -6.00 0.98
CA GLY A 16 -11.29 -7.40 1.29
C GLY A 16 -10.75 -8.19 0.13
N SER A 17 -11.06 -7.74 -1.07
CA SER A 17 -10.58 -8.38 -2.28
C SER A 17 -9.07 -8.17 -2.40
N PHE A 18 -8.49 -7.62 -1.35
CA PHE A 18 -7.08 -7.33 -1.32
C PHE A 18 -6.31 -8.42 -0.59
N ALA A 19 -6.15 -9.55 -1.27
CA ALA A 19 -5.43 -10.66 -0.68
C ALA A 19 -3.96 -10.32 -0.54
N ASP A 20 -3.29 -10.92 0.44
CA ASP A 20 -1.87 -10.66 0.68
C ASP A 20 -1.14 -10.39 -0.63
N THR A 21 -0.65 -9.17 -0.81
CA THR A 21 0.05 -8.81 -2.03
C THR A 21 1.45 -8.30 -1.74
N LYS A 22 2.44 -8.96 -2.30
CA LYS A 22 3.82 -8.56 -2.10
C LYS A 22 4.27 -7.58 -3.16
N ILE A 23 4.66 -6.40 -2.72
CA ILE A 23 5.12 -5.35 -3.61
C ILE A 23 6.65 -5.36 -3.73
N THR A 24 7.16 -4.77 -4.80
CA THR A 24 8.60 -4.73 -5.02
C THR A 24 9.14 -3.31 -4.85
N LEU A 25 10.07 -3.14 -3.93
CA LEU A 25 10.67 -1.85 -3.66
C LEU A 25 12.10 -1.77 -4.19
N THR A 26 12.27 -1.30 -5.43
CA THR A 26 13.60 -1.19 -6.02
C THR A 26 14.42 -0.09 -5.33
N PRO A 27 15.46 -0.52 -4.58
CA PRO A 27 16.36 0.37 -3.84
C PRO A 27 17.67 0.57 -4.59
N ASN A 28 17.63 0.22 -5.85
CA ASN A 28 18.79 0.30 -6.73
C ASN A 28 19.65 1.51 -6.43
N GLY A 29 19.10 2.43 -5.67
CA GLY A 29 19.81 3.63 -5.29
C GLY A 29 19.09 4.39 -4.19
N ASN A 30 18.12 3.75 -3.55
CA ASN A 30 17.35 4.36 -2.49
C ASN A 30 17.07 3.38 -1.37
N THR A 31 16.56 3.91 -0.26
CA THR A 31 16.24 3.08 0.90
C THR A 31 14.78 3.29 1.30
N PHE A 32 14.25 2.31 2.01
CA PHE A 32 12.86 2.37 2.47
C PHE A 32 12.76 2.12 3.97
N ASN A 33 11.95 2.93 4.65
CA ASN A 33 11.78 2.80 6.10
C ASN A 33 10.47 2.09 6.42
N GLY A 34 9.37 2.62 5.91
CA GLY A 34 8.07 2.03 6.15
C GLY A 34 6.92 2.90 5.67
N ILE A 35 5.72 2.33 5.64
CA ILE A 35 4.54 3.06 5.20
C ILE A 35 3.70 3.47 6.41
N SER A 36 3.96 4.68 6.88
CA SER A 36 3.25 5.21 8.06
C SER A 36 1.74 5.19 7.86
N GLU A 37 1.28 5.59 6.69
CA GLU A 37 -0.14 5.59 6.42
C GLU A 37 -0.76 4.31 6.98
N LEU A 38 0.04 3.24 6.99
CA LEU A 38 -0.40 1.98 7.53
C LEU A 38 0.71 1.37 8.40
N GLN A 39 0.71 1.81 9.65
CA GLN A 39 1.68 1.39 10.65
C GLN A 39 2.15 -0.03 10.40
N SER A 40 3.18 -0.08 9.59
CA SER A 40 3.88 -1.29 9.14
C SER A 40 3.16 -2.57 9.55
N SER A 41 2.67 -2.62 10.76
CA SER A 41 1.97 -3.80 11.24
C SER A 41 0.90 -4.21 10.22
N GLN A 42 0.41 -3.21 9.48
CA GLN A 42 -0.59 -3.43 8.46
C GLN A 42 -0.04 -4.32 7.36
N TYR A 43 1.25 -4.17 7.14
CA TYR A 43 1.96 -4.93 6.11
C TYR A 43 3.14 -5.71 6.69
N THR A 44 3.88 -6.30 5.77
CA THR A 44 5.06 -7.08 6.11
C THR A 44 6.18 -6.74 5.15
N LYS A 45 6.98 -5.76 5.54
CA LYS A 45 8.08 -5.29 4.70
C LYS A 45 9.18 -6.33 4.60
N GLY A 46 10.04 -6.14 3.60
CA GLY A 46 11.15 -7.03 3.36
C GLY A 46 12.26 -6.35 2.59
N THR A 47 12.99 -5.46 3.29
CA THR A 47 14.10 -4.71 2.69
C THR A 47 14.16 -4.88 1.17
N ASN A 48 13.76 -3.82 0.45
CA ASN A 48 13.76 -3.83 -1.01
C ASN A 48 12.39 -4.27 -1.53
N GLU A 49 11.59 -4.82 -0.63
CA GLU A 49 10.25 -5.27 -0.98
C GLU A 49 9.33 -5.20 0.23
N VAL A 50 8.04 -5.29 0.00
CA VAL A 50 7.07 -5.25 1.08
C VAL A 50 5.70 -5.71 0.62
N THR A 51 5.11 -6.59 1.41
CA THR A 51 3.79 -7.14 1.09
C THR A 51 2.73 -6.68 2.08
N LEU A 52 1.52 -6.44 1.57
CA LEU A 52 0.43 -6.01 2.43
C LEU A 52 -0.50 -7.18 2.73
N LEU A 53 -1.05 -7.20 3.94
CA LEU A 53 -1.93 -8.28 4.35
C LEU A 53 -3.40 -7.91 4.23
N ALA A 54 -4.14 -8.72 3.48
CA ALA A 54 -5.57 -8.51 3.28
C ALA A 54 -6.30 -8.20 4.58
N SER A 55 -5.63 -8.38 5.70
CA SER A 55 -6.25 -8.11 6.99
C SER A 55 -6.43 -6.61 7.19
N TYR A 56 -5.38 -5.87 6.91
CA TYR A 56 -5.41 -4.43 7.02
C TYR A 56 -6.31 -3.86 5.94
N LEU A 57 -5.93 -4.15 4.72
CA LEU A 57 -6.68 -3.70 3.55
C LEU A 57 -8.16 -4.02 3.71
N ASN A 58 -8.46 -5.25 4.11
CA ASN A 58 -9.85 -5.66 4.30
C ASN A 58 -10.48 -4.89 5.45
N THR A 59 -9.65 -4.48 6.41
CA THR A 59 -10.13 -3.74 7.58
C THR A 59 -10.58 -2.35 7.18
N LEU A 60 -9.89 -1.76 6.23
CA LEU A 60 -10.21 -0.41 5.76
C LEU A 60 -11.72 -0.25 5.58
N PRO A 61 -12.29 0.84 6.13
CA PRO A 61 -13.73 1.13 6.03
C PRO A 61 -14.21 1.20 4.59
N GLU A 62 -15.36 1.83 4.40
CA GLU A 62 -15.97 1.98 3.08
C GLU A 62 -14.99 2.57 2.08
N ASN A 63 -15.54 2.95 0.93
CA ASN A 63 -14.78 3.51 -0.16
C ASN A 63 -13.68 4.46 0.32
N THR A 64 -12.69 3.90 0.98
CA THR A 64 -11.57 4.70 1.48
C THR A 64 -10.42 4.69 0.49
N THR A 65 -9.69 5.79 0.41
CA THR A 65 -8.57 5.90 -0.51
C THR A 65 -7.25 5.70 0.23
N LYS A 66 -6.91 4.46 0.51
CA LYS A 66 -5.69 4.14 1.20
C LYS A 66 -4.49 4.49 0.34
N THR A 67 -3.46 5.03 0.97
CA THR A 67 -2.26 5.42 0.25
C THR A 67 -1.02 4.83 0.87
N LEU A 68 -0.51 3.80 0.23
CA LEU A 68 0.70 3.13 0.69
C LEU A 68 1.88 4.06 0.49
N THR A 69 2.04 4.97 1.44
CA THR A 69 3.13 5.95 1.36
C THR A 69 4.43 5.34 1.82
N PHE A 70 5.13 4.68 0.91
CA PHE A 70 6.40 4.05 1.22
C PHE A 70 7.46 5.11 1.47
N ASP A 71 7.84 5.27 2.74
CA ASP A 71 8.83 6.26 3.12
C ASP A 71 10.21 5.88 2.62
N PHE A 72 10.60 6.50 1.52
CA PHE A 72 11.90 6.24 0.91
C PHE A 72 12.85 7.41 1.17
N GLY A 73 12.64 8.09 2.29
CA GLY A 73 13.47 9.23 2.64
C GLY A 73 13.17 10.46 1.82
N VAL A 74 12.31 10.31 0.80
CA VAL A 74 11.93 11.41 -0.05
C VAL A 74 10.41 11.57 -0.11
N GLY A 75 9.77 11.50 1.05
CA GLY A 75 8.33 11.63 1.12
C GLY A 75 7.79 12.68 0.17
N THR A 76 8.59 13.69 -0.11
CA THR A 76 8.21 14.77 -1.01
C THR A 76 7.43 14.24 -2.21
N LYS A 77 7.95 13.17 -2.82
CA LYS A 77 7.31 12.56 -3.96
C LYS A 77 7.44 11.04 -3.91
N ASN A 78 7.76 10.52 -2.73
CA ASN A 78 7.92 9.09 -2.54
C ASN A 78 6.78 8.31 -3.20
N PRO A 79 7.05 7.07 -3.63
CA PRO A 79 6.06 6.22 -4.29
C PRO A 79 4.84 5.95 -3.39
N LYS A 80 3.78 6.71 -3.62
CA LYS A 80 2.55 6.55 -2.86
C LYS A 80 1.61 5.62 -3.61
N LEU A 81 1.22 4.52 -2.97
CA LEU A 81 0.33 3.56 -3.59
C LEU A 81 -1.11 3.77 -3.13
N THR A 82 -1.81 4.68 -3.81
CA THR A 82 -3.19 5.00 -3.48
C THR A 82 -4.15 3.86 -3.81
N ILE A 83 -4.35 2.97 -2.85
CA ILE A 83 -5.25 1.84 -3.01
C ILE A 83 -6.67 2.20 -2.55
N THR A 84 -7.65 1.91 -3.39
CA THR A 84 -9.05 2.19 -3.09
C THR A 84 -9.74 0.99 -2.46
N VAL A 85 -10.21 1.16 -1.24
CA VAL A 85 -10.89 0.08 -0.52
C VAL A 85 -12.41 0.30 -0.51
N LEU A 86 -13.13 -0.48 -1.31
CA LEU A 86 -14.58 -0.37 -1.38
C LEU A 86 -15.24 -1.71 -1.07
N PRO A 87 -15.49 -1.99 0.23
CA PRO A 87 -16.13 -3.24 0.66
C PRO A 87 -17.58 -3.30 0.24
N LYS A 88 -18.15 -2.13 0.12
CA LYS A 88 -19.54 -1.97 -0.27
C LYS A 88 -19.76 -2.45 -1.70
N ASP A 89 -20.85 -3.19 -1.91
CA ASP A 89 -21.18 -3.73 -3.22
C ASP A 89 -21.81 -2.65 -4.09
N ILE A 90 -21.12 -2.28 -5.17
CA ILE A 90 -21.61 -1.26 -6.09
C ILE A 90 -20.91 -1.34 -7.43
N PRO A 91 -19.60 -1.11 -7.42
CA PRO A 91 -18.75 -1.14 -8.61
C PRO A 91 -18.44 -2.56 -9.06
N GLY A 92 -17.89 -2.68 -10.27
CA GLY A 92 -17.56 -3.99 -10.80
C GLY A 92 -18.36 -4.34 -12.04
N LEU A 93 -18.86 -3.30 -12.72
CA LEU A 93 -19.65 -3.51 -13.94
C LEU A 93 -18.76 -3.96 -15.09
N GLU A 94 -18.43 -5.25 -15.09
CA GLU A 94 -17.59 -5.81 -16.13
C GLU A 94 -18.35 -5.92 -17.45
N MET A 1 17.52 13.76 -4.12
CA MET A 1 18.88 13.17 -3.96
C MET A 1 18.87 11.68 -4.28
N GLN A 2 17.83 10.98 -3.82
CA GLN A 2 17.71 9.54 -4.05
C GLN A 2 16.82 9.27 -5.26
N ASP A 3 16.99 8.08 -5.84
CA ASP A 3 16.19 7.69 -7.00
C ASP A 3 15.70 6.24 -6.86
N PRO A 4 14.66 6.03 -6.03
CA PRO A 4 14.09 4.71 -5.79
C PRO A 4 13.00 4.37 -6.80
N THR A 5 12.62 3.11 -6.85
CA THR A 5 11.57 2.67 -7.76
C THR A 5 10.43 2.01 -7.00
N ILE A 6 9.37 1.65 -7.72
CA ILE A 6 8.21 1.02 -7.11
C ILE A 6 7.25 0.48 -8.16
N ASN A 7 6.60 -0.64 -7.84
CA ASN A 7 5.65 -1.25 -8.76
C ASN A 7 4.59 -0.27 -9.22
N PRO A 8 3.38 -0.26 -8.67
CA PRO A 8 2.40 0.65 -9.16
C PRO A 8 2.28 1.91 -8.31
N THR A 9 1.22 2.68 -8.55
CA THR A 9 1.02 3.91 -7.81
C THR A 9 -0.38 3.98 -7.20
N SER A 10 -1.29 3.17 -7.72
CA SER A 10 -2.65 3.16 -7.22
C SER A 10 -3.47 2.01 -7.80
N ILE A 11 -4.41 1.53 -7.00
CA ILE A 11 -5.30 0.45 -7.41
C ILE A 11 -6.66 0.60 -6.73
N SER A 12 -7.63 -0.21 -7.12
CA SER A 12 -8.96 -0.13 -6.53
C SER A 12 -9.53 -1.51 -6.22
N ALA A 13 -10.19 -1.63 -5.07
CA ALA A 13 -10.78 -2.88 -4.64
C ALA A 13 -11.68 -2.67 -3.42
N LYS A 14 -12.72 -3.49 -3.30
CA LYS A 14 -13.63 -3.39 -2.17
C LYS A 14 -12.92 -3.86 -0.90
N ALA A 15 -13.31 -3.31 0.24
CA ALA A 15 -12.68 -3.69 1.50
C ALA A 15 -12.89 -5.16 1.77
N GLY A 16 -11.82 -5.91 1.54
CA GLY A 16 -11.84 -7.33 1.73
C GLY A 16 -11.36 -8.03 0.49
N SER A 17 -11.73 -7.48 -0.67
CA SER A 17 -11.30 -8.04 -1.92
C SER A 17 -9.82 -7.80 -2.13
N PHE A 18 -9.16 -7.38 -1.06
CA PHE A 18 -7.75 -7.08 -1.11
C PHE A 18 -6.94 -8.27 -0.64
N ALA A 19 -6.74 -9.21 -1.53
CA ALA A 19 -5.97 -10.41 -1.22
C ALA A 19 -4.50 -10.04 -1.04
N ASP A 20 -3.88 -10.58 0.03
CA ASP A 20 -2.47 -10.30 0.31
C ASP A 20 -1.68 -10.17 -0.98
N THR A 21 -0.78 -9.19 -1.03
CA THR A 21 0.02 -8.97 -2.22
C THR A 21 1.39 -8.42 -1.87
N LYS A 22 2.37 -8.77 -2.69
CA LYS A 22 3.73 -8.34 -2.49
C LYS A 22 4.04 -7.12 -3.33
N ILE A 23 5.20 -6.54 -3.06
CA ILE A 23 5.64 -5.35 -3.78
C ILE A 23 7.17 -5.31 -3.86
N THR A 24 7.69 -4.61 -4.87
CA THR A 24 9.12 -4.51 -5.05
C THR A 24 9.58 -3.05 -5.04
N LEU A 25 10.17 -2.64 -3.92
CA LEU A 25 10.66 -1.28 -3.77
C LEU A 25 12.15 -1.21 -4.11
N THR A 26 12.48 -0.63 -5.26
CA THR A 26 13.87 -0.52 -5.68
C THR A 26 14.63 0.47 -4.79
N PRO A 27 15.59 -0.05 -3.99
CA PRO A 27 16.39 0.75 -3.06
C PRO A 27 17.69 1.24 -3.67
N ASN A 28 17.87 0.94 -4.95
CA ASN A 28 19.04 1.27 -5.72
C ASN A 28 19.59 2.63 -5.34
N GLY A 29 20.08 2.66 -4.13
CA GLY A 29 20.65 3.87 -3.55
C GLY A 29 19.77 4.46 -2.47
N ASN A 30 18.49 4.15 -2.53
CA ASN A 30 17.50 4.63 -1.58
C ASN A 30 17.19 3.57 -0.54
N THR A 31 16.45 3.98 0.49
CA THR A 31 16.06 3.08 1.57
C THR A 31 14.55 3.14 1.82
N PHE A 32 14.05 2.19 2.60
CA PHE A 32 12.63 2.13 2.92
C PHE A 32 12.43 2.13 4.43
N ASN A 33 11.57 3.03 4.91
CA ASN A 33 11.29 3.13 6.34
C ASN A 33 9.95 2.48 6.68
N GLY A 34 9.01 2.54 5.75
CA GLY A 34 7.69 1.97 5.97
C GLY A 34 6.59 2.88 5.46
N ILE A 35 5.34 2.53 5.72
CA ILE A 35 4.22 3.35 5.27
C ILE A 35 3.35 3.75 6.45
N SER A 36 3.51 4.98 6.87
CA SER A 36 2.76 5.52 8.00
C SER A 36 1.27 5.46 7.74
N GLU A 37 0.86 5.86 6.55
CA GLU A 37 -0.51 5.83 6.17
C GLU A 37 -1.11 4.48 6.55
N LEU A 38 -0.24 3.46 6.58
CA LEU A 38 -0.63 2.12 6.95
C LEU A 38 0.43 1.50 7.85
N GLN A 39 0.34 1.81 9.14
CA GLN A 39 1.28 1.35 10.15
C GLN A 39 1.84 0.01 9.80
N SER A 40 2.92 0.10 9.07
CA SER A 40 3.72 -1.03 8.57
C SER A 40 3.23 -2.37 9.06
N SER A 41 2.87 -2.44 10.33
CA SER A 41 2.37 -3.68 10.91
C SER A 41 1.25 -4.26 10.06
N GLN A 42 0.60 -3.41 9.26
CA GLN A 42 -0.48 -3.83 8.39
C GLN A 42 0.05 -4.69 7.25
N TYR A 43 1.30 -4.49 6.92
CA TYR A 43 1.97 -5.27 5.87
C TYR A 43 3.19 -5.99 6.43
N THR A 44 3.97 -6.54 5.53
CA THR A 44 5.18 -7.26 5.89
C THR A 44 6.29 -6.91 4.91
N LYS A 45 7.07 -5.91 5.30
CA LYS A 45 8.16 -5.43 4.47
C LYS A 45 9.28 -6.46 4.37
N GLY A 46 10.21 -6.18 3.46
CA GLY A 46 11.33 -7.06 3.25
C GLY A 46 12.43 -6.38 2.45
N THR A 47 13.22 -5.55 3.14
CA THR A 47 14.32 -4.81 2.53
C THR A 47 14.27 -4.84 1.01
N ASN A 48 13.89 -3.70 0.41
CA ASN A 48 13.80 -3.59 -1.04
C ASN A 48 12.44 -4.07 -1.56
N GLU A 49 11.69 -4.73 -0.70
CA GLU A 49 10.38 -5.25 -1.07
C GLU A 49 9.42 -5.20 0.11
N VAL A 50 8.13 -5.37 -0.16
CA VAL A 50 7.11 -5.36 0.87
C VAL A 50 5.82 -5.99 0.39
N THR A 51 5.16 -6.71 1.29
CA THR A 51 3.90 -7.37 0.96
C THR A 51 2.82 -6.99 1.95
N LEU A 52 1.68 -6.53 1.41
CA LEU A 52 0.56 -6.15 2.27
C LEU A 52 -0.30 -7.36 2.57
N LEU A 53 -0.90 -7.37 3.76
CA LEU A 53 -1.73 -8.49 4.15
C LEU A 53 -3.22 -8.12 4.13
N ALA A 54 -3.97 -8.90 3.38
CA ALA A 54 -5.41 -8.71 3.25
C ALA A 54 -6.10 -8.50 4.60
N SER A 55 -5.36 -8.71 5.68
CA SER A 55 -5.93 -8.53 7.02
C SER A 55 -6.20 -7.07 7.32
N TYR A 56 -5.24 -6.21 6.97
CA TYR A 56 -5.39 -4.78 7.21
C TYR A 56 -6.20 -4.17 6.09
N LEU A 57 -5.79 -4.48 4.86
CA LEU A 57 -6.48 -3.97 3.69
C LEU A 57 -7.96 -4.33 3.79
N ASN A 58 -8.24 -5.53 4.27
CA ASN A 58 -9.61 -5.96 4.44
C ASN A 58 -10.31 -5.11 5.50
N THR A 59 -9.52 -4.67 6.48
CA THR A 59 -10.04 -3.84 7.56
C THR A 59 -10.34 -2.43 7.08
N LEU A 60 -9.63 -2.00 6.05
CA LEU A 60 -9.82 -0.66 5.49
C LEU A 60 -11.28 -0.22 5.57
N PRO A 61 -11.53 0.96 6.15
CA PRO A 61 -12.90 1.50 6.31
C PRO A 61 -13.68 1.54 4.99
N GLU A 62 -14.87 2.13 5.06
CA GLU A 62 -15.73 2.25 3.89
C GLU A 62 -15.02 2.90 2.73
N ASN A 63 -15.81 3.28 1.73
CA ASN A 63 -15.31 3.88 0.52
C ASN A 63 -14.15 4.84 0.80
N THR A 64 -13.00 4.28 1.15
CA THR A 64 -11.81 5.06 1.43
C THR A 64 -10.74 4.82 0.38
N THR A 65 -9.69 5.63 0.41
CA THR A 65 -8.61 5.50 -0.55
C THR A 65 -7.26 5.38 0.13
N LYS A 66 -7.01 4.21 0.70
CA LYS A 66 -5.74 3.94 1.37
C LYS A 66 -4.59 4.48 0.55
N THR A 67 -3.43 4.63 1.19
CA THR A 67 -2.26 5.15 0.51
C THR A 67 -1.00 4.44 0.98
N LEU A 68 -0.40 3.67 0.09
CA LEU A 68 0.82 2.95 0.38
C LEU A 68 2.04 3.82 0.09
N THR A 69 2.28 4.80 0.95
CA THR A 69 3.41 5.70 0.77
C THR A 69 4.64 5.23 1.54
N PHE A 70 5.51 4.49 0.86
CA PHE A 70 6.73 4.01 1.46
C PHE A 70 7.69 5.16 1.68
N ASP A 71 7.92 5.52 2.94
CA ASP A 71 8.83 6.61 3.24
C ASP A 71 10.26 6.22 2.89
N PHE A 72 10.66 6.60 1.69
CA PHE A 72 11.99 6.31 1.17
C PHE A 72 12.94 7.48 1.41
N GLY A 73 12.57 8.36 2.35
CA GLY A 73 13.39 9.51 2.63
C GLY A 73 13.31 10.56 1.54
N VAL A 74 12.59 10.23 0.48
CA VAL A 74 12.42 11.14 -0.65
C VAL A 74 10.94 11.35 -0.94
N GLY A 75 10.16 11.59 0.11
CA GLY A 75 8.73 11.80 -0.03
C GLY A 75 8.35 12.50 -1.32
N THR A 76 9.22 13.38 -1.80
CA THR A 76 8.97 14.12 -3.04
C THR A 76 8.49 13.17 -4.12
N LYS A 77 9.36 12.26 -4.54
CA LYS A 77 9.03 11.29 -5.57
C LYS A 77 8.78 9.92 -4.94
N ASN A 78 8.40 9.93 -3.67
CA ASN A 78 8.13 8.71 -2.93
C ASN A 78 7.14 7.81 -3.68
N PRO A 79 7.37 6.49 -3.64
CA PRO A 79 6.50 5.52 -4.30
C PRO A 79 5.25 5.23 -3.49
N LYS A 80 4.19 5.98 -3.78
CA LYS A 80 2.93 5.80 -3.07
C LYS A 80 1.99 4.89 -3.84
N LEU A 81 1.18 4.13 -3.11
CA LEU A 81 0.23 3.21 -3.72
C LEU A 81 -1.17 3.39 -3.14
N THR A 82 -1.94 4.29 -3.74
CA THR A 82 -3.29 4.58 -3.27
C THR A 82 -4.24 3.42 -3.54
N ILE A 83 -4.84 2.90 -2.47
CA ILE A 83 -5.79 1.80 -2.57
C ILE A 83 -7.21 2.29 -2.33
N THR A 84 -8.05 2.20 -3.34
CA THR A 84 -9.43 2.63 -3.23
C THR A 84 -10.29 1.53 -2.62
N VAL A 85 -10.49 1.59 -1.30
CA VAL A 85 -11.28 0.59 -0.61
C VAL A 85 -12.76 0.90 -0.74
N LEU A 86 -13.47 0.01 -1.43
CA LEU A 86 -14.90 0.16 -1.63
C LEU A 86 -15.68 -0.40 -0.45
N PRO A 87 -16.91 0.10 -0.23
CA PRO A 87 -17.76 -0.35 0.87
C PRO A 87 -18.28 -1.77 0.65
N LYS A 88 -18.11 -2.61 1.68
CA LYS A 88 -18.56 -4.00 1.60
C LYS A 88 -19.93 -4.10 0.95
N ASP A 89 -20.11 -5.12 0.10
CA ASP A 89 -21.38 -5.32 -0.58
C ASP A 89 -21.53 -6.78 -1.02
N ILE A 90 -22.78 -7.23 -1.15
CA ILE A 90 -23.05 -8.59 -1.57
C ILE A 90 -23.64 -8.63 -2.98
N PRO A 91 -23.65 -9.81 -3.61
CA PRO A 91 -24.20 -9.98 -4.96
C PRO A 91 -25.71 -9.84 -4.99
N GLY A 92 -26.26 -9.54 -6.17
CA GLY A 92 -27.69 -9.39 -6.31
C GLY A 92 -28.09 -7.98 -6.67
N LEU A 93 -27.24 -7.29 -7.42
CA LEU A 93 -27.51 -5.93 -7.84
C LEU A 93 -27.25 -5.74 -9.33
N GLU A 94 -27.00 -4.50 -9.74
CA GLU A 94 -26.74 -4.20 -11.14
C GLU A 94 -25.53 -4.98 -11.64
N MET A 1 16.93 13.64 -1.90
CA MET A 1 17.67 13.49 -3.19
C MET A 1 17.82 12.01 -3.56
N GLN A 2 16.70 11.30 -3.60
CA GLN A 2 16.71 9.88 -3.94
C GLN A 2 15.59 9.54 -4.91
N ASP A 3 15.86 8.59 -5.80
CA ASP A 3 14.87 8.18 -6.80
C ASP A 3 14.42 6.74 -6.56
N PRO A 4 13.61 6.51 -5.51
CA PRO A 4 13.10 5.17 -5.18
C PRO A 4 11.97 4.75 -6.12
N THR A 5 11.89 3.46 -6.41
CA THR A 5 10.84 2.96 -7.30
C THR A 5 10.02 1.86 -6.65
N ILE A 6 8.89 1.53 -7.28
CA ILE A 6 7.99 0.49 -6.78
C ILE A 6 7.11 -0.06 -7.89
N ASN A 7 6.66 -1.29 -7.74
CA ASN A 7 5.82 -1.92 -8.77
C ASN A 7 4.67 -1.05 -9.17
N PRO A 8 3.60 -0.99 -8.42
CA PRO A 8 2.47 -0.21 -8.81
C PRO A 8 2.34 1.09 -8.04
N THR A 9 1.27 1.82 -8.31
CA THR A 9 1.02 3.08 -7.63
C THR A 9 -0.47 3.37 -7.50
N SER A 10 -1.32 2.40 -7.85
CA SER A 10 -2.76 2.61 -7.75
C SER A 10 -3.54 1.31 -7.96
N ILE A 11 -4.66 1.20 -7.25
CA ILE A 11 -5.53 0.03 -7.35
C ILE A 11 -6.90 0.34 -6.71
N SER A 12 -7.94 -0.35 -7.18
CA SER A 12 -9.28 -0.13 -6.63
C SER A 12 -10.00 -1.44 -6.40
N ALA A 13 -10.63 -1.54 -5.23
CA ALA A 13 -11.36 -2.75 -4.87
C ALA A 13 -12.17 -2.53 -3.59
N LYS A 14 -13.13 -3.41 -3.36
CA LYS A 14 -13.95 -3.36 -2.15
C LYS A 14 -13.11 -3.73 -0.94
N ALA A 15 -13.47 -3.21 0.22
CA ALA A 15 -12.72 -3.52 1.43
C ALA A 15 -12.80 -5.00 1.74
N GLY A 16 -11.71 -5.68 1.43
CA GLY A 16 -11.63 -7.10 1.64
C GLY A 16 -11.17 -7.80 0.39
N SER A 17 -11.59 -7.28 -0.76
CA SER A 17 -11.20 -7.85 -2.02
C SER A 17 -9.72 -7.61 -2.27
N PHE A 18 -9.03 -7.14 -1.24
CA PHE A 18 -7.63 -6.87 -1.32
C PHE A 18 -6.84 -8.05 -0.79
N ALA A 19 -6.65 -9.04 -1.64
CA ALA A 19 -5.92 -10.24 -1.25
C ALA A 19 -4.44 -9.92 -1.05
N ASP A 20 -3.85 -10.51 0.01
CA ASP A 20 -2.44 -10.30 0.32
C ASP A 20 -1.62 -10.15 -0.95
N THR A 21 -0.65 -9.25 -0.94
CA THR A 21 0.17 -9.03 -2.12
C THR A 21 1.56 -8.55 -1.73
N LYS A 22 2.47 -8.63 -2.67
CA LYS A 22 3.85 -8.22 -2.46
C LYS A 22 4.14 -6.92 -3.18
N ILE A 23 5.26 -6.34 -2.85
CA ILE A 23 5.68 -5.08 -3.44
C ILE A 23 7.20 -4.97 -3.47
N THR A 24 7.76 -4.89 -4.67
CA THR A 24 9.20 -4.77 -4.83
C THR A 24 9.61 -3.32 -4.84
N LEU A 25 10.10 -2.83 -3.71
CA LEU A 25 10.51 -1.46 -3.58
C LEU A 25 11.94 -1.26 -4.07
N THR A 26 12.08 -0.57 -5.19
CA THR A 26 13.40 -0.32 -5.77
C THR A 26 14.21 0.64 -4.92
N PRO A 27 15.27 0.12 -4.26
CA PRO A 27 16.15 0.90 -3.39
C PRO A 27 17.39 1.41 -4.11
N ASN A 28 17.40 1.15 -5.42
CA ASN A 28 18.47 1.49 -6.33
C ASN A 28 19.09 2.84 -5.97
N GLY A 29 19.72 2.82 -4.83
CA GLY A 29 20.38 4.00 -4.31
C GLY A 29 19.64 4.60 -3.13
N ASN A 30 18.34 4.32 -3.06
CA ASN A 30 17.49 4.81 -2.00
C ASN A 30 17.14 3.69 -1.03
N THR A 31 16.65 4.07 0.16
CA THR A 31 16.27 3.10 1.17
C THR A 31 14.84 3.35 1.64
N PHE A 32 14.22 2.31 2.18
CA PHE A 32 12.85 2.41 2.67
C PHE A 32 12.82 2.46 4.20
N ASN A 33 11.93 3.30 4.73
CA ASN A 33 11.80 3.45 6.18
C ASN A 33 10.55 2.73 6.68
N GLY A 34 9.45 2.88 5.94
CA GLY A 34 8.21 2.23 6.33
C GLY A 34 6.99 2.93 5.76
N ILE A 35 5.81 2.38 6.02
CA ILE A 35 4.59 2.94 5.53
C ILE A 35 3.73 3.50 6.65
N SER A 36 3.89 4.78 6.89
CA SER A 36 3.15 5.47 7.94
C SER A 36 1.67 5.50 7.62
N GLU A 37 1.34 5.56 6.34
CA GLU A 37 -0.05 5.56 5.94
C GLU A 37 -0.73 4.34 6.56
N LEU A 38 0.09 3.32 6.84
CA LEU A 38 -0.37 2.10 7.45
C LEU A 38 0.77 1.52 8.32
N GLN A 39 0.75 1.89 9.61
CA GLN A 39 1.76 1.48 10.57
C GLN A 39 2.32 0.11 10.22
N SER A 40 3.37 0.22 9.44
CA SER A 40 4.17 -0.90 8.92
C SER A 40 3.61 -2.26 9.26
N SER A 41 3.19 -2.42 10.50
CA SER A 41 2.63 -3.70 10.93
C SER A 41 1.61 -4.19 9.90
N GLN A 42 1.02 -3.25 9.18
CA GLN A 42 0.03 -3.54 8.17
C GLN A 42 0.58 -4.47 7.08
N TYR A 43 1.87 -4.33 6.82
CA TYR A 43 2.53 -5.15 5.80
C TYR A 43 3.76 -5.86 6.35
N THR A 44 4.50 -6.49 5.45
CA THR A 44 5.70 -7.22 5.80
C THR A 44 6.83 -6.86 4.85
N LYS A 45 7.55 -5.81 5.20
CA LYS A 45 8.67 -5.32 4.40
C LYS A 45 9.83 -6.30 4.42
N GLY A 46 10.78 -6.07 3.50
CA GLY A 46 11.95 -6.91 3.40
C GLY A 46 12.91 -6.40 2.35
N THR A 47 13.80 -5.49 2.75
CA THR A 47 14.79 -4.89 1.85
C THR A 47 14.35 -4.96 0.39
N ASN A 48 13.78 -3.86 -0.10
CA ASN A 48 13.31 -3.79 -1.49
C ASN A 48 12.03 -4.59 -1.69
N GLU A 49 11.56 -5.25 -0.63
CA GLU A 49 10.34 -6.04 -0.74
C GLU A 49 9.33 -5.64 0.33
N VAL A 50 8.07 -5.68 -0.02
CA VAL A 50 7.00 -5.33 0.91
C VAL A 50 5.71 -6.05 0.56
N THR A 51 5.25 -6.89 1.47
CA THR A 51 4.02 -7.64 1.25
C THR A 51 2.92 -7.20 2.20
N LEU A 52 1.79 -6.78 1.65
CA LEU A 52 0.68 -6.35 2.49
C LEU A 52 -0.27 -7.51 2.73
N LEU A 53 -0.89 -7.52 3.90
CA LEU A 53 -1.81 -8.60 4.26
C LEU A 53 -3.27 -8.18 4.09
N ALA A 54 -3.98 -8.94 3.26
CA ALA A 54 -5.39 -8.68 3.01
C ALA A 54 -6.18 -8.49 4.30
N SER A 55 -5.55 -8.75 5.44
CA SER A 55 -6.21 -8.62 6.72
C SER A 55 -6.44 -7.15 7.06
N TYR A 56 -5.43 -6.33 6.82
CA TYR A 56 -5.53 -4.91 7.10
C TYR A 56 -6.29 -4.21 5.99
N LEU A 57 -5.86 -4.45 4.76
CA LEU A 57 -6.53 -3.84 3.61
C LEU A 57 -7.99 -4.21 3.63
N ASN A 58 -8.28 -5.43 4.07
CA ASN A 58 -9.66 -5.89 4.14
C ASN A 58 -10.43 -5.10 5.20
N THR A 59 -9.71 -4.52 6.15
CA THR A 59 -10.34 -3.78 7.24
C THR A 59 -10.17 -2.26 7.09
N LEU A 60 -9.38 -1.81 6.13
CA LEU A 60 -9.18 -0.38 5.94
C LEU A 60 -10.52 0.35 5.99
N PRO A 61 -10.49 1.70 6.05
CA PRO A 61 -11.71 2.51 6.13
C PRO A 61 -12.67 2.26 4.96
N GLU A 62 -13.85 2.88 5.06
CA GLU A 62 -14.89 2.74 4.05
C GLU A 62 -14.48 3.42 2.76
N ASN A 63 -15.48 3.72 1.94
CA ASN A 63 -15.27 4.36 0.66
C ASN A 63 -14.15 5.38 0.71
N THR A 64 -12.92 4.89 0.78
CA THR A 64 -11.75 5.75 0.85
C THR A 64 -10.61 5.22 -0.02
N THR A 65 -9.53 5.97 -0.04
CA THR A 65 -8.36 5.59 -0.82
C THR A 65 -7.24 5.06 0.08
N LYS A 66 -7.23 3.75 0.28
CA LYS A 66 -6.20 3.12 1.10
C LYS A 66 -4.85 3.27 0.42
N THR A 67 -4.18 4.37 0.71
CA THR A 67 -2.88 4.66 0.10
C THR A 67 -1.73 4.15 0.95
N LEU A 68 -0.81 3.43 0.32
CA LEU A 68 0.35 2.91 0.99
C LEU A 68 1.58 3.68 0.56
N THR A 69 1.89 4.77 1.29
CA THR A 69 3.03 5.60 0.96
C THR A 69 4.31 5.09 1.61
N PHE A 70 5.18 4.51 0.79
CA PHE A 70 6.45 4.00 1.28
C PHE A 70 7.45 5.14 1.43
N ASP A 71 7.69 5.56 2.67
CA ASP A 71 8.62 6.65 2.90
C ASP A 71 10.06 6.23 2.62
N PHE A 72 10.55 6.59 1.45
CA PHE A 72 11.91 6.27 1.03
C PHE A 72 12.83 7.44 1.33
N GLY A 73 12.45 8.25 2.30
CA GLY A 73 13.25 9.40 2.67
C GLY A 73 13.03 10.59 1.75
N VAL A 74 12.41 10.34 0.60
CA VAL A 74 12.13 11.39 -0.36
C VAL A 74 10.75 11.99 -0.15
N GLY A 75 9.75 11.12 -0.02
CA GLY A 75 8.38 11.58 0.19
C GLY A 75 7.72 12.06 -1.08
N THR A 76 8.33 13.04 -1.71
CA THR A 76 7.82 13.61 -2.95
C THR A 76 7.58 12.53 -4.00
N LYS A 77 8.66 11.96 -4.52
CA LYS A 77 8.57 10.91 -5.52
C LYS A 77 8.53 9.54 -4.88
N ASN A 78 8.29 9.51 -3.56
CA ASN A 78 8.24 8.26 -2.83
C ASN A 78 7.21 7.31 -3.44
N PRO A 79 7.64 6.09 -3.81
CA PRO A 79 6.75 5.09 -4.40
C PRO A 79 5.55 4.80 -3.50
N LYS A 80 4.42 5.41 -3.83
CA LYS A 80 3.20 5.20 -3.05
C LYS A 80 2.14 4.50 -3.88
N LEU A 81 1.40 3.59 -3.22
CA LEU A 81 0.34 2.85 -3.87
C LEU A 81 -1.02 3.34 -3.41
N THR A 82 -1.72 4.07 -4.26
CA THR A 82 -3.03 4.61 -3.90
C THR A 82 -4.13 3.59 -4.17
N ILE A 83 -4.62 2.95 -3.11
CA ILE A 83 -5.71 1.98 -3.23
C ILE A 83 -7.04 2.63 -2.93
N THR A 84 -8.07 2.23 -3.66
CA THR A 84 -9.41 2.78 -3.46
C THR A 84 -10.35 1.75 -2.87
N VAL A 85 -10.57 1.82 -1.56
CA VAL A 85 -11.48 0.91 -0.90
C VAL A 85 -12.91 1.38 -1.07
N LEU A 86 -13.69 0.61 -1.82
CA LEU A 86 -15.08 0.96 -2.07
C LEU A 86 -16.00 0.35 -1.02
N PRO A 87 -17.20 0.92 -0.83
CA PRO A 87 -18.18 0.45 0.15
C PRO A 87 -18.42 -1.04 0.06
N LYS A 88 -18.04 -1.75 1.12
CA LYS A 88 -18.22 -3.20 1.18
C LYS A 88 -19.62 -3.59 0.71
N ASP A 89 -19.68 -4.27 -0.42
CA ASP A 89 -20.96 -4.71 -0.99
C ASP A 89 -21.07 -6.22 -0.96
N ILE A 90 -22.22 -6.74 -1.38
CA ILE A 90 -22.46 -8.18 -1.41
C ILE A 90 -23.32 -8.58 -2.60
N PRO A 91 -22.73 -8.55 -3.82
CA PRO A 91 -23.45 -8.90 -5.04
C PRO A 91 -23.77 -10.39 -5.12
N GLY A 92 -25.05 -10.71 -5.25
CA GLY A 92 -25.46 -12.10 -5.33
C GLY A 92 -25.34 -12.66 -6.74
N LEU A 93 -25.43 -11.78 -7.73
CA LEU A 93 -25.34 -12.19 -9.12
C LEU A 93 -26.48 -13.14 -9.50
N GLU A 94 -27.55 -12.59 -10.04
CA GLU A 94 -28.71 -13.38 -10.43
C GLU A 94 -29.16 -13.02 -11.84
N MET A 1 19.58 13.72 -4.29
CA MET A 1 18.33 13.12 -4.81
C MET A 1 18.46 11.61 -4.97
N GLN A 2 17.34 10.91 -4.83
CA GLN A 2 17.33 9.45 -4.96
C GLN A 2 16.48 9.01 -6.14
N ASP A 3 16.61 7.74 -6.52
CA ASP A 3 15.86 7.19 -7.64
C ASP A 3 15.39 5.78 -7.33
N PRO A 4 14.31 5.63 -6.54
CA PRO A 4 13.77 4.33 -6.17
C PRO A 4 12.76 3.83 -7.20
N THR A 5 12.54 2.52 -7.23
CA THR A 5 11.59 1.94 -8.18
C THR A 5 10.84 0.76 -7.58
N ILE A 6 9.56 0.95 -7.32
CA ILE A 6 8.74 -0.09 -6.73
C ILE A 6 7.43 -0.30 -7.49
N ASN A 7 6.55 -1.09 -6.91
CA ASN A 7 5.24 -1.37 -7.50
C ASN A 7 4.57 -0.08 -7.97
N PRO A 8 3.42 -0.22 -8.66
CA PRO A 8 2.68 0.93 -9.19
C PRO A 8 2.32 1.94 -8.11
N THR A 9 1.26 2.72 -8.36
CA THR A 9 0.84 3.74 -7.41
C THR A 9 -0.68 3.88 -7.34
N SER A 10 -1.40 3.13 -8.17
CA SER A 10 -2.85 3.21 -8.19
C SER A 10 -3.49 1.83 -8.11
N ILE A 11 -4.42 1.69 -7.18
CA ILE A 11 -5.15 0.44 -6.99
C ILE A 11 -6.49 0.69 -6.30
N SER A 12 -7.52 -0.03 -6.74
CA SER A 12 -8.85 0.13 -6.17
C SER A 12 -9.62 -1.18 -6.18
N ALA A 13 -10.31 -1.46 -5.07
CA ALA A 13 -11.10 -2.67 -4.94
C ALA A 13 -11.95 -2.61 -3.68
N LYS A 14 -12.86 -3.56 -3.55
CA LYS A 14 -13.72 -3.63 -2.38
C LYS A 14 -12.87 -4.04 -1.18
N ALA A 15 -13.04 -3.35 -0.06
CA ALA A 15 -12.25 -3.69 1.11
C ALA A 15 -12.43 -5.15 1.48
N GLY A 16 -11.44 -5.92 1.09
CA GLY A 16 -11.45 -7.35 1.32
C GLY A 16 -10.97 -8.08 0.09
N SER A 17 -11.37 -7.57 -1.07
CA SER A 17 -10.96 -8.15 -2.33
C SER A 17 -9.48 -7.90 -2.56
N PHE A 18 -8.82 -7.43 -1.51
CA PHE A 18 -7.40 -7.13 -1.59
C PHE A 18 -6.58 -8.28 -1.07
N ALA A 19 -6.37 -9.27 -1.91
CA ALA A 19 -5.58 -10.43 -1.53
C ALA A 19 -4.12 -10.03 -1.36
N ASP A 20 -3.37 -10.80 -0.57
CA ASP A 20 -1.96 -10.51 -0.32
C ASP A 20 -1.30 -9.92 -1.56
N THR A 21 -0.88 -8.66 -1.46
CA THR A 21 -0.25 -8.00 -2.60
C THR A 21 1.23 -7.75 -2.34
N LYS A 22 2.09 -8.58 -2.93
CA LYS A 22 3.51 -8.43 -2.76
C LYS A 22 4.02 -7.18 -3.46
N ILE A 23 5.20 -6.76 -3.08
CA ILE A 23 5.81 -5.57 -3.63
C ILE A 23 7.33 -5.64 -3.59
N THR A 24 7.97 -5.01 -4.57
CA THR A 24 9.43 -4.99 -4.65
C THR A 24 9.93 -3.54 -4.72
N LEU A 25 10.32 -2.99 -3.57
CA LEU A 25 10.81 -1.64 -3.49
C LEU A 25 12.28 -1.55 -3.87
N THR A 26 12.55 -1.11 -5.10
CA THR A 26 13.93 -0.98 -5.57
C THR A 26 14.62 0.16 -4.83
N PRO A 27 15.59 -0.18 -3.96
CA PRO A 27 16.34 0.77 -3.14
C PRO A 27 17.61 1.27 -3.81
N ASN A 28 17.81 0.82 -5.04
CA ASN A 28 18.96 1.12 -5.86
C ASN A 28 19.41 2.55 -5.66
N GLY A 29 19.89 2.78 -4.46
CA GLY A 29 20.35 4.09 -4.06
C GLY A 29 19.51 4.69 -2.96
N ASN A 30 18.25 4.30 -2.94
CA ASN A 30 17.30 4.78 -1.94
C ASN A 30 17.07 3.74 -0.86
N THR A 31 16.40 4.15 0.21
CA THR A 31 16.10 3.26 1.32
C THR A 31 14.63 3.35 1.70
N PHE A 32 14.16 2.39 2.48
CA PHE A 32 12.76 2.35 2.90
C PHE A 32 12.63 2.54 4.41
N ASN A 33 11.61 3.30 4.82
CA ASN A 33 11.38 3.56 6.23
C ASN A 33 10.06 2.93 6.68
N GLY A 34 9.05 2.97 5.81
CA GLY A 34 7.77 2.39 6.14
C GLY A 34 6.60 3.23 5.62
N ILE A 35 5.43 2.60 5.51
CA ILE A 35 4.24 3.29 5.03
C ILE A 35 3.42 3.78 6.22
N SER A 36 3.59 5.04 6.57
CA SER A 36 2.88 5.62 7.71
C SER A 36 1.36 5.57 7.53
N GLU A 37 0.90 5.78 6.32
CA GLU A 37 -0.50 5.74 6.04
C GLU A 37 -1.07 4.41 6.52
N LEU A 38 -0.19 3.41 6.57
CA LEU A 38 -0.57 2.09 7.02
C LEU A 38 0.53 1.47 7.87
N GLN A 39 0.57 1.87 9.13
CA GLN A 39 1.55 1.39 10.10
C GLN A 39 1.97 -0.02 9.79
N SER A 40 3.04 -0.06 9.05
CA SER A 40 3.72 -1.28 8.58
C SER A 40 2.95 -2.55 8.88
N SER A 41 2.42 -2.65 10.08
CA SER A 41 1.67 -3.82 10.49
C SER A 41 0.62 -4.16 9.44
N GLN A 42 0.20 -3.16 8.68
CA GLN A 42 -0.78 -3.33 7.64
C GLN A 42 -0.27 -4.26 6.54
N TYR A 43 1.03 -4.22 6.35
CA TYR A 43 1.70 -5.04 5.34
C TYR A 43 2.83 -5.85 5.94
N THR A 44 3.62 -6.44 5.06
CA THR A 44 4.75 -7.25 5.45
C THR A 44 6.00 -6.75 4.76
N LYS A 45 6.68 -5.83 5.41
CA LYS A 45 7.89 -5.22 4.88
C LYS A 45 9.02 -6.23 4.83
N GLY A 46 10.00 -5.95 3.96
CA GLY A 46 11.14 -6.81 3.82
C GLY A 46 12.27 -6.14 3.07
N THR A 47 13.02 -5.29 3.79
CA THR A 47 14.15 -4.55 3.22
C THR A 47 14.15 -4.58 1.69
N ASN A 48 13.68 -3.50 1.08
CA ASN A 48 13.61 -3.39 -0.38
C ASN A 48 12.34 -4.04 -0.93
N GLU A 49 11.56 -4.67 -0.05
CA GLU A 49 10.33 -5.33 -0.47
C GLU A 49 9.24 -5.16 0.58
N VAL A 50 8.00 -5.41 0.17
CA VAL A 50 6.85 -5.30 1.06
C VAL A 50 5.69 -6.15 0.55
N THR A 51 4.84 -6.59 1.45
CA THR A 51 3.70 -7.42 1.06
C THR A 51 2.43 -7.00 1.79
N LEU A 52 1.46 -6.53 1.03
CA LEU A 52 0.17 -6.12 1.58
C LEU A 52 -0.58 -7.34 2.06
N LEU A 53 -1.14 -7.27 3.26
CA LEU A 53 -1.87 -8.42 3.80
C LEU A 53 -3.37 -8.22 3.75
N ALA A 54 -4.02 -8.95 2.84
CA ALA A 54 -5.48 -8.87 2.68
C ALA A 54 -6.22 -8.74 4.01
N SER A 55 -5.56 -9.07 5.11
CA SER A 55 -6.19 -8.97 6.42
C SER A 55 -6.36 -7.51 6.81
N TYR A 56 -5.32 -6.73 6.60
CA TYR A 56 -5.33 -5.32 6.89
C TYR A 56 -6.27 -4.62 5.94
N LEU A 57 -5.93 -4.71 4.67
CA LEU A 57 -6.71 -4.11 3.61
C LEU A 57 -8.20 -4.43 3.76
N ASN A 58 -8.48 -5.70 4.05
CA ASN A 58 -9.86 -6.15 4.24
C ASN A 58 -10.48 -5.49 5.46
N THR A 59 -9.65 -5.01 6.38
CA THR A 59 -10.13 -4.38 7.60
C THR A 59 -10.17 -2.86 7.48
N LEU A 60 -9.43 -2.31 6.53
CA LEU A 60 -9.40 -0.86 6.34
C LEU A 60 -10.81 -0.29 6.28
N PRO A 61 -10.95 1.01 6.60
CA PRO A 61 -12.25 1.70 6.60
C PRO A 61 -13.06 1.44 5.33
N GLU A 62 -14.22 2.08 5.25
CA GLU A 62 -15.11 1.94 4.11
C GLU A 62 -14.53 2.58 2.87
N ASN A 63 -15.37 2.74 1.86
CA ASN A 63 -14.99 3.31 0.60
C ASN A 63 -14.01 4.47 0.76
N THR A 64 -12.79 4.15 1.16
CA THR A 64 -11.75 5.15 1.36
C THR A 64 -10.51 4.82 0.55
N THR A 65 -9.86 5.85 0.01
CA THR A 65 -8.67 5.64 -0.80
C THR A 65 -7.42 5.63 0.06
N LYS A 66 -7.26 4.54 0.77
CA LYS A 66 -6.11 4.33 1.62
C LYS A 66 -4.86 4.21 0.77
N THR A 67 -3.96 5.15 0.94
CA THR A 67 -2.72 5.16 0.16
C THR A 67 -1.59 4.48 0.90
N LEU A 68 -0.67 3.87 0.15
CA LEU A 68 0.47 3.18 0.72
C LEU A 68 1.76 3.82 0.22
N THR A 69 2.18 4.91 0.88
CA THR A 69 3.40 5.62 0.50
C THR A 69 4.59 5.12 1.29
N PHE A 70 5.57 4.60 0.58
CA PHE A 70 6.77 4.09 1.20
C PHE A 70 7.70 5.24 1.56
N ASP A 71 7.93 5.43 2.85
CA ASP A 71 8.81 6.50 3.30
C ASP A 71 10.24 6.19 2.90
N PHE A 72 10.54 6.56 1.66
CA PHE A 72 11.86 6.35 1.08
C PHE A 72 12.75 7.58 1.29
N GLY A 73 12.40 8.39 2.28
CA GLY A 73 13.17 9.59 2.57
C GLY A 73 13.22 10.56 1.39
N VAL A 74 12.42 10.29 0.37
CA VAL A 74 12.38 11.13 -0.80
C VAL A 74 11.14 12.04 -0.77
N GLY A 75 10.03 11.49 -0.29
CA GLY A 75 8.80 12.26 -0.22
C GLY A 75 8.28 12.68 -1.57
N THR A 76 8.92 13.69 -2.15
CA THR A 76 8.52 14.21 -3.44
C THR A 76 8.28 13.09 -4.45
N LYS A 77 9.35 12.36 -4.77
CA LYS A 77 9.28 11.27 -5.73
C LYS A 77 8.95 9.95 -5.03
N ASN A 78 8.52 10.04 -3.77
CA ASN A 78 8.18 8.85 -3.00
C ASN A 78 6.93 8.18 -3.54
N PRO A 79 7.06 6.94 -4.07
CA PRO A 79 5.94 6.20 -4.63
C PRO A 79 4.80 6.04 -3.62
N LYS A 80 3.79 6.90 -3.73
CA LYS A 80 2.64 6.85 -2.84
C LYS A 80 1.50 6.06 -3.48
N LEU A 81 1.30 4.83 -3.03
CA LEU A 81 0.24 4.00 -3.57
C LEU A 81 -1.12 4.50 -3.14
N THR A 82 -2.13 4.30 -3.98
CA THR A 82 -3.47 4.73 -3.65
C THR A 82 -4.44 3.55 -3.70
N ILE A 83 -4.69 2.96 -2.54
CA ILE A 83 -5.59 1.81 -2.45
C ILE A 83 -7.00 2.24 -2.02
N THR A 84 -7.97 1.97 -2.90
CA THR A 84 -9.36 2.31 -2.62
C THR A 84 -10.09 1.13 -2.00
N VAL A 85 -10.34 1.21 -0.70
CA VAL A 85 -11.03 0.13 0.01
C VAL A 85 -12.52 0.41 0.11
N LEU A 86 -13.30 -0.33 -0.67
CA LEU A 86 -14.75 -0.15 -0.68
C LEU A 86 -15.48 -1.46 -0.37
N PRO A 87 -15.63 -1.80 0.91
CA PRO A 87 -16.31 -3.02 1.33
C PRO A 87 -17.81 -2.92 1.17
N LYS A 88 -18.27 -1.69 1.25
CA LYS A 88 -19.67 -1.37 1.12
C LYS A 88 -20.28 -2.05 -0.09
N ASP A 89 -21.51 -2.53 0.06
CA ASP A 89 -22.21 -3.20 -1.02
C ASP A 89 -22.60 -2.21 -2.12
N ILE A 90 -23.47 -2.65 -3.02
CA ILE A 90 -23.92 -1.80 -4.12
C ILE A 90 -25.41 -1.97 -4.37
N PRO A 91 -26.13 -0.87 -4.61
CA PRO A 91 -27.58 -0.91 -4.86
C PRO A 91 -27.91 -1.52 -6.22
N GLY A 92 -28.87 -2.45 -6.22
CA GLY A 92 -29.26 -3.09 -7.45
C GLY A 92 -30.23 -4.25 -7.22
N LEU A 93 -30.09 -4.91 -6.08
CA LEU A 93 -30.95 -6.03 -5.73
C LEU A 93 -30.95 -6.28 -4.22
N GLU A 94 -31.85 -5.60 -3.52
CA GLU A 94 -31.96 -5.74 -2.07
C GLU A 94 -32.58 -7.09 -1.71
N MET A 1 16.66 13.86 -4.69
CA MET A 1 18.09 13.45 -4.70
C MET A 1 18.24 11.95 -4.90
N GLN A 2 17.20 11.20 -4.54
CA GLN A 2 17.21 9.75 -4.68
C GLN A 2 16.35 9.32 -5.86
N ASP A 3 16.54 8.08 -6.30
CA ASP A 3 15.77 7.54 -7.41
C ASP A 3 15.22 6.15 -7.09
N PRO A 4 14.24 6.09 -6.18
CA PRO A 4 13.63 4.82 -5.77
C PRO A 4 12.54 4.37 -6.75
N THR A 5 12.25 3.07 -6.76
CA THR A 5 11.23 2.55 -7.66
C THR A 5 10.25 1.64 -6.92
N ILE A 6 9.03 1.57 -7.42
CA ILE A 6 7.99 0.74 -6.81
C ILE A 6 7.03 0.21 -7.86
N ASN A 7 6.26 -0.80 -7.49
CA ASN A 7 5.29 -1.39 -8.39
C ASN A 7 4.38 -0.33 -8.98
N PRO A 8 3.11 -0.19 -8.59
CA PRO A 8 2.29 0.79 -9.19
C PRO A 8 2.07 2.01 -8.30
N THR A 9 1.03 2.78 -8.61
CA THR A 9 0.71 3.96 -7.82
C THR A 9 -0.79 4.14 -7.66
N SER A 10 -1.57 3.18 -8.16
CA SER A 10 -3.02 3.26 -8.06
C SER A 10 -3.68 1.89 -8.10
N ILE A 11 -4.63 1.67 -7.19
CA ILE A 11 -5.36 0.42 -7.10
C ILE A 11 -6.72 0.65 -6.46
N SER A 12 -7.72 -0.09 -6.90
CA SER A 12 -9.06 0.05 -6.35
C SER A 12 -9.77 -1.29 -6.25
N ALA A 13 -10.43 -1.51 -5.12
CA ALA A 13 -11.16 -2.72 -4.86
C ALA A 13 -11.98 -2.61 -3.58
N LYS A 14 -12.93 -3.51 -3.41
CA LYS A 14 -13.76 -3.51 -2.22
C LYS A 14 -12.93 -3.95 -1.02
N ALA A 15 -13.05 -3.23 0.09
CA ALA A 15 -12.27 -3.59 1.25
C ALA A 15 -12.45 -5.04 1.61
N GLY A 16 -11.45 -5.82 1.25
CA GLY A 16 -11.47 -7.24 1.48
C GLY A 16 -11.00 -7.98 0.26
N SER A 17 -11.38 -7.47 -0.91
CA SER A 17 -10.97 -8.07 -2.15
C SER A 17 -9.49 -7.86 -2.38
N PHE A 18 -8.82 -7.38 -1.34
CA PHE A 18 -7.41 -7.12 -1.40
C PHE A 18 -6.61 -8.27 -0.83
N ALA A 19 -6.47 -9.32 -1.62
CA ALA A 19 -5.73 -10.49 -1.19
C ALA A 19 -4.25 -10.15 -1.07
N ASP A 20 -3.51 -10.97 -0.33
CA ASP A 20 -2.08 -10.74 -0.13
C ASP A 20 -1.46 -10.16 -1.39
N THR A 21 -0.97 -8.93 -1.29
CA THR A 21 -0.38 -8.26 -2.45
C THR A 21 1.10 -7.97 -2.23
N LYS A 22 1.96 -8.68 -2.94
CA LYS A 22 3.39 -8.48 -2.81
C LYS A 22 3.79 -7.13 -3.37
N ILE A 23 5.03 -6.74 -3.09
CA ILE A 23 5.56 -5.47 -3.54
C ILE A 23 7.08 -5.51 -3.61
N THR A 24 7.65 -4.71 -4.51
CA THR A 24 9.09 -4.64 -4.69
C THR A 24 9.59 -3.20 -4.58
N LEU A 25 10.08 -2.85 -3.39
CA LEU A 25 10.58 -1.52 -3.15
C LEU A 25 12.02 -1.37 -3.64
N THR A 26 12.17 -0.79 -4.83
CA THR A 26 13.49 -0.60 -5.43
C THR A 26 14.28 0.45 -4.66
N PRO A 27 15.33 0.01 -3.94
CA PRO A 27 16.19 0.86 -3.12
C PRO A 27 17.44 1.31 -3.85
N ASN A 28 17.54 0.93 -5.12
CA ASN A 28 18.66 1.21 -6.00
C ASN A 28 19.21 2.60 -5.75
N GLY A 29 19.78 2.72 -4.58
CA GLY A 29 20.37 3.98 -4.14
C GLY A 29 19.59 4.63 -3.01
N ASN A 30 18.31 4.29 -2.92
CA ASN A 30 17.44 4.82 -1.89
C ASN A 30 17.19 3.79 -0.81
N THR A 31 16.58 4.23 0.28
CA THR A 31 16.27 3.36 1.40
C THR A 31 14.80 3.45 1.77
N PHE A 32 14.33 2.49 2.55
CA PHE A 32 12.94 2.44 2.99
C PHE A 32 12.82 2.54 4.50
N ASN A 33 11.82 3.27 4.98
CA ASN A 33 11.61 3.44 6.41
C ASN A 33 10.31 2.78 6.86
N GLY A 34 9.23 3.07 6.12
CA GLY A 34 7.94 2.50 6.47
C GLY A 34 6.78 3.35 5.95
N ILE A 35 5.61 2.74 5.84
CA ILE A 35 4.44 3.47 5.36
C ILE A 35 3.60 3.99 6.51
N SER A 36 3.77 5.26 6.82
CA SER A 36 3.01 5.88 7.88
C SER A 36 1.56 6.00 7.46
N GLU A 37 1.37 6.05 6.15
CA GLU A 37 0.04 6.10 5.58
C GLU A 37 -0.75 4.93 6.15
N LEU A 38 0.00 3.88 6.52
CA LEU A 38 -0.56 2.68 7.09
C LEU A 38 0.51 1.95 7.90
N GLN A 39 0.47 2.15 9.21
CA GLN A 39 1.42 1.56 10.15
C GLN A 39 1.91 0.22 9.64
N SER A 40 2.98 0.35 8.88
CA SER A 40 3.69 -0.75 8.23
C SER A 40 3.15 -2.12 8.58
N SER A 41 2.82 -2.32 9.84
CA SER A 41 2.29 -3.59 10.30
C SER A 41 1.17 -4.08 9.37
N GLN A 42 0.59 -3.16 8.61
CA GLN A 42 -0.49 -3.49 7.69
C GLN A 42 -0.02 -4.50 6.64
N TYR A 43 1.25 -4.39 6.31
CA TYR A 43 1.88 -5.24 5.31
C TYR A 43 3.03 -6.03 5.93
N THR A 44 3.78 -6.67 5.06
CA THR A 44 4.93 -7.45 5.45
C THR A 44 6.14 -6.99 4.67
N LYS A 45 6.80 -5.98 5.21
CA LYS A 45 7.98 -5.40 4.58
C LYS A 45 9.14 -6.38 4.61
N GLY A 46 10.13 -6.11 3.77
CA GLY A 46 11.30 -6.94 3.69
C GLY A 46 12.43 -6.25 2.96
N THR A 47 12.99 -5.23 3.61
CA THR A 47 14.09 -4.45 3.02
C THR A 47 14.11 -4.56 1.50
N ASN A 48 13.50 -3.59 0.83
CA ASN A 48 13.44 -3.57 -0.63
C ASN A 48 12.19 -4.31 -1.13
N GLU A 49 11.56 -5.06 -0.23
CA GLU A 49 10.36 -5.81 -0.57
C GLU A 49 9.24 -5.54 0.44
N VAL A 50 8.00 -5.80 0.04
CA VAL A 50 6.86 -5.59 0.91
C VAL A 50 5.67 -6.45 0.47
N THR A 51 4.87 -6.89 1.44
CA THR A 51 3.72 -7.73 1.13
C THR A 51 2.47 -7.31 1.90
N LEU A 52 1.47 -6.82 1.16
CA LEU A 52 0.21 -6.39 1.75
C LEU A 52 -0.55 -7.61 2.26
N LEU A 53 -1.08 -7.51 3.47
CA LEU A 53 -1.83 -8.62 4.02
C LEU A 53 -3.33 -8.37 3.99
N ALA A 54 -4.01 -9.06 3.07
CA ALA A 54 -5.45 -8.93 2.89
C ALA A 54 -6.21 -8.81 4.22
N SER A 55 -5.58 -9.18 5.31
CA SER A 55 -6.22 -9.10 6.62
C SER A 55 -6.40 -7.66 7.06
N TYR A 56 -5.34 -6.87 6.93
CA TYR A 56 -5.38 -5.47 7.30
C TYR A 56 -6.18 -4.69 6.28
N LEU A 57 -5.73 -4.78 5.04
CA LEU A 57 -6.40 -4.10 3.96
C LEU A 57 -7.89 -4.39 3.97
N ASN A 58 -8.24 -5.64 4.25
CA ASN A 58 -9.63 -6.02 4.32
C ASN A 58 -10.30 -5.31 5.49
N THR A 59 -9.50 -4.98 6.50
CA THR A 59 -9.99 -4.30 7.69
C THR A 59 -10.21 -2.82 7.42
N LEU A 60 -9.46 -2.27 6.48
CA LEU A 60 -9.58 -0.84 6.12
C LEU A 60 -11.03 -0.37 6.25
N PRO A 61 -11.22 0.90 6.66
CA PRO A 61 -12.55 1.49 6.83
C PRO A 61 -13.40 1.44 5.56
N GLU A 62 -14.62 1.94 5.66
CA GLU A 62 -15.54 1.98 4.53
C GLU A 62 -14.94 2.67 3.34
N ASN A 63 -15.78 2.99 2.37
CA ASN A 63 -15.38 3.63 1.14
C ASN A 63 -14.30 4.67 1.37
N THR A 64 -13.09 4.20 1.67
CA THR A 64 -11.96 5.07 1.92
C THR A 64 -10.91 4.94 0.83
N THR A 65 -10.00 5.92 0.78
CA THR A 65 -8.95 5.92 -0.23
C THR A 65 -7.59 5.70 0.41
N LYS A 66 -7.28 4.44 0.70
CA LYS A 66 -6.00 4.08 1.30
C LYS A 66 -4.87 4.37 0.33
N THR A 67 -3.67 4.56 0.86
CA THR A 67 -2.51 4.86 0.03
C THR A 67 -1.24 4.28 0.65
N LEU A 68 -0.50 3.53 -0.13
CA LEU A 68 0.74 2.90 0.34
C LEU A 68 1.96 3.74 -0.02
N THR A 69 2.35 4.65 0.87
CA THR A 69 3.49 5.50 0.63
C THR A 69 4.70 5.06 1.47
N PHE A 70 5.63 4.36 0.84
CA PHE A 70 6.83 3.90 1.53
C PHE A 70 7.74 5.08 1.86
N ASP A 71 8.03 5.26 3.13
CA ASP A 71 8.90 6.35 3.55
C ASP A 71 10.32 6.09 3.11
N PHE A 72 10.65 6.65 1.96
CA PHE A 72 11.97 6.49 1.37
C PHE A 72 12.82 7.73 1.60
N GLY A 73 12.47 8.51 2.64
CA GLY A 73 13.20 9.71 2.94
C GLY A 73 12.99 10.80 1.90
N VAL A 74 12.21 10.50 0.88
CA VAL A 74 11.92 11.46 -0.17
C VAL A 74 10.43 11.48 -0.50
N GLY A 75 9.61 11.46 0.55
CA GLY A 75 8.17 11.47 0.36
C GLY A 75 7.71 12.40 -0.74
N THR A 76 8.49 13.45 -0.97
CA THR A 76 8.18 14.44 -2.01
C THR A 76 7.62 13.77 -3.25
N LYS A 77 8.24 12.68 -3.66
CA LYS A 77 7.81 11.94 -4.83
C LYS A 77 8.12 10.46 -4.68
N ASN A 78 8.31 10.04 -3.43
CA ASN A 78 8.61 8.65 -3.13
C ASN A 78 7.54 7.71 -3.66
N PRO A 79 7.88 6.44 -3.89
CA PRO A 79 6.94 5.43 -4.40
C PRO A 79 5.72 5.28 -3.50
N LYS A 80 4.64 5.94 -3.86
CA LYS A 80 3.41 5.87 -3.09
C LYS A 80 2.22 5.55 -4.01
N LEU A 81 1.44 4.55 -3.63
CA LEU A 81 0.28 4.17 -4.42
C LEU A 81 -1.01 4.41 -3.66
N THR A 82 -2.11 4.53 -4.39
CA THR A 82 -3.40 4.79 -3.76
C THR A 82 -4.32 3.56 -3.80
N ILE A 83 -4.52 2.95 -2.64
CA ILE A 83 -5.40 1.80 -2.51
C ILE A 83 -6.81 2.25 -2.16
N THR A 84 -7.75 2.06 -3.08
CA THR A 84 -9.13 2.46 -2.85
C THR A 84 -9.96 1.34 -2.23
N VAL A 85 -10.45 1.58 -1.02
CA VAL A 85 -11.27 0.58 -0.32
C VAL A 85 -12.73 0.94 -0.44
N LEU A 86 -13.41 0.35 -1.42
CA LEU A 86 -14.83 0.61 -1.63
C LEU A 86 -15.66 0.20 -0.42
N PRO A 87 -16.92 0.66 -0.36
CA PRO A 87 -17.83 0.36 0.74
C PRO A 87 -18.44 -1.04 0.63
N LYS A 88 -18.50 -1.74 1.75
CA LYS A 88 -19.06 -3.08 1.79
C LYS A 88 -20.55 -3.05 1.46
N ASP A 89 -21.03 -4.08 0.77
CA ASP A 89 -22.42 -4.18 0.39
C ASP A 89 -23.30 -4.45 1.61
N ILE A 90 -23.83 -3.39 2.21
CA ILE A 90 -24.69 -3.52 3.38
C ILE A 90 -25.96 -2.68 3.23
N PRO A 91 -27.11 -3.24 3.61
CA PRO A 91 -28.40 -2.54 3.52
C PRO A 91 -28.51 -1.40 4.53
N GLY A 92 -28.64 -0.19 4.02
CA GLY A 92 -28.76 0.98 4.88
C GLY A 92 -27.81 2.09 4.49
N LEU A 93 -26.74 1.74 3.80
CA LEU A 93 -25.75 2.72 3.36
C LEU A 93 -25.16 2.33 2.00
N GLU A 94 -25.64 2.98 0.95
CA GLU A 94 -25.15 2.70 -0.39
C GLU A 94 -24.68 3.99 -1.08
N MET A 1 16.88 13.48 -1.63
CA MET A 1 15.78 13.20 -2.58
C MET A 1 16.16 12.12 -3.58
N GLN A 2 16.10 10.86 -3.15
CA GLN A 2 16.44 9.74 -4.01
C GLN A 2 15.32 9.43 -4.98
N ASP A 3 15.56 8.46 -5.86
CA ASP A 3 14.56 8.06 -6.84
C ASP A 3 14.34 6.55 -6.83
N PRO A 4 13.48 6.07 -5.91
CA PRO A 4 13.17 4.63 -5.79
C PRO A 4 12.30 4.13 -6.93
N THR A 5 12.41 2.85 -7.25
CA THR A 5 11.63 2.27 -8.33
C THR A 5 10.83 1.07 -7.84
N ILE A 6 9.77 1.34 -7.09
CA ILE A 6 8.94 0.28 -6.56
C ILE A 6 7.64 0.12 -7.35
N ASN A 7 6.73 -0.66 -6.80
CA ASN A 7 5.44 -0.92 -7.41
C ASN A 7 4.78 0.37 -7.90
N PRO A 8 3.56 0.26 -8.44
CA PRO A 8 2.82 1.40 -8.96
C PRO A 8 2.35 2.33 -7.86
N THR A 9 1.25 3.04 -8.12
CA THR A 9 0.72 3.98 -7.14
C THR A 9 -0.81 3.99 -7.12
N SER A 10 -1.44 3.21 -8.00
CA SER A 10 -2.89 3.18 -8.05
C SER A 10 -3.45 1.76 -8.18
N ILE A 11 -4.27 1.37 -7.21
CA ILE A 11 -4.89 0.06 -7.20
C ILE A 11 -6.13 0.07 -6.31
N SER A 12 -7.23 -0.49 -6.80
CA SER A 12 -8.46 -0.53 -6.01
C SER A 12 -8.95 -1.95 -5.83
N ALA A 13 -9.82 -2.08 -4.85
CA ALA A 13 -10.43 -3.35 -4.52
C ALA A 13 -11.52 -3.15 -3.47
N LYS A 14 -12.54 -3.99 -3.49
CA LYS A 14 -13.60 -3.89 -2.50
C LYS A 14 -13.04 -4.37 -1.16
N ALA A 15 -13.24 -3.59 -0.10
CA ALA A 15 -12.69 -3.98 1.19
C ALA A 15 -13.08 -5.40 1.51
N GLY A 16 -12.11 -6.28 1.36
CA GLY A 16 -12.29 -7.68 1.59
C GLY A 16 -11.70 -8.48 0.46
N SER A 17 -11.92 -7.98 -0.76
CA SER A 17 -11.37 -8.61 -1.93
C SER A 17 -9.90 -8.25 -2.05
N PHE A 18 -9.34 -7.84 -0.94
CA PHE A 18 -7.96 -7.43 -0.88
C PHE A 18 -7.05 -8.54 -0.39
N ALA A 19 -6.83 -9.52 -1.23
CA ALA A 19 -5.97 -10.63 -0.87
C ALA A 19 -4.52 -10.16 -0.77
N ASP A 20 -3.72 -10.83 0.07
CA ASP A 20 -2.32 -10.45 0.25
C ASP A 20 -1.71 -9.96 -1.06
N THR A 21 -1.15 -8.76 -1.06
CA THR A 21 -0.57 -8.20 -2.27
C THR A 21 0.91 -7.88 -2.11
N LYS A 22 1.77 -8.67 -2.73
CA LYS A 22 3.19 -8.45 -2.65
C LYS A 22 3.59 -7.19 -3.39
N ILE A 23 4.72 -6.65 -3.02
CA ILE A 23 5.22 -5.43 -3.61
C ILE A 23 6.75 -5.44 -3.72
N THR A 24 7.26 -4.76 -4.75
CA THR A 24 8.70 -4.69 -4.96
C THR A 24 9.22 -3.26 -4.78
N LEU A 25 10.11 -3.07 -3.82
CA LEU A 25 10.67 -1.77 -3.53
C LEU A 25 12.12 -1.68 -4.02
N THR A 26 12.30 -1.22 -5.26
CA THR A 26 13.64 -1.08 -5.83
C THR A 26 14.41 0.04 -5.13
N PRO A 27 15.44 -0.32 -4.35
CA PRO A 27 16.29 0.62 -3.60
C PRO A 27 17.54 1.01 -4.35
N ASN A 28 17.65 0.50 -5.58
CA ASN A 28 18.78 0.70 -6.47
C ASN A 28 19.32 2.11 -6.35
N GLY A 29 19.88 2.34 -5.19
CA GLY A 29 20.47 3.62 -4.86
C GLY A 29 19.70 4.34 -3.77
N ASN A 30 18.41 4.04 -3.68
CA ASN A 30 17.53 4.64 -2.70
C ASN A 30 17.23 3.64 -1.57
N THR A 31 16.69 4.15 -0.47
CA THR A 31 16.34 3.31 0.66
C THR A 31 14.91 3.53 1.10
N PHE A 32 14.35 2.54 1.79
CA PHE A 32 12.97 2.62 2.27
C PHE A 32 12.89 2.38 3.77
N ASN A 33 11.86 2.92 4.41
CA ASN A 33 11.67 2.76 5.85
C ASN A 33 10.36 2.04 6.15
N GLY A 34 9.25 2.68 5.83
CA GLY A 34 7.95 2.08 6.08
C GLY A 34 6.80 2.99 5.64
N ILE A 35 5.58 2.43 5.59
CA ILE A 35 4.42 3.21 5.21
C ILE A 35 3.61 3.58 6.42
N SER A 36 3.81 4.80 6.88
CA SER A 36 3.08 5.31 8.05
C SER A 36 1.61 5.42 7.74
N GLU A 37 1.28 5.62 6.47
CA GLU A 37 -0.10 5.70 6.07
C GLU A 37 -0.82 4.46 6.58
N LEU A 38 -0.04 3.39 6.74
CA LEU A 38 -0.54 2.13 7.26
C LEU A 38 0.54 1.47 8.11
N GLN A 39 0.49 1.74 9.41
CA GLN A 39 1.44 1.24 10.38
C GLN A 39 1.96 -0.12 9.97
N SER A 40 3.05 -0.02 9.24
CA SER A 40 3.82 -1.13 8.68
C SER A 40 3.23 -2.50 9.03
N SER A 41 2.83 -2.66 10.27
CA SER A 41 2.24 -3.91 10.71
C SER A 41 1.14 -4.35 9.74
N GLN A 42 0.57 -3.38 9.03
CA GLN A 42 -0.47 -3.64 8.06
C GLN A 42 0.01 -4.59 6.96
N TYR A 43 1.30 -4.47 6.66
CA TYR A 43 1.92 -5.28 5.62
C TYR A 43 3.09 -6.08 6.17
N THR A 44 3.87 -6.63 5.26
CA THR A 44 5.03 -7.42 5.59
C THR A 44 6.22 -6.93 4.78
N LYS A 45 6.93 -5.97 5.35
CA LYS A 45 8.09 -5.38 4.68
C LYS A 45 9.24 -6.36 4.59
N GLY A 46 10.13 -6.08 3.66
CA GLY A 46 11.28 -6.91 3.44
C GLY A 46 12.37 -6.15 2.71
N THR A 47 13.00 -5.21 3.43
CA THR A 47 14.08 -4.38 2.87
C THR A 47 14.18 -4.53 1.36
N ASN A 48 13.67 -3.53 0.64
CA ASN A 48 13.68 -3.53 -0.82
C ASN A 48 12.36 -4.09 -1.36
N GLU A 49 11.59 -4.70 -0.48
CA GLU A 49 10.30 -5.27 -0.87
C GLU A 49 9.32 -5.24 0.30
N VAL A 50 8.05 -5.51 -0.01
CA VAL A 50 7.00 -5.53 1.01
C VAL A 50 5.81 -6.34 0.54
N THR A 51 4.97 -6.72 1.49
CA THR A 51 3.79 -7.51 1.16
C THR A 51 2.55 -7.02 1.93
N LEU A 52 1.55 -6.57 1.17
CA LEU A 52 0.31 -6.08 1.74
C LEU A 52 -0.47 -7.25 2.34
N LEU A 53 -0.96 -7.07 3.56
CA LEU A 53 -1.70 -8.14 4.21
C LEU A 53 -3.21 -7.91 4.14
N ALA A 54 -3.87 -8.79 3.41
CA ALA A 54 -5.32 -8.72 3.24
C ALA A 54 -6.04 -8.42 4.55
N SER A 55 -5.34 -8.54 5.67
CA SER A 55 -5.95 -8.28 6.97
C SER A 55 -6.21 -6.80 7.16
N TYR A 56 -5.20 -6.00 6.85
CA TYR A 56 -5.30 -4.56 6.95
C TYR A 56 -6.26 -4.02 5.92
N LEU A 57 -5.92 -4.27 4.68
CA LEU A 57 -6.73 -3.81 3.55
C LEU A 57 -8.17 -4.27 3.71
N ASN A 58 -8.35 -5.49 4.19
CA ASN A 58 -9.69 -6.02 4.38
C ASN A 58 -10.43 -5.25 5.47
N THR A 59 -9.67 -4.68 6.41
CA THR A 59 -10.23 -3.92 7.51
C THR A 59 -10.38 -2.44 7.16
N LEU A 60 -9.65 -2.00 6.14
CA LEU A 60 -9.71 -0.61 5.73
C LEU A 60 -11.15 -0.09 5.72
N PRO A 61 -11.35 1.19 6.08
CA PRO A 61 -12.68 1.80 6.13
C PRO A 61 -13.48 1.59 4.85
N GLU A 62 -14.72 2.08 4.87
CA GLU A 62 -15.63 1.97 3.72
C GLU A 62 -15.03 2.59 2.48
N ASN A 63 -15.88 2.78 1.47
CA ASN A 63 -15.48 3.33 0.21
C ASN A 63 -14.46 4.46 0.38
N THR A 64 -13.25 4.09 0.74
CA THR A 64 -12.18 5.07 0.94
C THR A 64 -11.01 4.79 0.01
N THR A 65 -10.12 5.76 -0.11
CA THR A 65 -8.95 5.62 -0.98
C THR A 65 -7.66 5.86 -0.20
N LYS A 66 -7.24 4.86 0.56
CA LYS A 66 -6.02 4.95 1.33
C LYS A 66 -4.82 5.03 0.42
N THR A 67 -3.67 5.17 1.01
CA THR A 67 -2.44 5.28 0.25
C THR A 67 -1.26 4.65 0.98
N LEU A 68 -0.43 3.93 0.25
CA LEU A 68 0.75 3.28 0.82
C LEU A 68 1.98 4.16 0.61
N THR A 69 2.08 5.24 1.38
CA THR A 69 3.21 6.15 1.26
C THR A 69 4.49 5.51 1.80
N PHE A 70 5.30 4.98 0.88
CA PHE A 70 6.55 4.34 1.26
C PHE A 70 7.60 5.38 1.62
N ASP A 71 7.97 5.44 2.89
CA ASP A 71 8.97 6.40 3.33
C ASP A 71 10.34 6.01 2.80
N PHE A 72 10.68 6.62 1.68
CA PHE A 72 11.96 6.38 1.02
C PHE A 72 12.93 7.52 1.31
N GLY A 73 12.71 8.23 2.41
CA GLY A 73 13.56 9.34 2.76
C GLY A 73 13.70 10.34 1.63
N VAL A 74 12.80 10.26 0.66
CA VAL A 74 12.84 11.15 -0.49
C VAL A 74 11.68 12.14 -0.44
N GLY A 75 10.56 11.70 0.11
CA GLY A 75 9.40 12.56 0.20
C GLY A 75 8.85 12.96 -1.16
N THR A 76 9.55 13.89 -1.79
CA THR A 76 9.15 14.37 -3.11
C THR A 76 8.86 13.22 -4.07
N LYS A 77 9.87 12.42 -4.35
CA LYS A 77 9.73 11.28 -5.25
C LYS A 77 9.24 10.04 -4.51
N ASN A 78 8.82 10.24 -3.26
CA ASN A 78 8.33 9.15 -2.44
C ASN A 78 7.13 8.46 -3.09
N PRO A 79 7.32 7.24 -3.62
CA PRO A 79 6.25 6.50 -4.28
C PRO A 79 5.17 6.06 -3.29
N LYS A 80 4.09 6.82 -3.24
CA LYS A 80 2.98 6.51 -2.34
C LYS A 80 1.87 5.80 -3.11
N LEU A 81 1.60 4.55 -2.74
CA LEU A 81 0.58 3.76 -3.39
C LEU A 81 -0.81 4.30 -3.05
N THR A 82 -1.78 4.01 -3.91
CA THR A 82 -3.14 4.46 -3.67
C THR A 82 -4.09 3.28 -3.60
N ILE A 83 -4.43 2.87 -2.38
CA ILE A 83 -5.32 1.74 -2.16
C ILE A 83 -6.77 2.21 -1.99
N THR A 84 -7.60 1.89 -2.98
CA THR A 84 -9.01 2.28 -2.94
C THR A 84 -9.88 1.13 -2.46
N VAL A 85 -10.37 1.26 -1.23
CA VAL A 85 -11.22 0.25 -0.65
C VAL A 85 -12.69 0.56 -0.88
N LEU A 86 -13.28 -0.14 -1.84
CA LEU A 86 -14.68 0.05 -2.20
C LEU A 86 -15.59 -0.50 -1.10
N PRO A 87 -16.89 -0.19 -1.17
CA PRO A 87 -17.87 -0.66 -0.17
C PRO A 87 -18.18 -2.14 -0.33
N LYS A 88 -18.13 -2.87 0.77
CA LYS A 88 -18.41 -4.31 0.75
C LYS A 88 -19.71 -4.60 0.00
N ASP A 89 -19.89 -5.86 -0.35
CA ASP A 89 -21.08 -6.29 -1.06
C ASP A 89 -22.31 -6.23 -0.16
N ILE A 90 -23.48 -6.24 -0.77
CA ILE A 90 -24.74 -6.17 -0.04
C ILE A 90 -25.85 -6.94 -0.76
N PRO A 91 -25.71 -8.27 -0.85
CA PRO A 91 -26.70 -9.12 -1.52
C PRO A 91 -28.02 -9.20 -0.75
N GLY A 92 -29.05 -9.74 -1.40
CA GLY A 92 -30.34 -9.86 -0.76
C GLY A 92 -31.43 -9.08 -1.48
N LEU A 93 -31.27 -8.95 -2.79
CA LEU A 93 -32.25 -8.22 -3.60
C LEU A 93 -32.69 -9.05 -4.80
N GLU A 94 -32.72 -10.37 -4.62
CA GLU A 94 -33.13 -11.28 -5.69
C GLU A 94 -32.26 -11.09 -6.92
N MET A 1 17.06 13.20 -4.80
CA MET A 1 18.42 12.90 -5.32
C MET A 1 18.60 11.39 -5.54
N GLN A 2 17.82 10.60 -4.81
CA GLN A 2 17.89 9.15 -4.92
C GLN A 2 17.18 8.66 -6.17
N ASP A 3 17.19 7.34 -6.38
CA ASP A 3 16.54 6.75 -7.54
C ASP A 3 15.90 5.41 -7.17
N PRO A 4 14.78 5.45 -6.42
CA PRO A 4 14.06 4.26 -6.00
C PRO A 4 13.02 3.82 -7.02
N THR A 5 12.95 2.52 -7.29
CA THR A 5 11.98 2.01 -8.24
C THR A 5 10.77 1.42 -7.51
N ILE A 6 9.58 1.76 -7.99
CA ILE A 6 8.35 1.27 -7.38
C ILE A 6 7.39 0.70 -8.42
N ASN A 7 6.68 -0.35 -8.06
CA ASN A 7 5.73 -0.99 -8.96
C ASN A 7 4.61 -0.05 -9.36
N PRO A 8 3.39 -0.15 -8.83
CA PRO A 8 2.36 0.74 -9.27
C PRO A 8 2.19 1.95 -8.37
N THR A 9 1.08 2.66 -8.54
CA THR A 9 0.81 3.84 -7.74
C THR A 9 -0.67 3.97 -7.39
N SER A 10 -1.50 3.07 -7.89
CA SER A 10 -2.93 3.16 -7.58
C SER A 10 -3.71 1.92 -8.04
N ILE A 11 -4.69 1.54 -7.24
CA ILE A 11 -5.57 0.41 -7.53
C ILE A 11 -6.88 0.56 -6.78
N SER A 12 -7.87 -0.29 -7.11
CA SER A 12 -9.17 -0.22 -6.45
C SER A 12 -9.73 -1.61 -6.19
N ALA A 13 -10.34 -1.79 -5.02
CA ALA A 13 -10.92 -3.08 -4.65
C ALA A 13 -11.75 -2.97 -3.38
N LYS A 14 -12.78 -3.80 -3.28
CA LYS A 14 -13.64 -3.81 -2.11
C LYS A 14 -12.88 -4.38 -0.92
N ALA A 15 -13.22 -3.96 0.30
CA ALA A 15 -12.53 -4.46 1.46
C ALA A 15 -12.74 -5.95 1.60
N GLY A 16 -11.68 -6.67 1.26
CA GLY A 16 -11.70 -8.10 1.28
C GLY A 16 -11.17 -8.64 -0.02
N SER A 17 -11.55 -8.00 -1.10
CA SER A 17 -11.08 -8.39 -2.41
C SER A 17 -9.60 -8.03 -2.54
N PHE A 18 -9.00 -7.68 -1.42
CA PHE A 18 -7.62 -7.30 -1.37
C PHE A 18 -6.76 -8.47 -0.92
N ALA A 19 -6.54 -9.39 -1.83
CA ALA A 19 -5.72 -10.56 -1.49
C ALA A 19 -4.28 -10.14 -1.29
N ASP A 20 -3.52 -10.93 -0.54
CA ASP A 20 -2.12 -10.62 -0.27
C ASP A 20 -1.47 -9.94 -1.46
N THR A 21 -1.16 -8.66 -1.29
CA THR A 21 -0.55 -7.89 -2.37
C THR A 21 0.86 -7.46 -2.02
N LYS A 22 1.83 -8.04 -2.71
CA LYS A 22 3.22 -7.72 -2.46
C LYS A 22 3.72 -6.67 -3.45
N ILE A 23 4.51 -5.75 -2.92
CA ILE A 23 5.06 -4.67 -3.72
C ILE A 23 6.59 -4.74 -3.72
N THR A 24 7.21 -4.17 -4.75
CA THR A 24 8.67 -4.18 -4.86
C THR A 24 9.22 -2.77 -4.87
N LEU A 25 9.96 -2.41 -3.83
CA LEU A 25 10.56 -1.10 -3.73
C LEU A 25 12.07 -1.20 -3.93
N THR A 26 12.52 -0.92 -5.15
CA THR A 26 13.94 -0.99 -5.46
C THR A 26 14.74 0.10 -4.77
N PRO A 27 15.59 -0.30 -3.80
CA PRO A 27 16.45 0.60 -3.02
C PRO A 27 17.84 0.67 -3.59
N ASN A 28 17.96 0.20 -4.81
CA ASN A 28 19.22 0.15 -5.52
C ASN A 28 20.09 1.36 -5.23
N GLY A 29 19.46 2.37 -4.68
CA GLY A 29 20.14 3.60 -4.32
C GLY A 29 19.36 4.41 -3.30
N ASN A 30 18.37 3.77 -2.69
CA ASN A 30 17.52 4.39 -1.72
C ASN A 30 17.22 3.46 -0.57
N THR A 31 16.58 4.00 0.46
CA THR A 31 16.23 3.22 1.64
C THR A 31 14.74 3.35 1.95
N PHE A 32 14.21 2.40 2.68
CA PHE A 32 12.79 2.40 3.04
C PHE A 32 12.61 2.52 4.55
N ASN A 33 11.73 3.42 4.96
CA ASN A 33 11.46 3.64 6.38
C ASN A 33 10.16 2.96 6.79
N GLY A 34 9.14 3.08 5.95
CA GLY A 34 7.86 2.48 6.24
C GLY A 34 6.70 3.32 5.74
N ILE A 35 5.51 2.74 5.68
CA ILE A 35 4.33 3.46 5.22
C ILE A 35 3.45 3.89 6.39
N SER A 36 3.65 5.12 6.83
CA SER A 36 2.85 5.67 7.93
C SER A 36 1.41 5.81 7.48
N GLU A 37 1.21 5.93 6.18
CA GLU A 37 -0.12 6.01 5.63
C GLU A 37 -0.94 4.87 6.23
N LEU A 38 -0.22 3.79 6.53
CA LEU A 38 -0.78 2.60 7.14
C LEU A 38 0.29 1.92 7.98
N GLN A 39 0.21 2.10 9.30
CA GLN A 39 1.15 1.54 10.25
C GLN A 39 1.71 0.24 9.75
N SER A 40 2.79 0.43 9.01
CA SER A 40 3.56 -0.62 8.36
C SER A 40 3.19 -2.03 8.81
N SER A 41 2.94 -2.19 10.10
CA SER A 41 2.57 -3.50 10.63
C SER A 41 1.44 -4.12 9.81
N GLN A 42 0.71 -3.28 9.09
CA GLN A 42 -0.40 -3.74 8.27
C GLN A 42 0.09 -4.61 7.12
N TYR A 43 1.30 -4.32 6.69
CA TYR A 43 1.93 -5.05 5.59
C TYR A 43 3.12 -5.86 6.08
N THR A 44 3.85 -6.40 5.11
CA THR A 44 5.03 -7.20 5.38
C THR A 44 6.16 -6.74 4.48
N LYS A 45 6.95 -5.84 5.02
CA LYS A 45 8.09 -5.26 4.31
C LYS A 45 9.18 -6.29 4.09
N GLY A 46 10.11 -5.97 3.19
CA GLY A 46 11.21 -6.85 2.88
C GLY A 46 12.43 -6.06 2.42
N THR A 47 12.98 -5.28 3.33
CA THR A 47 14.17 -4.44 3.06
C THR A 47 14.23 -3.99 1.61
N ASN A 48 13.06 -3.68 1.06
CA ASN A 48 12.94 -3.21 -0.31
C ASN A 48 11.56 -3.44 -0.85
N GLU A 49 10.92 -4.48 -0.34
CA GLU A 49 9.58 -4.83 -0.79
C GLU A 49 8.57 -4.68 0.34
N VAL A 50 7.31 -4.53 -0.03
CA VAL A 50 6.25 -4.41 0.96
C VAL A 50 4.96 -5.06 0.48
N THR A 51 4.47 -5.98 1.28
CA THR A 51 3.24 -6.70 0.92
C THR A 51 2.12 -6.46 1.93
N LEU A 52 0.97 -6.03 1.42
CA LEU A 52 -0.19 -5.79 2.26
C LEU A 52 -0.93 -7.09 2.50
N LEU A 53 -1.32 -7.34 3.75
CA LEU A 53 -2.02 -8.56 4.07
C LEU A 53 -3.53 -8.39 3.99
N ALA A 54 -4.13 -9.06 3.01
CA ALA A 54 -5.57 -9.03 2.77
C ALA A 54 -6.38 -8.91 4.06
N SER A 55 -5.80 -9.32 5.18
CA SER A 55 -6.51 -9.27 6.46
C SER A 55 -6.71 -7.84 6.95
N TYR A 56 -5.64 -7.05 6.90
CA TYR A 56 -5.71 -5.67 7.35
C TYR A 56 -6.47 -4.83 6.34
N LEU A 57 -5.98 -4.85 5.12
CA LEU A 57 -6.60 -4.09 4.06
C LEU A 57 -8.08 -4.40 3.98
N ASN A 58 -8.44 -5.66 4.18
CA ASN A 58 -9.84 -6.05 4.16
C ASN A 58 -10.59 -5.40 5.31
N THR A 59 -9.85 -5.06 6.36
CA THR A 59 -10.42 -4.45 7.55
C THR A 59 -10.56 -2.94 7.39
N LEU A 60 -9.71 -2.36 6.55
CA LEU A 60 -9.74 -0.91 6.31
C LEU A 60 -11.16 -0.36 6.33
N PRO A 61 -11.31 0.92 6.73
CA PRO A 61 -12.63 1.57 6.80
C PRO A 61 -13.37 1.54 5.47
N GLU A 62 -14.58 2.10 5.47
CA GLU A 62 -15.42 2.17 4.27
C GLU A 62 -14.67 2.74 3.09
N ASN A 63 -15.44 3.14 2.08
CA ASN A 63 -14.91 3.69 0.86
C ASN A 63 -13.70 4.59 1.12
N THR A 64 -12.58 3.97 1.46
CA THR A 64 -11.35 4.70 1.73
C THR A 64 -10.36 4.51 0.61
N THR A 65 -9.28 5.28 0.65
CA THR A 65 -8.25 5.20 -0.38
C THR A 65 -6.90 4.86 0.23
N LYS A 66 -6.76 3.63 0.67
CA LYS A 66 -5.54 3.16 1.26
C LYS A 66 -4.36 3.44 0.34
N THR A 67 -3.47 4.30 0.79
CA THR A 67 -2.30 4.65 0.00
C THR A 67 -1.02 4.18 0.67
N LEU A 68 -0.20 3.49 -0.09
CA LEU A 68 1.06 2.97 0.39
C LEU A 68 2.19 3.97 0.17
N THR A 69 2.29 4.97 1.05
CA THR A 69 3.33 5.96 0.93
C THR A 69 4.61 5.47 1.61
N PHE A 70 5.41 4.70 0.87
CA PHE A 70 6.65 4.18 1.41
C PHE A 70 7.66 5.30 1.62
N ASP A 71 7.93 5.63 2.87
CA ASP A 71 8.87 6.69 3.19
C ASP A 71 10.29 6.27 2.84
N PHE A 72 10.74 6.74 1.70
CA PHE A 72 12.08 6.43 1.21
C PHE A 72 13.04 7.57 1.52
N GLY A 73 12.72 8.33 2.56
CA GLY A 73 13.56 9.44 2.96
C GLY A 73 13.77 10.44 1.83
N VAL A 74 12.97 10.31 0.77
CA VAL A 74 13.08 11.20 -0.37
C VAL A 74 11.85 12.09 -0.49
N GLY A 75 10.69 11.53 -0.14
CA GLY A 75 9.45 12.28 -0.21
C GLY A 75 9.04 12.58 -1.63
N THR A 76 9.77 13.48 -2.27
CA THR A 76 9.50 13.88 -3.65
C THR A 76 9.25 12.65 -4.53
N LYS A 77 10.27 11.81 -4.66
CA LYS A 77 10.17 10.61 -5.47
C LYS A 77 9.62 9.44 -4.67
N ASN A 78 9.11 9.73 -3.48
CA ASN A 78 8.55 8.69 -2.61
C ASN A 78 7.38 8.00 -3.30
N PRO A 79 7.54 6.70 -3.61
CA PRO A 79 6.48 5.92 -4.27
C PRO A 79 5.25 5.73 -3.41
N LYS A 80 4.25 6.59 -3.62
CA LYS A 80 3.00 6.51 -2.89
C LYS A 80 1.95 5.81 -3.72
N LEU A 81 1.63 4.57 -3.35
CA LEU A 81 0.67 3.78 -4.07
C LEU A 81 -0.73 4.02 -3.51
N THR A 82 -1.75 3.82 -4.34
CA THR A 82 -3.12 4.06 -3.90
C THR A 82 -3.95 2.77 -3.90
N ILE A 83 -4.86 2.68 -2.93
CA ILE A 83 -5.73 1.51 -2.79
C ILE A 83 -7.14 1.93 -2.42
N THR A 84 -8.00 2.05 -3.42
CA THR A 84 -9.38 2.44 -3.19
C THR A 84 -10.15 1.32 -2.50
N VAL A 85 -10.24 1.39 -1.19
CA VAL A 85 -10.93 0.37 -0.42
C VAL A 85 -12.43 0.62 -0.42
N LEU A 86 -13.19 -0.32 -0.97
CA LEU A 86 -14.63 -0.21 -1.02
C LEU A 86 -15.29 -1.34 -0.23
N PRO A 87 -15.26 -1.24 1.10
CA PRO A 87 -15.85 -2.26 1.98
C PRO A 87 -17.36 -2.36 1.82
N LYS A 88 -18.03 -2.71 2.91
CA LYS A 88 -19.48 -2.84 2.91
C LYS A 88 -20.16 -1.51 2.68
N ASP A 89 -21.13 -1.50 1.76
CA ASP A 89 -21.86 -0.28 1.43
C ASP A 89 -23.26 -0.33 2.02
N ILE A 90 -23.38 -1.01 3.15
CA ILE A 90 -24.66 -1.14 3.83
C ILE A 90 -24.53 -0.81 5.32
N PRO A 91 -25.41 0.05 5.84
CA PRO A 91 -25.40 0.45 7.25
C PRO A 91 -25.80 -0.68 8.18
N GLY A 92 -24.85 -1.13 9.01
CA GLY A 92 -25.14 -2.21 9.93
C GLY A 92 -24.94 -1.79 11.39
N LEU A 93 -24.00 -0.88 11.61
CA LEU A 93 -23.71 -0.39 12.96
C LEU A 93 -23.23 -1.54 13.86
N GLU A 94 -22.09 -2.11 13.50
CA GLU A 94 -21.53 -3.22 14.28
C GLU A 94 -22.57 -4.31 14.51
N MET A 1 16.36 13.61 -3.17
CA MET A 1 17.62 13.43 -3.94
C MET A 1 17.94 11.97 -4.14
N GLN A 2 16.97 11.22 -4.67
CA GLN A 2 17.15 9.79 -4.91
C GLN A 2 16.37 9.35 -6.14
N ASP A 3 16.45 8.06 -6.46
CA ASP A 3 15.75 7.50 -7.61
C ASP A 3 15.23 6.11 -7.30
N PRO A 4 14.15 6.01 -6.50
CA PRO A 4 13.54 4.74 -6.12
C PRO A 4 12.62 4.20 -7.19
N THR A 5 12.68 2.90 -7.43
CA THR A 5 11.83 2.27 -8.43
C THR A 5 10.84 1.31 -7.80
N ILE A 6 9.59 1.76 -7.69
CA ILE A 6 8.53 0.94 -7.09
C ILE A 6 7.53 0.47 -8.15
N ASN A 7 6.90 -0.67 -7.87
CA ASN A 7 5.93 -1.23 -8.81
C ASN A 7 4.88 -0.23 -9.24
N PRO A 8 3.66 -0.22 -8.71
CA PRO A 8 2.67 0.70 -9.19
C PRO A 8 2.44 1.89 -8.27
N THR A 9 1.31 2.57 -8.49
CA THR A 9 0.95 3.73 -7.69
C THR A 9 -0.56 3.86 -7.54
N SER A 10 -1.30 2.82 -7.90
CA SER A 10 -2.75 2.86 -7.80
C SER A 10 -3.37 1.45 -7.83
N ILE A 11 -4.41 1.28 -7.01
CA ILE A 11 -5.13 0.01 -6.91
C ILE A 11 -6.53 0.25 -6.36
N SER A 12 -7.47 -0.62 -6.73
CA SER A 12 -8.85 -0.49 -6.27
C SER A 12 -9.54 -1.84 -6.14
N ALA A 13 -10.24 -2.02 -5.02
CA ALA A 13 -10.97 -3.25 -4.76
C ALA A 13 -11.84 -3.08 -3.52
N LYS A 14 -12.86 -3.91 -3.40
CA LYS A 14 -13.75 -3.85 -2.24
C LYS A 14 -13.00 -4.33 -1.00
N ALA A 15 -13.36 -3.80 0.16
CA ALA A 15 -12.67 -4.20 1.38
C ALA A 15 -12.89 -5.67 1.65
N GLY A 16 -11.85 -6.42 1.37
CA GLY A 16 -11.88 -7.85 1.53
C GLY A 16 -11.35 -8.51 0.28
N SER A 17 -11.72 -7.94 -0.87
CA SER A 17 -11.25 -8.44 -2.13
C SER A 17 -9.77 -8.13 -2.30
N PHE A 18 -9.17 -7.68 -1.21
CA PHE A 18 -7.77 -7.32 -1.21
C PHE A 18 -6.93 -8.46 -0.71
N ALA A 19 -6.65 -9.42 -1.57
CA ALA A 19 -5.83 -10.56 -1.20
C ALA A 19 -4.39 -10.10 -0.97
N ASP A 20 -3.73 -10.70 0.02
CA ASP A 20 -2.35 -10.34 0.34
C ASP A 20 -1.58 -9.98 -0.92
N THR A 21 -0.88 -8.85 -0.89
CA THR A 21 -0.14 -8.41 -2.05
C THR A 21 1.33 -8.26 -1.72
N LYS A 22 2.13 -8.22 -2.75
CA LYS A 22 3.56 -8.08 -2.63
C LYS A 22 4.03 -6.85 -3.40
N ILE A 23 5.25 -6.42 -3.12
CA ILE A 23 5.81 -5.26 -3.77
C ILE A 23 7.33 -5.31 -3.79
N THR A 24 7.94 -4.62 -4.75
CA THR A 24 9.38 -4.59 -4.88
C THR A 24 9.88 -3.15 -4.92
N LEU A 25 10.22 -2.60 -3.76
CA LEU A 25 10.72 -1.25 -3.66
C LEU A 25 12.18 -1.19 -4.05
N THR A 26 12.45 -0.75 -5.27
CA THR A 26 13.81 -0.65 -5.79
C THR A 26 14.60 0.43 -5.07
N PRO A 27 15.59 0.01 -4.27
CA PRO A 27 16.46 0.90 -3.49
C PRO A 27 17.79 1.11 -4.18
N ASN A 28 17.83 0.73 -5.43
CA ASN A 28 19.02 0.82 -6.26
C ASN A 28 19.82 2.09 -5.96
N GLY A 29 19.16 3.00 -5.28
CA GLY A 29 19.77 4.27 -4.91
C GLY A 29 19.01 4.96 -3.79
N ASN A 30 18.11 4.22 -3.16
CA ASN A 30 17.30 4.75 -2.09
C ASN A 30 17.09 3.71 -1.00
N THR A 31 16.51 4.15 0.11
CA THR A 31 16.24 3.26 1.23
C THR A 31 14.78 3.38 1.67
N PHE A 32 14.28 2.37 2.36
CA PHE A 32 12.91 2.36 2.83
C PHE A 32 12.86 2.48 4.35
N ASN A 33 11.97 3.35 4.83
CA ASN A 33 11.81 3.56 6.27
C ASN A 33 10.51 2.92 6.76
N GLY A 34 9.48 2.98 5.93
CA GLY A 34 8.21 2.40 6.30
C GLY A 34 7.02 3.25 5.86
N ILE A 35 5.89 2.60 5.64
CA ILE A 35 4.69 3.27 5.22
C ILE A 35 3.76 3.55 6.39
N SER A 36 3.79 4.80 6.83
CA SER A 36 2.98 5.23 7.99
C SER A 36 1.49 4.99 7.82
N GLU A 37 0.95 5.31 6.66
CA GLU A 37 -0.44 5.12 6.42
C GLU A 37 -0.88 3.74 6.85
N LEU A 38 0.06 2.79 6.89
CA LEU A 38 -0.28 1.44 7.31
C LEU A 38 0.79 0.85 8.24
N GLN A 39 0.82 1.37 9.46
CA GLN A 39 1.76 0.94 10.49
C GLN A 39 2.07 -0.53 10.34
N SER A 40 3.15 -0.72 9.62
CA SER A 40 3.74 -2.02 9.28
C SER A 40 2.82 -3.19 9.54
N SER A 41 2.22 -3.21 10.70
CA SER A 41 1.32 -4.29 11.05
C SER A 41 0.30 -4.50 9.95
N GLN A 42 0.03 -3.45 9.19
CA GLN A 42 -0.91 -3.48 8.10
C GLN A 42 -0.41 -4.37 6.97
N TYR A 43 0.90 -4.43 6.84
CA TYR A 43 1.57 -5.21 5.81
C TYR A 43 2.78 -5.95 6.37
N THR A 44 3.62 -6.37 5.45
CA THR A 44 4.83 -7.09 5.79
C THR A 44 5.96 -6.68 4.85
N LYS A 45 6.76 -5.73 5.33
CA LYS A 45 7.86 -5.20 4.57
C LYS A 45 8.96 -6.25 4.40
N GLY A 46 9.91 -5.95 3.52
CA GLY A 46 11.01 -6.85 3.27
C GLY A 46 12.17 -6.15 2.61
N THR A 47 12.84 -5.27 3.35
CA THR A 47 13.99 -4.53 2.85
C THR A 47 14.02 -4.49 1.32
N ASN A 48 13.52 -3.42 0.74
CA ASN A 48 13.46 -3.26 -0.71
C ASN A 48 12.21 -3.91 -1.28
N GLU A 49 11.48 -4.62 -0.41
CA GLU A 49 10.24 -5.28 -0.81
C GLU A 49 9.14 -5.04 0.22
N VAL A 50 7.90 -5.27 -0.16
CA VAL A 50 6.77 -5.06 0.74
C VAL A 50 5.64 -6.04 0.44
N THR A 51 4.90 -6.43 1.46
CA THR A 51 3.80 -7.36 1.27
C THR A 51 2.54 -6.93 2.04
N LEU A 52 1.52 -6.50 1.29
CA LEU A 52 0.26 -6.08 1.88
C LEU A 52 -0.47 -7.28 2.46
N LEU A 53 -1.12 -7.09 3.61
CA LEU A 53 -1.83 -8.20 4.23
C LEU A 53 -3.34 -8.03 4.11
N ALA A 54 -3.95 -8.83 3.23
CA ALA A 54 -5.39 -8.80 2.99
C ALA A 54 -6.21 -8.51 4.25
N SER A 55 -5.63 -8.75 5.42
CA SER A 55 -6.33 -8.50 6.67
C SER A 55 -6.48 -7.01 6.91
N TYR A 56 -5.40 -6.27 6.69
CA TYR A 56 -5.39 -4.84 6.86
C TYR A 56 -6.26 -4.20 5.79
N LEU A 57 -5.87 -4.44 4.55
CA LEU A 57 -6.60 -3.92 3.40
C LEU A 57 -8.09 -4.16 3.56
N ASN A 58 -8.45 -5.39 3.94
CA ASN A 58 -9.85 -5.75 4.14
C ASN A 58 -10.44 -5.00 5.33
N THR A 59 -9.57 -4.56 6.24
CA THR A 59 -10.00 -3.84 7.44
C THR A 59 -10.27 -2.37 7.14
N LEU A 60 -9.58 -1.84 6.15
CA LEU A 60 -9.73 -0.43 5.77
C LEU A 60 -11.18 0.05 5.92
N PRO A 61 -11.37 1.31 6.34
CA PRO A 61 -12.70 1.89 6.52
C PRO A 61 -13.56 1.79 5.26
N GLU A 62 -14.75 2.37 5.31
CA GLU A 62 -15.68 2.34 4.18
C GLU A 62 -15.01 2.81 2.91
N ASN A 63 -15.82 2.96 1.87
CA ASN A 63 -15.35 3.38 0.57
C ASN A 63 -14.27 4.44 0.71
N THR A 64 -13.08 4.00 1.07
CA THR A 64 -11.96 4.92 1.26
C THR A 64 -10.82 4.69 0.27
N THR A 65 -9.93 5.65 0.19
CA THR A 65 -8.78 5.58 -0.71
C THR A 65 -7.48 5.53 0.09
N LYS A 66 -7.22 4.38 0.68
CA LYS A 66 -6.02 4.18 1.47
C LYS A 66 -4.77 4.24 0.61
N THR A 67 -4.04 5.34 0.71
CA THR A 67 -2.82 5.51 -0.06
C THR A 67 -1.61 5.00 0.71
N LEU A 68 -0.88 4.07 0.12
CA LEU A 68 0.29 3.50 0.74
C LEU A 68 1.57 4.16 0.24
N THR A 69 2.19 4.97 1.11
CA THR A 69 3.42 5.66 0.75
C THR A 69 4.59 5.10 1.54
N PHE A 70 5.63 4.68 0.82
CA PHE A 70 6.82 4.14 1.45
C PHE A 70 7.79 5.26 1.82
N ASP A 71 8.08 5.40 3.11
CA ASP A 71 8.98 6.44 3.57
C ASP A 71 10.39 6.15 3.10
N PHE A 72 10.65 6.57 1.88
CA PHE A 72 11.95 6.39 1.26
C PHE A 72 12.85 7.60 1.50
N GLY A 73 12.50 8.39 2.52
CA GLY A 73 13.28 9.57 2.84
C GLY A 73 13.39 10.52 1.66
N VAL A 74 12.58 10.30 0.64
CA VAL A 74 12.60 11.14 -0.54
C VAL A 74 11.40 12.07 -0.56
N GLY A 75 10.25 11.57 -0.09
CA GLY A 75 9.05 12.37 -0.07
C GLY A 75 8.49 12.65 -1.45
N THR A 76 9.21 13.45 -2.21
CA THR A 76 8.82 13.81 -3.57
C THR A 76 8.69 12.58 -4.45
N LYS A 77 9.81 11.87 -4.64
CA LYS A 77 9.82 10.68 -5.46
C LYS A 77 9.42 9.44 -4.67
N ASN A 78 8.92 9.66 -3.46
CA ASN A 78 8.50 8.55 -2.61
C ASN A 78 7.52 7.65 -3.34
N PRO A 79 7.90 6.39 -3.59
CA PRO A 79 7.04 5.42 -4.27
C PRO A 79 5.77 5.13 -3.49
N LYS A 80 4.69 5.82 -3.83
CA LYS A 80 3.42 5.63 -3.15
C LYS A 80 2.36 5.11 -4.13
N LEU A 81 1.28 4.59 -3.59
CA LEU A 81 0.19 4.07 -4.41
C LEU A 81 -1.14 4.20 -3.70
N THR A 82 -2.11 4.80 -4.39
CA THR A 82 -3.43 5.02 -3.81
C THR A 82 -4.29 3.77 -3.86
N ILE A 83 -4.57 3.18 -2.70
CA ILE A 83 -5.40 2.00 -2.62
C ILE A 83 -6.84 2.40 -2.30
N THR A 84 -7.75 2.06 -3.20
CA THR A 84 -9.16 2.39 -3.03
C THR A 84 -9.94 1.20 -2.50
N VAL A 85 -10.31 1.25 -1.24
CA VAL A 85 -11.07 0.17 -0.63
C VAL A 85 -12.57 0.45 -0.71
N LEU A 86 -13.25 -0.45 -1.39
CA LEU A 86 -14.69 -0.36 -1.59
C LEU A 86 -15.41 -1.39 -0.74
N PRO A 87 -15.40 -1.19 0.58
CA PRO A 87 -16.05 -2.08 1.53
C PRO A 87 -17.57 -2.12 1.34
N LYS A 88 -18.29 -2.48 2.38
CA LYS A 88 -19.73 -2.57 2.34
C LYS A 88 -20.36 -1.20 2.10
N ASP A 89 -21.63 -1.19 1.72
CA ASP A 89 -22.35 0.05 1.47
C ASP A 89 -22.92 0.62 2.75
N ILE A 90 -22.63 1.90 3.01
CA ILE A 90 -23.11 2.56 4.21
C ILE A 90 -23.34 4.05 3.97
N PRO A 91 -24.46 4.60 4.48
CA PRO A 91 -24.79 6.01 4.31
C PRO A 91 -23.86 6.93 5.11
N GLY A 92 -23.08 7.74 4.39
CA GLY A 92 -22.16 8.64 5.04
C GLY A 92 -22.20 10.04 4.46
N LEU A 93 -23.39 10.45 4.03
CA LEU A 93 -23.57 11.78 3.45
C LEU A 93 -23.74 12.84 4.53
N GLU A 94 -22.63 13.28 5.10
CA GLU A 94 -22.66 14.28 6.16
C GLU A 94 -22.33 15.66 5.59
N MET A 1 17.91 14.23 -2.59
CA MET A 1 16.77 13.98 -3.51
C MET A 1 16.82 12.56 -4.08
N GLN A 2 16.55 11.57 -3.23
CA GLN A 2 16.57 10.17 -3.65
C GLN A 2 15.40 9.87 -4.59
N ASP A 3 15.60 8.91 -5.48
CA ASP A 3 14.57 8.52 -6.44
C ASP A 3 14.27 7.03 -6.34
N PRO A 4 13.42 6.63 -5.38
CA PRO A 4 13.04 5.23 -5.18
C PRO A 4 12.02 4.77 -6.21
N THR A 5 11.99 3.48 -6.49
CA THR A 5 11.04 2.94 -7.47
C THR A 5 10.09 1.95 -6.83
N ILE A 6 8.84 1.94 -7.32
CA ILE A 6 7.82 1.04 -6.80
C ILE A 6 6.96 0.51 -7.93
N ASN A 7 6.60 -0.77 -7.84
CA ASN A 7 5.78 -1.39 -8.88
C ASN A 7 4.63 -0.53 -9.32
N PRO A 8 3.51 -0.53 -8.61
CA PRO A 8 2.40 0.24 -9.06
C PRO A 8 2.19 1.53 -8.27
N THR A 9 1.08 2.20 -8.56
CA THR A 9 0.75 3.44 -7.88
C THR A 9 -0.75 3.67 -7.85
N SER A 10 -1.52 2.62 -8.15
CA SER A 10 -2.97 2.74 -8.15
C SER A 10 -3.66 1.38 -8.21
N ILE A 11 -4.77 1.26 -7.49
CA ILE A 11 -5.56 0.04 -7.45
C ILE A 11 -6.90 0.30 -6.78
N SER A 12 -7.88 -0.56 -7.01
CA SER A 12 -9.21 -0.39 -6.43
C SER A 12 -9.93 -1.73 -6.27
N ALA A 13 -10.55 -1.91 -5.11
CA ALA A 13 -11.28 -3.13 -4.82
C ALA A 13 -12.05 -2.98 -3.52
N LYS A 14 -12.99 -3.89 -3.29
CA LYS A 14 -13.79 -3.86 -2.08
C LYS A 14 -12.92 -4.26 -0.89
N ALA A 15 -13.22 -3.73 0.29
CA ALA A 15 -12.42 -4.06 1.46
C ALA A 15 -12.49 -5.54 1.76
N GLY A 16 -11.41 -6.21 1.41
CA GLY A 16 -11.33 -7.64 1.60
C GLY A 16 -10.91 -8.31 0.33
N SER A 17 -11.39 -7.79 -0.80
CA SER A 17 -11.05 -8.35 -2.09
C SER A 17 -9.58 -8.09 -2.39
N PHE A 18 -8.88 -7.59 -1.40
CA PHE A 18 -7.48 -7.30 -1.53
C PHE A 18 -6.65 -8.44 -0.99
N ALA A 19 -6.46 -9.46 -1.80
CA ALA A 19 -5.69 -10.62 -1.39
C ALA A 19 -4.22 -10.25 -1.20
N ASP A 20 -3.62 -10.75 -0.12
CA ASP A 20 -2.23 -10.46 0.19
C ASP A 20 -1.40 -10.34 -1.08
N THR A 21 -0.64 -9.25 -1.20
CA THR A 21 0.18 -9.02 -2.37
C THR A 21 1.53 -8.45 -1.98
N LYS A 22 2.59 -9.05 -2.51
CA LYS A 22 3.93 -8.62 -2.22
C LYS A 22 4.39 -7.57 -3.22
N ILE A 23 4.76 -6.40 -2.70
CA ILE A 23 5.22 -5.31 -3.54
C ILE A 23 6.74 -5.27 -3.60
N THR A 24 7.28 -4.67 -4.66
CA THR A 24 8.72 -4.55 -4.83
C THR A 24 9.15 -3.09 -4.78
N LEU A 25 9.91 -2.75 -3.76
CA LEU A 25 10.39 -1.40 -3.58
C LEU A 25 11.85 -1.27 -4.01
N THR A 26 12.07 -0.67 -5.17
CA THR A 26 13.42 -0.49 -5.70
C THR A 26 14.19 0.54 -4.87
N PRO A 27 15.23 0.07 -4.16
CA PRO A 27 16.09 0.90 -3.31
C PRO A 27 17.31 1.42 -4.06
N ASN A 28 17.34 1.11 -5.35
CA ASN A 28 18.40 1.45 -6.27
C ASN A 28 18.98 2.81 -5.98
N GLY A 29 19.60 2.87 -4.83
CA GLY A 29 20.23 4.09 -4.37
C GLY A 29 19.53 4.68 -3.16
N ASN A 30 18.24 4.38 -3.05
CA ASN A 30 17.43 4.87 -1.94
C ASN A 30 17.08 3.73 -1.00
N THR A 31 16.66 4.08 0.22
CA THR A 31 16.29 3.09 1.21
C THR A 31 14.85 3.27 1.66
N PHE A 32 14.25 2.19 2.13
CA PHE A 32 12.86 2.23 2.60
C PHE A 32 12.79 2.11 4.12
N ASN A 33 11.87 2.86 4.72
CA ASN A 33 11.70 2.85 6.16
C ASN A 33 10.36 2.23 6.55
N GLY A 34 9.31 2.59 5.81
CA GLY A 34 7.99 2.05 6.10
C GLY A 34 6.87 2.99 5.68
N ILE A 35 5.67 2.44 5.54
CA ILE A 35 4.51 3.23 5.15
C ILE A 35 3.70 3.57 6.38
N SER A 36 3.89 4.78 6.87
CA SER A 36 3.19 5.27 8.05
C SER A 36 1.69 5.31 7.84
N GLU A 37 1.29 5.74 6.66
CA GLU A 37 -0.13 5.79 6.35
C GLU A 37 -0.76 4.45 6.77
N LEU A 38 0.06 3.40 6.79
CA LEU A 38 -0.38 2.08 7.24
C LEU A 38 0.67 1.46 8.16
N GLN A 39 0.59 1.81 9.43
CA GLN A 39 1.52 1.36 10.46
C GLN A 39 2.06 -0.02 10.13
N SER A 40 3.13 0.04 9.36
CA SER A 40 3.89 -1.11 8.86
C SER A 40 3.27 -2.45 9.20
N SER A 41 2.79 -2.59 10.41
CA SER A 41 2.17 -3.84 10.82
C SER A 41 1.15 -4.28 9.77
N GLN A 42 0.61 -3.31 9.05
CA GLN A 42 -0.35 -3.54 8.01
C GLN A 42 0.20 -4.48 6.94
N TYR A 43 1.50 -4.37 6.72
CA TYR A 43 2.19 -5.18 5.72
C TYR A 43 3.32 -6.00 6.32
N THR A 44 4.08 -6.61 5.42
CA THR A 44 5.22 -7.44 5.79
C THR A 44 6.40 -7.03 4.91
N LYS A 45 7.17 -6.08 5.42
CA LYS A 45 8.32 -5.54 4.70
C LYS A 45 9.43 -6.58 4.54
N GLY A 46 10.33 -6.28 3.62
CA GLY A 46 11.46 -7.13 3.34
C GLY A 46 12.51 -6.44 2.50
N THR A 47 13.37 -5.67 3.17
CA THR A 47 14.44 -4.92 2.51
C THR A 47 14.28 -4.88 0.99
N ASN A 48 13.81 -3.76 0.47
CA ASN A 48 13.62 -3.58 -0.97
C ASN A 48 12.23 -4.03 -1.40
N GLU A 49 11.50 -4.67 -0.50
CA GLU A 49 10.16 -5.15 -0.82
C GLU A 49 9.23 -5.07 0.40
N VAL A 50 7.93 -5.16 0.13
CA VAL A 50 6.91 -5.12 1.18
C VAL A 50 5.60 -5.68 0.67
N THR A 51 5.04 -6.62 1.40
CA THR A 51 3.78 -7.24 1.00
C THR A 51 2.64 -6.83 1.93
N LEU A 52 1.50 -6.48 1.33
CA LEU A 52 0.33 -6.09 2.11
C LEU A 52 -0.55 -7.30 2.38
N LEU A 53 -1.18 -7.33 3.56
CA LEU A 53 -2.03 -8.45 3.91
C LEU A 53 -3.50 -8.06 3.97
N ALA A 54 -4.31 -8.77 3.19
CA ALA A 54 -5.75 -8.54 3.13
C ALA A 54 -6.37 -8.40 4.51
N SER A 55 -5.61 -8.69 5.56
CA SER A 55 -6.13 -8.59 6.92
C SER A 55 -6.34 -7.14 7.30
N TYR A 56 -5.36 -6.31 6.98
CA TYR A 56 -5.45 -4.90 7.27
C TYR A 56 -6.34 -4.23 6.25
N LEU A 57 -5.96 -4.42 4.99
CA LEU A 57 -6.70 -3.85 3.88
C LEU A 57 -8.18 -4.17 4.01
N ASN A 58 -8.49 -5.39 4.43
CA ASN A 58 -9.89 -5.79 4.58
C ASN A 58 -10.54 -4.99 5.70
N THR A 59 -9.72 -4.52 6.64
CA THR A 59 -10.23 -3.74 7.78
C THR A 59 -10.36 -2.27 7.42
N LEU A 60 -9.56 -1.82 6.46
CA LEU A 60 -9.60 -0.42 6.03
C LEU A 60 -11.02 0.15 6.03
N PRO A 61 -11.15 1.48 6.13
CA PRO A 61 -12.45 2.15 6.16
C PRO A 61 -13.27 1.88 4.89
N GLU A 62 -14.36 2.64 4.74
CA GLU A 62 -15.24 2.50 3.59
C GLU A 62 -14.58 2.99 2.32
N ASN A 63 -15.38 3.07 1.26
CA ASN A 63 -14.92 3.49 -0.04
C ASN A 63 -13.93 4.64 0.05
N THR A 64 -12.74 4.34 0.57
CA THR A 64 -11.70 5.36 0.72
C THR A 64 -10.49 5.05 -0.17
N THR A 65 -9.81 6.09 -0.61
CA THR A 65 -8.64 5.94 -1.46
C THR A 65 -7.39 5.72 -0.61
N LYS A 66 -7.22 4.50 -0.13
CA LYS A 66 -6.08 4.14 0.67
C LYS A 66 -4.79 4.24 -0.13
N THR A 67 -3.92 5.13 0.25
CA THR A 67 -2.66 5.31 -0.47
C THR A 67 -1.49 4.71 0.28
N LEU A 68 -0.76 3.81 -0.39
CA LEU A 68 0.41 3.18 0.21
C LEU A 68 1.63 4.06 -0.01
N THR A 69 2.06 4.78 1.03
CA THR A 69 3.21 5.67 0.89
C THR A 69 4.45 5.11 1.57
N PHE A 70 5.31 4.46 0.78
CA PHE A 70 6.53 3.90 1.30
C PHE A 70 7.56 4.99 1.59
N ASP A 71 7.88 5.19 2.86
CA ASP A 71 8.83 6.22 3.25
C ASP A 71 10.23 5.85 2.80
N PHE A 72 10.66 6.43 1.70
CA PHE A 72 11.98 6.20 1.15
C PHE A 72 12.94 7.31 1.53
N GLY A 73 12.64 7.99 2.64
CA GLY A 73 13.49 9.08 3.09
C GLY A 73 13.27 10.35 2.28
N VAL A 74 12.52 10.24 1.19
CA VAL A 74 12.25 11.38 0.34
C VAL A 74 10.77 11.43 -0.03
N GLY A 75 9.91 11.33 0.98
CA GLY A 75 8.48 11.36 0.78
C GLY A 75 8.05 12.35 -0.29
N THR A 76 8.86 13.40 -0.46
CA THR A 76 8.56 14.43 -1.45
C THR A 76 8.03 13.82 -2.75
N LYS A 77 8.68 12.75 -3.21
CA LYS A 77 8.27 12.07 -4.42
C LYS A 77 8.40 10.56 -4.27
N ASN A 78 8.56 10.11 -3.02
CA ASN A 78 8.70 8.69 -2.73
C ASN A 78 7.61 7.88 -3.42
N PRO A 79 7.90 6.61 -3.72
CA PRO A 79 6.94 5.71 -4.38
C PRO A 79 5.66 5.51 -3.56
N LYS A 80 4.63 6.25 -3.91
CA LYS A 80 3.35 6.16 -3.21
C LYS A 80 2.28 5.65 -4.17
N LEU A 81 1.45 4.72 -3.69
CA LEU A 81 0.39 4.17 -4.52
C LEU A 81 -0.98 4.54 -3.97
N THR A 82 -1.99 4.53 -4.82
CA THR A 82 -3.34 4.89 -4.39
C THR A 82 -4.31 3.73 -4.56
N ILE A 83 -4.49 2.96 -3.50
CA ILE A 83 -5.42 1.84 -3.50
C ILE A 83 -6.75 2.23 -2.85
N THR A 84 -7.83 2.13 -3.60
CA THR A 84 -9.14 2.49 -3.10
C THR A 84 -9.89 1.26 -2.60
N VAL A 85 -10.24 1.26 -1.32
CA VAL A 85 -10.95 0.15 -0.71
C VAL A 85 -12.41 0.51 -0.45
N LEU A 86 -13.31 -0.38 -0.86
CA LEU A 86 -14.73 -0.16 -0.66
C LEU A 86 -15.45 -1.45 -0.27
N PRO A 87 -15.64 -1.66 1.05
CA PRO A 87 -16.31 -2.86 1.54
C PRO A 87 -17.80 -2.82 1.31
N LYS A 88 -18.36 -1.67 1.57
CA LYS A 88 -19.79 -1.44 1.41
C LYS A 88 -20.19 -1.52 -0.05
N ASP A 89 -21.49 -1.67 -0.30
CA ASP A 89 -22.00 -1.76 -1.66
C ASP A 89 -22.87 -0.56 -2.00
N ILE A 90 -23.14 -0.37 -3.29
CA ILE A 90 -23.95 0.75 -3.75
C ILE A 90 -25.41 0.57 -3.34
N PRO A 91 -26.05 1.65 -2.87
CA PRO A 91 -27.46 1.61 -2.44
C PRO A 91 -28.42 1.43 -3.61
N GLY A 92 -29.38 0.53 -3.44
CA GLY A 92 -30.34 0.27 -4.49
C GLY A 92 -31.70 0.90 -4.21
N LEU A 93 -31.96 1.16 -2.93
CA LEU A 93 -33.22 1.77 -2.52
C LEU A 93 -33.22 2.07 -1.03
N GLU A 94 -33.04 3.33 -0.68
CA GLU A 94 -33.02 3.75 0.72
C GLU A 94 -34.38 3.55 1.36
N MET A 1 19.62 13.05 -6.81
CA MET A 1 19.78 12.64 -5.39
C MET A 1 19.67 11.12 -5.25
N GLN A 2 18.44 10.62 -5.21
CA GLN A 2 18.21 9.19 -5.07
C GLN A 2 17.47 8.64 -6.30
N ASP A 3 17.69 7.37 -6.60
CA ASP A 3 17.05 6.72 -7.74
C ASP A 3 16.49 5.36 -7.35
N PRO A 4 15.36 5.34 -6.63
CA PRO A 4 14.72 4.10 -6.20
C PRO A 4 13.64 3.66 -7.17
N THR A 5 13.43 2.35 -7.27
CA THR A 5 12.40 1.82 -8.17
C THR A 5 11.14 1.49 -7.36
N ILE A 6 10.01 1.35 -8.03
CA ILE A 6 8.78 1.06 -7.32
C ILE A 6 7.73 0.34 -8.17
N ASN A 7 6.91 -0.44 -7.50
CA ASN A 7 5.82 -1.18 -8.11
C ASN A 7 4.77 -0.21 -8.64
N PRO A 8 3.56 -0.69 -8.96
CA PRO A 8 2.51 0.16 -9.50
C PRO A 8 2.11 1.26 -8.51
N THR A 9 1.00 1.93 -8.78
CA THR A 9 0.55 3.00 -7.90
C THR A 9 -0.98 3.11 -7.84
N SER A 10 -1.68 2.27 -8.56
CA SER A 10 -3.15 2.32 -8.57
C SER A 10 -3.77 0.93 -8.39
N ILE A 11 -4.56 0.79 -7.33
CA ILE A 11 -5.24 -0.47 -7.03
C ILE A 11 -6.60 -0.21 -6.41
N SER A 12 -7.62 -0.94 -6.89
CA SER A 12 -8.98 -0.79 -6.37
C SER A 12 -9.63 -2.15 -6.10
N ALA A 13 -10.32 -2.25 -4.98
CA ALA A 13 -10.99 -3.48 -4.61
C ALA A 13 -11.90 -3.28 -3.40
N LYS A 14 -12.71 -4.27 -3.12
CA LYS A 14 -13.62 -4.20 -1.98
C LYS A 14 -12.81 -4.31 -0.69
N ALA A 15 -13.32 -3.79 0.43
CA ALA A 15 -12.58 -3.89 1.68
C ALA A 15 -12.44 -5.36 2.05
N GLY A 16 -11.34 -5.94 1.60
CA GLY A 16 -11.08 -7.33 1.82
C GLY A 16 -10.75 -8.00 0.51
N SER A 17 -11.25 -7.40 -0.56
CA SER A 17 -11.01 -7.86 -1.91
C SER A 17 -9.53 -7.70 -2.24
N PHE A 18 -8.78 -7.25 -1.26
CA PHE A 18 -7.38 -7.02 -1.42
C PHE A 18 -6.58 -8.18 -0.88
N ALA A 19 -6.43 -9.20 -1.69
CA ALA A 19 -5.66 -10.37 -1.29
C ALA A 19 -4.19 -9.99 -1.18
N ASP A 20 -3.42 -10.78 -0.43
CA ASP A 20 -2.00 -10.50 -0.23
C ASP A 20 -1.40 -9.87 -1.48
N THR A 21 -1.00 -8.60 -1.38
CA THR A 21 -0.44 -7.89 -2.53
C THR A 21 1.02 -7.54 -2.32
N LYS A 22 1.91 -8.29 -2.96
CA LYS A 22 3.33 -8.04 -2.85
C LYS A 22 3.71 -6.75 -3.56
N ILE A 23 4.88 -6.25 -3.22
CA ILE A 23 5.38 -5.02 -3.81
C ILE A 23 6.91 -5.02 -3.83
N THR A 24 7.49 -4.30 -4.81
CA THR A 24 8.93 -4.24 -4.94
C THR A 24 9.44 -2.82 -4.75
N LEU A 25 10.26 -2.62 -3.72
CA LEU A 25 10.82 -1.32 -3.42
C LEU A 25 12.34 -1.35 -3.65
N THR A 26 12.77 -1.08 -4.87
CA THR A 26 14.20 -1.11 -5.19
C THR A 26 14.95 0.03 -4.50
N PRO A 27 15.81 -0.33 -3.52
CA PRO A 27 16.60 0.61 -2.74
C PRO A 27 17.97 0.86 -3.34
N ASN A 28 18.20 0.26 -4.50
CA ASN A 28 19.45 0.34 -5.23
C ASN A 28 20.06 1.72 -5.13
N GLY A 29 20.47 2.01 -3.92
CA GLY A 29 21.09 3.28 -3.60
C GLY A 29 20.27 4.06 -2.58
N ASN A 30 18.97 3.86 -2.63
CA ASN A 30 18.04 4.52 -1.71
C ASN A 30 17.56 3.55 -0.65
N THR A 31 16.96 4.07 0.41
CA THR A 31 16.46 3.23 1.49
C THR A 31 14.99 3.51 1.77
N PHE A 32 14.31 2.53 2.34
CA PHE A 32 12.89 2.66 2.66
C PHE A 32 12.65 2.46 4.14
N ASN A 33 11.81 3.32 4.72
CA ASN A 33 11.49 3.24 6.15
C ASN A 33 10.18 2.49 6.36
N GLY A 34 9.07 3.09 5.96
CA GLY A 34 7.77 2.46 6.11
C GLY A 34 6.63 3.33 5.62
N ILE A 35 5.44 2.75 5.55
CA ILE A 35 4.25 3.46 5.10
C ILE A 35 3.38 3.84 6.29
N SER A 36 3.47 5.10 6.70
CA SER A 36 2.70 5.60 7.84
C SER A 36 1.21 5.38 7.66
N GLU A 37 0.71 5.68 6.47
CA GLU A 37 -0.67 5.49 6.17
C GLU A 37 -1.15 4.14 6.69
N LEU A 38 -0.23 3.19 6.75
CA LEU A 38 -0.54 1.86 7.24
C LEU A 38 0.65 1.29 8.00
N GLN A 39 0.75 1.66 9.28
CA GLN A 39 1.81 1.24 10.16
C GLN A 39 2.26 -0.16 9.82
N SER A 40 3.25 -0.15 8.96
CA SER A 40 3.93 -1.34 8.41
C SER A 40 3.27 -2.65 8.79
N SER A 41 2.86 -2.76 10.03
CA SER A 41 2.22 -3.98 10.50
C SER A 41 1.10 -4.37 9.53
N GLN A 42 0.55 -3.37 8.86
CA GLN A 42 -0.51 -3.58 7.90
C GLN A 42 -0.04 -4.47 6.76
N TYR A 43 1.24 -4.34 6.46
CA TYR A 43 1.88 -5.11 5.41
C TYR A 43 3.08 -5.88 5.94
N THR A 44 3.84 -6.44 5.03
CA THR A 44 5.02 -7.21 5.37
C THR A 44 6.18 -6.79 4.48
N LYS A 45 6.93 -5.84 4.98
CA LYS A 45 8.08 -5.29 4.26
C LYS A 45 9.21 -6.31 4.13
N GLY A 46 10.16 -5.97 3.28
CA GLY A 46 11.31 -6.82 3.05
C GLY A 46 12.52 -6.02 2.63
N THR A 47 13.04 -5.21 3.55
CA THR A 47 14.22 -4.37 3.31
C THR A 47 14.43 -4.06 1.83
N ASN A 48 13.32 -3.83 1.14
CA ASN A 48 13.33 -3.50 -0.28
C ASN A 48 11.98 -3.75 -0.91
N GLU A 49 11.17 -4.56 -0.25
CA GLU A 49 9.87 -4.88 -0.80
C GLU A 49 8.79 -4.76 0.27
N VAL A 50 7.53 -4.76 -0.18
CA VAL A 50 6.41 -4.67 0.73
C VAL A 50 5.31 -5.65 0.35
N THR A 51 4.75 -6.31 1.34
CA THR A 51 3.68 -7.28 1.09
C THR A 51 2.40 -6.90 1.84
N LEU A 52 1.41 -6.45 1.08
CA LEU A 52 0.13 -6.06 1.64
C LEU A 52 -0.61 -7.28 2.15
N LEU A 53 -1.14 -7.21 3.37
CA LEU A 53 -1.85 -8.34 3.92
C LEU A 53 -3.36 -8.12 3.88
N ALA A 54 -4.03 -8.89 3.02
CA ALA A 54 -5.48 -8.80 2.86
C ALA A 54 -6.22 -8.63 4.19
N SER A 55 -5.54 -8.92 5.30
CA SER A 55 -6.15 -8.79 6.62
C SER A 55 -6.37 -7.33 6.98
N TYR A 56 -5.32 -6.53 6.75
CA TYR A 56 -5.35 -5.11 7.03
C TYR A 56 -6.27 -4.41 6.04
N LEU A 57 -5.91 -4.53 4.79
CA LEU A 57 -6.69 -3.91 3.72
C LEU A 57 -8.15 -4.29 3.85
N ASN A 58 -8.41 -5.52 4.32
CA ASN A 58 -9.77 -5.99 4.51
C ASN A 58 -10.46 -5.19 5.61
N THR A 59 -9.71 -4.85 6.65
CA THR A 59 -10.24 -4.10 7.77
C THR A 59 -10.41 -2.63 7.45
N LEU A 60 -9.68 -2.15 6.43
CA LEU A 60 -9.77 -0.75 6.03
C LEU A 60 -11.20 -0.24 6.06
N PRO A 61 -11.38 1.07 6.30
CA PRO A 61 -12.71 1.68 6.37
C PRO A 61 -13.52 1.48 5.09
N GLU A 62 -14.57 2.27 4.92
CA GLU A 62 -15.44 2.18 3.76
C GLU A 62 -14.72 2.67 2.51
N ASN A 63 -15.49 2.83 1.45
CA ASN A 63 -14.99 3.28 0.17
C ASN A 63 -13.92 4.37 0.31
N THR A 64 -12.76 3.97 0.83
CA THR A 64 -11.65 4.91 1.01
C THR A 64 -10.43 4.47 0.24
N THR A 65 -9.68 5.44 -0.28
CA THR A 65 -8.48 5.14 -1.04
C THR A 65 -7.24 5.11 -0.16
N LYS A 66 -7.02 3.96 0.43
CA LYS A 66 -5.87 3.76 1.30
C LYS A 66 -4.57 3.85 0.51
N THR A 67 -4.01 5.05 0.46
CA THR A 67 -2.77 5.28 -0.27
C THR A 67 -1.56 4.81 0.53
N LEU A 68 -0.70 4.02 -0.11
CA LEU A 68 0.49 3.50 0.53
C LEU A 68 1.73 4.27 0.09
N THR A 69 2.14 5.24 0.91
CA THR A 69 3.31 6.04 0.58
C THR A 69 4.54 5.55 1.35
N PHE A 70 5.39 4.77 0.67
CA PHE A 70 6.59 4.25 1.29
C PHE A 70 7.58 5.38 1.54
N ASP A 71 7.84 5.69 2.80
CA ASP A 71 8.77 6.75 3.14
C ASP A 71 10.19 6.33 2.81
N PHE A 72 10.66 6.83 1.68
CA PHE A 72 12.01 6.53 1.21
C PHE A 72 13.00 7.59 1.70
N GLY A 73 12.62 8.29 2.77
CA GLY A 73 13.49 9.32 3.33
C GLY A 73 13.69 10.47 2.37
N VAL A 74 12.99 10.44 1.24
CA VAL A 74 13.09 11.49 0.25
C VAL A 74 11.74 12.13 0.00
N GLY A 75 10.72 11.29 -0.15
CA GLY A 75 9.37 11.79 -0.39
C GLY A 75 9.13 12.24 -1.82
N THR A 76 10.14 12.83 -2.43
CA THR A 76 10.04 13.32 -3.81
C THR A 76 9.54 12.21 -4.73
N LYS A 77 10.43 11.26 -5.02
CA LYS A 77 10.08 10.15 -5.89
C LYS A 77 9.43 9.02 -5.10
N ASN A 78 9.09 9.29 -3.85
CA ASN A 78 8.45 8.30 -2.99
C ASN A 78 7.33 7.58 -3.75
N PRO A 79 7.25 6.24 -3.61
CA PRO A 79 6.23 5.45 -4.29
C PRO A 79 4.93 5.39 -3.49
N LYS A 80 4.08 6.38 -3.71
CA LYS A 80 2.80 6.44 -3.02
C LYS A 80 1.67 5.91 -3.90
N LEU A 81 1.16 4.74 -3.54
CA LEU A 81 0.09 4.12 -4.30
C LEU A 81 -1.26 4.46 -3.67
N THR A 82 -2.32 4.12 -4.38
CA THR A 82 -3.66 4.38 -3.90
C THR A 82 -4.51 3.11 -3.90
N ILE A 83 -4.96 2.71 -2.73
CA ILE A 83 -5.80 1.51 -2.59
C ILE A 83 -7.26 1.90 -2.38
N THR A 84 -8.04 1.85 -3.45
CA THR A 84 -9.45 2.20 -3.37
C THR A 84 -10.23 1.05 -2.73
N VAL A 85 -10.31 1.04 -1.40
CA VAL A 85 -11.01 0.01 -0.68
C VAL A 85 -12.46 0.39 -0.43
N LEU A 86 -13.37 -0.43 -0.92
CA LEU A 86 -14.80 -0.18 -0.76
C LEU A 86 -15.55 -1.45 -0.38
N PRO A 87 -15.91 -1.60 0.90
CA PRO A 87 -16.63 -2.78 1.39
C PRO A 87 -18.09 -2.75 0.99
N LYS A 88 -18.61 -1.54 0.91
CA LYS A 88 -20.00 -1.31 0.54
C LYS A 88 -20.26 -1.75 -0.89
N ASP A 89 -21.40 -2.41 -1.11
CA ASP A 89 -21.77 -2.88 -2.44
C ASP A 89 -23.29 -2.89 -2.62
N ILE A 90 -23.74 -2.99 -3.86
CA ILE A 90 -25.15 -3.00 -4.16
C ILE A 90 -25.66 -4.44 -4.36
N PRO A 91 -26.84 -4.75 -3.81
CA PRO A 91 -27.43 -6.09 -3.92
C PRO A 91 -27.90 -6.40 -5.35
N GLY A 92 -27.25 -7.37 -5.98
CA GLY A 92 -27.61 -7.74 -7.33
C GLY A 92 -26.87 -8.97 -7.81
N LEU A 93 -26.58 -9.88 -6.88
CA LEU A 93 -25.86 -11.11 -7.21
C LEU A 93 -24.42 -10.82 -7.60
N GLU A 94 -23.82 -9.85 -6.91
CA GLU A 94 -22.43 -9.48 -7.17
C GLU A 94 -22.17 -9.32 -8.67
N MET A 1 12.19 11.81 -4.75
CA MET A 1 13.24 12.76 -5.24
C MET A 1 14.47 12.01 -5.73
N GLN A 2 14.82 10.93 -5.03
CA GLN A 2 15.98 10.14 -5.40
C GLN A 2 15.71 9.37 -6.71
N ASP A 3 15.49 8.06 -6.60
CA ASP A 3 15.22 7.24 -7.78
C ASP A 3 14.77 5.84 -7.40
N PRO A 4 13.79 5.73 -6.47
CA PRO A 4 13.27 4.43 -6.03
C PRO A 4 12.36 3.81 -7.08
N THR A 5 12.39 2.48 -7.19
CA THR A 5 11.55 1.80 -8.17
C THR A 5 10.70 0.72 -7.51
N ILE A 6 9.59 1.15 -6.92
CA ILE A 6 8.70 0.21 -6.25
C ILE A 6 7.32 0.16 -6.90
N ASN A 7 6.41 -0.51 -6.21
CA ASN A 7 5.03 -0.68 -6.67
C ASN A 7 4.47 0.58 -7.31
N PRO A 8 3.33 0.44 -7.99
CA PRO A 8 2.68 1.55 -8.68
C PRO A 8 2.38 2.72 -7.74
N THR A 9 1.34 3.47 -8.06
CA THR A 9 0.97 4.61 -7.24
C THR A 9 -0.54 4.69 -7.00
N SER A 10 -1.30 3.74 -7.56
CA SER A 10 -2.74 3.75 -7.38
C SER A 10 -3.39 2.44 -7.83
N ILE A 11 -4.38 2.01 -7.06
CA ILE A 11 -5.13 0.79 -7.34
C ILE A 11 -6.50 0.85 -6.68
N SER A 12 -7.34 -0.14 -6.96
CA SER A 12 -8.69 -0.17 -6.39
C SER A 12 -9.16 -1.60 -6.14
N ALA A 13 -9.85 -1.81 -5.03
CA ALA A 13 -10.37 -3.11 -4.66
C ALA A 13 -11.32 -2.99 -3.47
N LYS A 14 -12.33 -3.85 -3.41
CA LYS A 14 -13.28 -3.82 -2.30
C LYS A 14 -12.61 -4.32 -1.02
N ALA A 15 -13.06 -3.82 0.13
CA ALA A 15 -12.47 -4.25 1.39
C ALA A 15 -12.75 -5.72 1.60
N GLY A 16 -11.71 -6.49 1.37
CA GLY A 16 -11.79 -7.93 1.46
C GLY A 16 -11.33 -8.51 0.15
N SER A 17 -11.74 -7.86 -0.93
CA SER A 17 -11.35 -8.25 -2.25
C SER A 17 -9.86 -7.96 -2.45
N PHE A 18 -9.21 -7.64 -1.35
CA PHE A 18 -7.80 -7.32 -1.35
C PHE A 18 -6.98 -8.55 -0.98
N ALA A 19 -6.78 -9.41 -1.95
CA ALA A 19 -6.01 -10.63 -1.70
C ALA A 19 -4.55 -10.27 -1.46
N ASP A 20 -3.92 -10.97 -0.51
CA ASP A 20 -2.52 -10.71 -0.18
C ASP A 20 -1.73 -10.32 -1.42
N THR A 21 -0.98 -9.23 -1.33
CA THR A 21 -0.20 -8.77 -2.45
C THR A 21 1.24 -8.58 -2.09
N LYS A 22 2.09 -8.70 -3.07
CA LYS A 22 3.51 -8.55 -2.92
C LYS A 22 3.98 -7.26 -3.57
N ILE A 23 5.09 -6.76 -3.07
CA ILE A 23 5.65 -5.53 -3.58
C ILE A 23 7.18 -5.58 -3.57
N THR A 24 7.80 -4.84 -4.47
CA THR A 24 9.26 -4.82 -4.56
C THR A 24 9.80 -3.41 -4.35
N LEU A 25 10.39 -3.18 -3.19
CA LEU A 25 10.97 -1.89 -2.84
C LEU A 25 12.35 -1.74 -3.44
N THR A 26 12.43 -1.31 -4.70
CA THR A 26 13.71 -1.12 -5.37
C THR A 26 14.46 0.07 -4.77
N PRO A 27 15.53 -0.23 -4.00
CA PRO A 27 16.37 0.76 -3.32
C PRO A 27 17.60 1.14 -4.13
N ASN A 28 17.66 0.60 -5.33
CA ASN A 28 18.75 0.78 -6.27
C ASN A 28 19.31 2.19 -6.21
N GLY A 29 19.91 2.45 -5.08
CA GLY A 29 20.51 3.74 -4.81
C GLY A 29 19.80 4.48 -3.70
N ASN A 30 18.52 4.19 -3.54
CA ASN A 30 17.69 4.81 -2.51
C ASN A 30 17.37 3.82 -1.39
N THR A 31 16.91 4.34 -0.27
CA THR A 31 16.57 3.50 0.87
C THR A 31 15.12 3.75 1.29
N PHE A 32 14.53 2.76 1.96
CA PHE A 32 13.16 2.84 2.42
C PHE A 32 13.08 2.88 3.94
N ASN A 33 12.06 3.56 4.46
CA ASN A 33 11.86 3.67 5.90
C ASN A 33 10.61 2.91 6.34
N GLY A 34 9.55 3.05 5.56
CA GLY A 34 8.29 2.38 5.89
C GLY A 34 7.08 3.11 5.34
N ILE A 35 5.89 2.57 5.58
CA ILE A 35 4.67 3.19 5.12
C ILE A 35 3.80 3.57 6.31
N SER A 36 4.03 4.76 6.82
CA SER A 36 3.27 5.26 7.97
C SER A 36 1.80 5.40 7.63
N GLU A 37 1.51 5.67 6.38
CA GLU A 37 0.13 5.79 5.95
C GLU A 37 -0.63 4.54 6.39
N LEU A 38 0.12 3.45 6.53
CA LEU A 38 -0.42 2.18 6.98
C LEU A 38 0.58 1.48 7.89
N GLN A 39 0.50 1.79 9.19
CA GLN A 39 1.37 1.24 10.19
C GLN A 39 1.80 -0.17 9.83
N SER A 40 2.91 -0.18 9.13
CA SER A 40 3.60 -1.38 8.63
C SER A 40 2.82 -2.66 8.86
N SER A 41 2.27 -2.80 10.04
CA SER A 41 1.49 -3.99 10.37
C SER A 41 0.47 -4.29 9.27
N GLN A 42 0.09 -3.24 8.54
CA GLN A 42 -0.86 -3.35 7.45
C GLN A 42 -0.36 -4.32 6.38
N TYR A 43 0.95 -4.34 6.23
CA TYR A 43 1.61 -5.20 5.26
C TYR A 43 2.78 -5.93 5.89
N THR A 44 3.56 -6.59 5.04
CA THR A 44 4.72 -7.33 5.47
C THR A 44 5.97 -6.74 4.85
N LYS A 45 6.45 -5.68 5.48
CA LYS A 45 7.64 -4.98 5.00
C LYS A 45 8.89 -5.84 5.18
N GLY A 46 9.80 -5.73 4.22
CA GLY A 46 11.03 -6.48 4.28
C GLY A 46 12.12 -5.85 3.44
N THR A 47 12.77 -4.83 4.01
CA THR A 47 13.85 -4.11 3.32
C THR A 47 13.98 -4.54 1.86
N ASN A 48 13.43 -3.74 0.96
CA ASN A 48 13.46 -4.02 -0.48
C ASN A 48 12.22 -4.80 -0.92
N GLU A 49 11.37 -5.17 0.05
CA GLU A 49 10.15 -5.91 -0.27
C GLU A 49 9.00 -5.52 0.64
N VAL A 50 7.77 -5.70 0.13
CA VAL A 50 6.56 -5.37 0.89
C VAL A 50 5.42 -6.29 0.51
N THR A 51 4.77 -6.90 1.49
CA THR A 51 3.66 -7.82 1.22
C THR A 51 2.36 -7.37 1.88
N LEU A 52 1.39 -6.93 1.07
CA LEU A 52 0.09 -6.50 1.57
C LEU A 52 -0.68 -7.69 2.13
N LEU A 53 -1.31 -7.50 3.28
CA LEU A 53 -2.08 -8.58 3.89
C LEU A 53 -3.58 -8.31 3.82
N ALA A 54 -4.26 -9.07 2.96
CA ALA A 54 -5.70 -8.94 2.78
C ALA A 54 -6.46 -8.63 4.06
N SER A 55 -5.85 -8.93 5.20
CA SER A 55 -6.49 -8.68 6.50
C SER A 55 -6.55 -7.19 6.78
N TYR A 56 -5.45 -6.50 6.59
CA TYR A 56 -5.35 -5.09 6.80
C TYR A 56 -6.22 -4.35 5.80
N LEU A 57 -5.88 -4.54 4.55
CA LEU A 57 -6.61 -3.91 3.46
C LEU A 57 -8.11 -4.15 3.62
N ASN A 58 -8.47 -5.38 3.92
CA ASN A 58 -9.88 -5.73 4.11
C ASN A 58 -10.43 -5.04 5.35
N THR A 59 -9.56 -4.77 6.33
CA THR A 59 -9.98 -4.13 7.56
C THR A 59 -10.20 -2.64 7.38
N LEU A 60 -9.54 -2.05 6.40
CA LEU A 60 -9.68 -0.61 6.14
C LEU A 60 -11.14 -0.18 6.22
N PRO A 61 -11.39 1.08 6.63
CA PRO A 61 -12.74 1.63 6.76
C PRO A 61 -13.56 1.47 5.48
N GLU A 62 -14.67 2.18 5.40
CA GLU A 62 -15.55 2.11 4.24
C GLU A 62 -14.85 2.64 3.00
N ASN A 63 -15.64 2.83 1.95
CA ASN A 63 -15.14 3.30 0.68
C ASN A 63 -14.06 4.34 0.86
N THR A 64 -12.87 3.88 1.20
CA THR A 64 -11.74 4.78 1.43
C THR A 64 -10.60 4.51 0.46
N THR A 65 -9.61 5.40 0.47
CA THR A 65 -8.46 5.28 -0.40
C THR A 65 -7.17 5.15 0.41
N LYS A 66 -6.98 3.97 0.98
CA LYS A 66 -5.79 3.70 1.79
C LYS A 66 -4.52 3.73 0.93
N THR A 67 -3.77 4.80 1.04
CA THR A 67 -2.54 4.93 0.26
C THR A 67 -1.32 4.53 1.08
N LEU A 68 -0.44 3.76 0.47
CA LEU A 68 0.77 3.33 1.13
C LEU A 68 1.94 4.20 0.70
N THR A 69 2.14 5.31 1.42
CA THR A 69 3.22 6.23 1.09
C THR A 69 4.55 5.69 1.59
N PHE A 70 5.27 4.99 0.71
CA PHE A 70 6.56 4.44 1.06
C PHE A 70 7.58 5.56 1.23
N ASP A 71 7.85 5.93 2.48
CA ASP A 71 8.82 6.98 2.76
C ASP A 71 10.23 6.52 2.42
N PHE A 72 10.70 6.95 1.25
CA PHE A 72 12.04 6.62 0.79
C PHE A 72 13.03 7.68 1.21
N GLY A 73 12.69 8.40 2.27
CA GLY A 73 13.55 9.45 2.76
C GLY A 73 13.36 10.75 2.01
N VAL A 74 12.73 10.67 0.85
CA VAL A 74 12.49 11.86 0.03
C VAL A 74 11.15 12.51 0.40
N GLY A 75 10.09 11.72 0.38
CA GLY A 75 8.77 12.24 0.73
C GLY A 75 8.15 13.08 -0.39
N THR A 76 8.94 13.98 -0.93
CA THR A 76 8.48 14.86 -2.01
C THR A 76 7.63 14.10 -3.02
N LYS A 77 8.23 13.11 -3.66
CA LYS A 77 7.54 12.31 -4.65
C LYS A 77 7.68 10.82 -4.34
N ASN A 78 7.81 10.50 -3.07
CA ASN A 78 7.95 9.13 -2.64
C ASN A 78 6.88 8.24 -3.27
N PRO A 79 7.24 7.03 -3.71
CA PRO A 79 6.31 6.09 -4.34
C PRO A 79 5.17 5.70 -3.41
N LYS A 80 4.08 6.46 -3.48
CA LYS A 80 2.90 6.19 -2.67
C LYS A 80 1.85 5.44 -3.46
N LEU A 81 1.35 4.34 -2.91
CA LEU A 81 0.34 3.54 -3.59
C LEU A 81 -1.04 3.77 -3.00
N THR A 82 -1.82 4.64 -3.64
CA THR A 82 -3.17 4.94 -3.16
C THR A 82 -4.11 3.79 -3.46
N ILE A 83 -4.50 3.07 -2.41
CA ILE A 83 -5.41 1.94 -2.56
C ILE A 83 -6.85 2.35 -2.24
N THR A 84 -7.73 2.13 -3.20
CA THR A 84 -9.13 2.47 -3.04
C THR A 84 -9.91 1.27 -2.50
N VAL A 85 -10.15 1.25 -1.20
CA VAL A 85 -10.88 0.16 -0.59
C VAL A 85 -12.37 0.39 -0.71
N LEU A 86 -13.00 -0.51 -1.46
CA LEU A 86 -14.44 -0.44 -1.71
C LEU A 86 -15.18 -1.48 -0.90
N PRO A 87 -15.26 -1.26 0.42
CA PRO A 87 -15.95 -2.15 1.34
C PRO A 87 -17.46 -2.18 1.09
N LYS A 88 -18.22 -2.53 2.13
CA LYS A 88 -19.66 -2.61 2.03
C LYS A 88 -20.26 -1.23 1.78
N ASP A 89 -21.16 -1.15 0.81
CA ASP A 89 -21.82 0.11 0.47
C ASP A 89 -23.34 -0.02 0.63
N ILE A 90 -23.98 1.08 1.00
CA ILE A 90 -25.43 1.10 1.19
C ILE A 90 -26.20 1.33 -0.11
N PRO A 91 -25.59 2.00 -1.08
CA PRO A 91 -26.21 2.30 -2.37
C PRO A 91 -26.03 1.16 -3.37
N GLY A 92 -27.12 0.78 -4.04
CA GLY A 92 -27.05 -0.28 -5.02
C GLY A 92 -27.43 -1.63 -4.42
N LEU A 93 -28.32 -1.63 -3.45
CA LEU A 93 -28.76 -2.85 -2.81
C LEU A 93 -30.19 -2.72 -2.28
N GLU A 94 -31.08 -3.57 -2.79
CA GLU A 94 -32.47 -3.55 -2.37
C GLU A 94 -33.16 -2.28 -2.86
N MET A 1 18.70 13.50 -1.94
CA MET A 1 18.77 13.01 -3.34
C MET A 1 18.83 11.49 -3.40
N GLN A 2 17.75 10.88 -3.87
CA GLN A 2 17.67 9.43 -3.97
C GLN A 2 16.94 9.00 -5.24
N ASP A 3 17.19 7.78 -5.69
CA ASP A 3 16.55 7.26 -6.89
C ASP A 3 16.04 5.84 -6.67
N PRO A 4 14.90 5.70 -5.97
CA PRO A 4 14.30 4.40 -5.68
C PRO A 4 13.32 3.97 -6.75
N THR A 5 13.18 2.66 -6.94
CA THR A 5 12.27 2.13 -7.93
C THR A 5 11.03 1.55 -7.25
N ILE A 6 9.88 1.71 -7.89
CA ILE A 6 8.63 1.22 -7.33
C ILE A 6 7.69 0.71 -8.42
N ASN A 7 6.90 -0.30 -8.07
CA ASN A 7 5.95 -0.88 -9.01
C ASN A 7 4.84 0.10 -9.36
N PRO A 8 3.58 -0.11 -9.00
CA PRO A 8 2.56 0.82 -9.40
C PRO A 8 2.22 1.84 -8.33
N THR A 9 1.09 2.52 -8.53
CA THR A 9 0.66 3.55 -7.59
C THR A 9 -0.86 3.74 -7.63
N SER A 10 -1.57 2.81 -8.26
CA SER A 10 -3.02 2.93 -8.35
C SER A 10 -3.73 1.58 -8.47
N ILE A 11 -4.70 1.36 -7.59
CA ILE A 11 -5.49 0.13 -7.59
C ILE A 11 -6.85 0.36 -6.93
N SER A 12 -7.80 -0.51 -7.22
CA SER A 12 -9.15 -0.38 -6.66
C SER A 12 -9.83 -1.72 -6.46
N ALA A 13 -10.43 -1.89 -5.30
CA ALA A 13 -11.14 -3.12 -4.96
C ALA A 13 -11.90 -2.95 -3.65
N LYS A 14 -12.74 -3.93 -3.36
CA LYS A 14 -13.53 -3.90 -2.12
C LYS A 14 -12.60 -4.13 -0.93
N ALA A 15 -12.87 -3.43 0.16
CA ALA A 15 -12.03 -3.60 1.34
C ALA A 15 -12.07 -5.03 1.83
N GLY A 16 -11.02 -5.75 1.50
CA GLY A 16 -10.92 -7.13 1.87
C GLY A 16 -10.62 -7.98 0.67
N SER A 17 -11.13 -7.59 -0.49
CA SER A 17 -10.88 -8.33 -1.70
C SER A 17 -9.42 -8.21 -2.09
N PHE A 18 -8.64 -7.59 -1.22
CA PHE A 18 -7.24 -7.43 -1.45
C PHE A 18 -6.47 -8.51 -0.76
N ALA A 19 -6.32 -9.64 -1.42
CA ALA A 19 -5.59 -10.75 -0.83
C ALA A 19 -4.12 -10.39 -0.71
N ASP A 20 -3.41 -11.06 0.19
CA ASP A 20 -1.99 -10.77 0.41
C ASP A 20 -1.32 -10.35 -0.89
N THR A 21 -0.94 -9.08 -0.96
CA THR A 21 -0.30 -8.55 -2.14
C THR A 21 1.19 -8.37 -1.92
N LYS A 22 1.88 -8.19 -3.02
CA LYS A 22 3.32 -8.01 -3.00
C LYS A 22 3.74 -6.84 -3.87
N ILE A 23 4.80 -6.15 -3.45
CA ILE A 23 5.32 -5.01 -4.17
C ILE A 23 6.84 -5.03 -4.19
N THR A 24 7.43 -4.34 -5.16
CA THR A 24 8.89 -4.30 -5.26
C THR A 24 9.40 -2.86 -5.15
N LEU A 25 10.10 -2.58 -4.06
CA LEU A 25 10.64 -1.24 -3.84
C LEU A 25 12.17 -1.27 -3.87
N THR A 26 12.75 -0.92 -5.02
CA THR A 26 14.21 -0.93 -5.16
C THR A 26 14.84 0.20 -4.35
N PRO A 27 15.68 -0.18 -3.36
CA PRO A 27 16.37 0.75 -2.47
C PRO A 27 17.73 1.17 -3.01
N ASN A 28 18.05 0.67 -4.19
CA ASN A 28 19.31 0.89 -4.88
C ASN A 28 19.80 2.30 -4.68
N GLY A 29 20.16 2.55 -3.44
CA GLY A 29 20.66 3.84 -3.03
C GLY A 29 19.76 4.48 -1.99
N ASN A 30 18.47 4.17 -2.07
CA ASN A 30 17.48 4.69 -1.15
C ASN A 30 17.10 3.64 -0.14
N THR A 31 16.39 4.06 0.92
CA THR A 31 15.96 3.15 1.95
C THR A 31 14.48 3.35 2.27
N PHE A 32 13.86 2.33 2.84
CA PHE A 32 12.44 2.38 3.18
C PHE A 32 12.25 2.39 4.69
N ASN A 33 11.45 3.33 5.17
CA ASN A 33 11.17 3.45 6.60
C ASN A 33 9.83 2.81 6.93
N GLY A 34 8.94 2.79 5.96
CA GLY A 34 7.62 2.20 6.15
C GLY A 34 6.50 3.15 5.76
N ILE A 35 5.27 2.64 5.76
CA ILE A 35 4.12 3.44 5.41
C ILE A 35 3.39 3.85 6.68
N SER A 36 3.65 5.08 7.12
CA SER A 36 3.04 5.61 8.33
C SER A 36 1.52 5.60 8.23
N GLU A 37 1.01 6.03 7.09
CA GLU A 37 -0.43 6.03 6.88
C GLU A 37 -1.01 4.70 7.34
N LEU A 38 -0.16 3.67 7.27
CA LEU A 38 -0.53 2.33 7.72
C LEU A 38 0.67 1.66 8.37
N GLN A 39 0.81 1.86 9.69
CA GLN A 39 1.89 1.33 10.48
C GLN A 39 2.36 0.00 9.93
N SER A 40 3.33 0.16 9.08
CA SER A 40 4.02 -0.93 8.36
C SER A 40 3.46 -2.31 8.65
N SER A 41 3.18 -2.57 9.92
CA SER A 41 2.63 -3.85 10.32
C SER A 41 1.49 -4.28 9.40
N GLN A 42 0.85 -3.29 8.79
CA GLN A 42 -0.26 -3.54 7.87
C GLN A 42 0.17 -4.48 6.76
N TYR A 43 1.41 -4.36 6.38
CA TYR A 43 2.00 -5.17 5.32
C TYR A 43 3.21 -5.95 5.83
N THR A 44 3.88 -6.60 4.90
CA THR A 44 5.05 -7.38 5.20
C THR A 44 6.18 -6.99 4.26
N LYS A 45 6.95 -6.02 4.71
CA LYS A 45 8.07 -5.49 3.95
C LYS A 45 9.19 -6.51 3.83
N GLY A 46 10.14 -6.22 2.95
CA GLY A 46 11.27 -7.09 2.74
C GLY A 46 12.48 -6.33 2.23
N THR A 47 13.07 -5.52 3.11
CA THR A 47 14.24 -4.71 2.78
C THR A 47 14.30 -4.34 1.30
N ASN A 48 13.17 -3.94 0.76
CA ASN A 48 13.09 -3.55 -0.65
C ASN A 48 11.69 -3.77 -1.17
N GLU A 49 11.10 -4.85 -0.73
CA GLU A 49 9.76 -5.21 -1.17
C GLU A 49 8.73 -5.05 -0.08
N VAL A 50 7.46 -4.99 -0.48
CA VAL A 50 6.37 -4.84 0.47
C VAL A 50 5.20 -5.73 0.09
N THR A 51 4.69 -6.46 1.06
CA THR A 51 3.57 -7.36 0.83
C THR A 51 2.34 -6.95 1.65
N LEU A 52 1.27 -6.57 0.96
CA LEU A 52 0.04 -6.16 1.63
C LEU A 52 -0.61 -7.35 2.31
N LEU A 53 -1.16 -7.13 3.50
CA LEU A 53 -1.81 -8.21 4.22
C LEU A 53 -3.33 -8.06 4.20
N ALA A 54 -3.97 -8.78 3.28
CA ALA A 54 -5.42 -8.75 3.12
C ALA A 54 -6.16 -8.62 4.46
N SER A 55 -5.51 -8.97 5.55
CA SER A 55 -6.13 -8.90 6.87
C SER A 55 -6.34 -7.46 7.32
N TYR A 56 -5.32 -6.65 7.15
CA TYR A 56 -5.36 -5.25 7.54
C TYR A 56 -6.26 -4.47 6.59
N LEU A 57 -5.89 -4.52 5.33
CA LEU A 57 -6.65 -3.82 4.30
C LEU A 57 -8.11 -4.21 4.35
N ASN A 58 -8.37 -5.47 4.67
CA ASN A 58 -9.75 -5.94 4.76
C ASN A 58 -10.47 -5.23 5.90
N THR A 59 -9.70 -4.78 6.88
CA THR A 59 -10.25 -4.08 8.03
C THR A 59 -10.37 -2.59 7.76
N LEU A 60 -9.55 -2.09 6.82
CA LEU A 60 -9.57 -0.68 6.48
C LEU A 60 -11.00 -0.15 6.40
N PRO A 61 -11.17 1.17 6.61
CA PRO A 61 -12.50 1.81 6.58
C PRO A 61 -13.21 1.66 5.23
N GLU A 62 -14.44 2.17 5.17
CA GLU A 62 -15.25 2.12 3.97
C GLU A 62 -14.53 2.74 2.79
N ASN A 63 -15.29 2.98 1.72
CA ASN A 63 -14.76 3.54 0.50
C ASN A 63 -13.72 4.62 0.77
N THR A 64 -12.55 4.18 1.22
CA THR A 64 -11.46 5.11 1.52
C THR A 64 -10.31 4.93 0.54
N THR A 65 -9.53 5.99 0.35
CA THR A 65 -8.39 5.94 -0.55
C THR A 65 -7.15 5.42 0.14
N LYS A 66 -7.00 4.11 0.09
CA LYS A 66 -5.86 3.44 0.70
C LYS A 66 -4.58 3.82 -0.03
N THR A 67 -4.05 5.01 0.28
CA THR A 67 -2.84 5.51 -0.34
C THR A 67 -1.61 5.09 0.44
N LEU A 68 -0.99 4.00 0.01
CA LEU A 68 0.20 3.49 0.65
C LEU A 68 1.38 4.41 0.41
N THR A 69 1.70 5.22 1.41
CA THR A 69 2.82 6.15 1.27
C THR A 69 4.10 5.55 1.84
N PHE A 70 4.90 4.95 0.97
CA PHE A 70 6.15 4.34 1.38
C PHE A 70 7.21 5.39 1.64
N ASP A 71 7.51 5.64 2.92
CA ASP A 71 8.50 6.64 3.29
C ASP A 71 9.90 6.18 2.92
N PHE A 72 10.36 6.63 1.76
CA PHE A 72 11.68 6.30 1.26
C PHE A 72 12.67 7.41 1.58
N GLY A 73 12.39 8.16 2.64
CA GLY A 73 13.26 9.25 3.02
C GLY A 73 13.11 10.46 2.13
N VAL A 74 12.37 10.31 1.03
CA VAL A 74 12.15 11.39 0.10
C VAL A 74 10.66 11.55 -0.19
N GLY A 75 9.87 11.57 0.86
CA GLY A 75 8.41 11.71 0.72
C GLY A 75 8.01 12.57 -0.46
N THR A 76 8.81 13.59 -0.73
CA THR A 76 8.55 14.51 -1.84
C THR A 76 8.03 13.77 -3.06
N LYS A 77 8.75 12.73 -3.48
CA LYS A 77 8.36 11.97 -4.65
C LYS A 77 8.38 10.47 -4.36
N ASN A 78 8.49 10.12 -3.09
CA ASN A 78 8.51 8.72 -2.67
C ASN A 78 7.48 7.90 -3.44
N PRO A 79 7.60 6.57 -3.39
CA PRO A 79 6.67 5.67 -4.07
C PRO A 79 5.38 5.47 -3.30
N LYS A 80 4.38 6.29 -3.63
CA LYS A 80 3.08 6.21 -2.99
C LYS A 80 2.16 5.36 -3.86
N LEU A 81 1.20 4.68 -3.24
CA LEU A 81 0.28 3.86 -4.00
C LEU A 81 -1.15 4.11 -3.55
N THR A 82 -1.97 4.64 -4.45
CA THR A 82 -3.35 4.94 -4.10
C THR A 82 -4.28 3.78 -4.40
N ILE A 83 -4.88 3.24 -3.35
CA ILE A 83 -5.80 2.13 -3.50
C ILE A 83 -7.22 2.57 -3.15
N THR A 84 -8.20 1.92 -3.75
CA THR A 84 -9.59 2.25 -3.50
C THR A 84 -10.26 1.13 -2.70
N VAL A 85 -10.31 1.31 -1.38
CA VAL A 85 -10.93 0.33 -0.51
C VAL A 85 -12.42 0.61 -0.35
N LEU A 86 -13.23 -0.08 -1.13
CA LEU A 86 -14.68 0.11 -1.08
C LEU A 86 -15.28 -0.58 0.15
N PRO A 87 -16.49 -0.16 0.56
CA PRO A 87 -17.17 -0.74 1.71
C PRO A 87 -17.66 -2.16 1.45
N LYS A 88 -17.98 -2.87 2.53
CA LYS A 88 -18.46 -4.24 2.41
C LYS A 88 -19.80 -4.30 1.69
N ASP A 89 -20.20 -5.51 1.31
CA ASP A 89 -21.46 -5.71 0.61
C ASP A 89 -22.51 -6.29 1.54
N ILE A 90 -23.78 -6.16 1.16
CA ILE A 90 -24.88 -6.67 1.96
C ILE A 90 -25.54 -7.87 1.28
N PRO A 91 -25.87 -8.91 2.06
CA PRO A 91 -26.51 -10.13 1.54
C PRO A 91 -27.95 -9.88 1.11
N GLY A 92 -28.38 -10.59 0.08
CA GLY A 92 -29.74 -10.44 -0.42
C GLY A 92 -29.78 -9.69 -1.73
N LEU A 93 -28.96 -8.65 -1.85
CA LEU A 93 -28.92 -7.84 -3.07
C LEU A 93 -27.99 -6.64 -2.89
N GLU A 94 -27.23 -6.33 -3.93
CA GLU A 94 -26.29 -5.21 -3.89
C GLU A 94 -27.05 -3.89 -3.80
N MET A 1 18.68 13.43 -4.14
CA MET A 1 18.84 13.00 -5.55
C MET A 1 18.76 11.48 -5.67
N GLN A 2 17.73 10.89 -5.09
CA GLN A 2 17.55 9.44 -5.13
C GLN A 2 16.43 9.07 -6.09
N ASP A 3 16.39 7.79 -6.47
CA ASP A 3 15.36 7.30 -7.38
C ASP A 3 14.85 5.92 -6.95
N PRO A 4 13.88 5.89 -6.01
CA PRO A 4 13.31 4.64 -5.52
C PRO A 4 12.40 3.98 -6.56
N THR A 5 12.42 2.65 -6.62
CA THR A 5 11.60 1.94 -7.59
C THR A 5 10.78 0.84 -6.91
N ILE A 6 9.45 0.94 -7.00
CA ILE A 6 8.59 -0.05 -6.38
C ILE A 6 7.26 -0.16 -7.12
N ASN A 7 6.34 -0.90 -6.50
CA ASN A 7 5.00 -1.15 -7.04
C ASN A 7 4.41 0.10 -7.69
N PRO A 8 3.31 -0.09 -8.43
CA PRO A 8 2.62 0.99 -9.12
C PRO A 8 2.18 2.11 -8.18
N THR A 9 1.10 2.78 -8.54
CA THR A 9 0.60 3.88 -7.73
C THR A 9 -0.93 3.99 -7.80
N SER A 10 -1.59 3.05 -8.46
CA SER A 10 -3.04 3.08 -8.58
C SER A 10 -3.67 1.69 -8.54
N ILE A 11 -4.70 1.57 -7.71
CA ILE A 11 -5.44 0.32 -7.56
C ILE A 11 -6.79 0.57 -6.89
N SER A 12 -7.80 -0.19 -7.27
CA SER A 12 -9.13 -0.02 -6.68
C SER A 12 -9.85 -1.35 -6.49
N ALA A 13 -10.45 -1.50 -5.32
CA ALA A 13 -11.20 -2.71 -4.98
C ALA A 13 -11.94 -2.50 -3.67
N LYS A 14 -12.95 -3.33 -3.41
CA LYS A 14 -13.70 -3.23 -2.19
C LYS A 14 -12.83 -3.69 -1.02
N ALA A 15 -13.10 -3.18 0.16
CA ALA A 15 -12.32 -3.55 1.33
C ALA A 15 -12.42 -5.03 1.60
N GLY A 16 -11.37 -5.73 1.25
CA GLY A 16 -11.30 -7.15 1.44
C GLY A 16 -10.88 -7.86 0.18
N SER A 17 -11.29 -7.32 -0.97
CA SER A 17 -10.94 -7.91 -2.24
C SER A 17 -9.45 -7.76 -2.48
N PHE A 18 -8.75 -7.27 -1.50
CA PHE A 18 -7.34 -7.07 -1.60
C PHE A 18 -6.60 -8.18 -0.91
N ALA A 19 -6.50 -9.31 -1.59
CA ALA A 19 -5.81 -10.47 -1.02
C ALA A 19 -4.32 -10.18 -0.90
N ASP A 20 -3.64 -10.90 -0.02
CA ASP A 20 -2.22 -10.70 0.20
C ASP A 20 -1.53 -10.31 -1.10
N THR A 21 -0.95 -9.10 -1.12
CA THR A 21 -0.29 -8.60 -2.31
C THR A 21 1.13 -8.18 -2.02
N LYS A 22 2.07 -8.77 -2.74
CA LYS A 22 3.47 -8.46 -2.56
C LYS A 22 3.86 -7.22 -3.35
N ILE A 23 5.06 -6.75 -3.10
CA ILE A 23 5.58 -5.57 -3.75
C ILE A 23 7.11 -5.56 -3.73
N THR A 24 7.71 -4.76 -4.60
CA THR A 24 9.16 -4.66 -4.67
C THR A 24 9.64 -3.29 -4.19
N LEU A 25 10.41 -3.28 -3.11
CA LEU A 25 10.93 -2.04 -2.56
C LEU A 25 12.36 -1.79 -3.03
N THR A 26 12.52 -1.39 -4.29
CA THR A 26 13.84 -1.13 -4.85
C THR A 26 14.47 0.12 -4.22
N PRO A 27 15.51 -0.10 -3.37
CA PRO A 27 16.23 0.96 -2.67
C PRO A 27 17.47 1.42 -3.42
N ASN A 28 17.63 0.87 -4.61
CA ASN A 28 18.76 1.12 -5.49
C ASN A 28 19.20 2.55 -5.43
N GLY A 29 19.73 2.88 -4.27
CA GLY A 29 20.22 4.22 -4.01
C GLY A 29 19.45 4.91 -2.90
N ASN A 30 18.19 4.54 -2.77
CA ASN A 30 17.30 5.10 -1.76
C ASN A 30 17.04 4.11 -0.65
N THR A 31 16.47 4.59 0.45
CA THR A 31 16.15 3.75 1.60
C THR A 31 14.68 3.86 1.92
N PHE A 32 14.15 2.85 2.59
CA PHE A 32 12.73 2.82 2.96
C PHE A 32 12.56 2.81 4.48
N ASN A 33 11.56 3.54 4.96
CA ASN A 33 11.28 3.61 6.38
C ASN A 33 9.96 2.92 6.72
N GLY A 34 8.97 3.08 5.85
CA GLY A 34 7.69 2.45 6.07
C GLY A 34 6.53 3.32 5.60
N ILE A 35 5.37 2.70 5.39
CA ILE A 35 4.19 3.42 4.95
C ILE A 35 3.27 3.69 6.15
N SER A 36 3.35 4.90 6.67
CA SER A 36 2.56 5.30 7.84
C SER A 36 1.08 5.15 7.61
N GLU A 37 0.63 5.46 6.40
CA GLU A 37 -0.75 5.32 6.06
C GLU A 37 -1.26 4.00 6.62
N LEU A 38 -0.34 3.04 6.70
CA LEU A 38 -0.64 1.74 7.22
C LEU A 38 0.57 1.18 7.97
N GLN A 39 0.56 1.36 9.28
CA GLN A 39 1.62 0.94 10.17
C GLN A 39 2.30 -0.29 9.66
N SER A 40 3.32 0.01 8.87
CA SER A 40 4.20 -0.96 8.20
C SER A 40 3.93 -2.40 8.61
N SER A 41 3.69 -2.61 9.89
CA SER A 41 3.41 -3.94 10.39
C SER A 41 2.21 -4.58 9.69
N GLN A 42 1.37 -3.78 9.02
CA GLN A 42 0.21 -4.30 8.35
C GLN A 42 0.58 -5.11 7.10
N TYR A 43 1.80 -4.94 6.65
CA TYR A 43 2.32 -5.67 5.49
C TYR A 43 3.57 -6.45 5.86
N THR A 44 4.19 -7.02 4.85
CA THR A 44 5.40 -7.81 5.03
C THR A 44 6.54 -7.21 4.24
N LYS A 45 7.16 -6.19 4.82
CA LYS A 45 8.29 -5.50 4.20
C LYS A 45 9.51 -6.41 4.17
N GLY A 46 10.44 -6.08 3.29
CA GLY A 46 11.66 -6.85 3.17
C GLY A 46 12.74 -6.11 2.41
N THR A 47 13.22 -5.01 3.02
CA THR A 47 14.28 -4.18 2.42
C THR A 47 14.53 -4.55 0.96
N ASN A 48 13.49 -4.42 0.15
CA ASN A 48 13.54 -4.75 -1.27
C ASN A 48 12.20 -5.26 -1.74
N GLU A 49 11.37 -5.64 -0.78
CA GLU A 49 10.04 -6.14 -1.07
C GLU A 49 9.08 -5.82 0.06
N VAL A 50 7.80 -5.89 -0.24
CA VAL A 50 6.75 -5.62 0.73
C VAL A 50 5.46 -6.31 0.33
N THR A 51 4.81 -6.93 1.29
CA THR A 51 3.57 -7.65 1.01
C THR A 51 2.41 -7.22 1.92
N LEU A 52 1.41 -6.58 1.33
CA LEU A 52 0.25 -6.15 2.07
C LEU A 52 -0.57 -7.34 2.49
N LEU A 53 -1.17 -7.27 3.67
CA LEU A 53 -1.97 -8.38 4.11
C LEU A 53 -3.47 -8.07 4.08
N ALA A 54 -4.16 -8.76 3.18
CA ALA A 54 -5.60 -8.61 3.02
C ALA A 54 -6.34 -8.54 4.35
N SER A 55 -5.67 -8.92 5.43
CA SER A 55 -6.29 -8.90 6.75
C SER A 55 -6.51 -7.48 7.24
N TYR A 56 -5.48 -6.65 7.11
CA TYR A 56 -5.55 -5.27 7.54
C TYR A 56 -6.42 -4.48 6.58
N LEU A 57 -6.05 -4.52 5.32
CA LEU A 57 -6.78 -3.80 4.30
C LEU A 57 -8.25 -4.19 4.29
N ASN A 58 -8.53 -5.46 4.55
CA ASN A 58 -9.90 -5.93 4.58
C ASN A 58 -10.67 -5.27 5.73
N THR A 59 -9.93 -4.92 6.78
CA THR A 59 -10.53 -4.27 7.95
C THR A 59 -10.62 -2.76 7.75
N LEU A 60 -9.78 -2.24 6.87
CA LEU A 60 -9.77 -0.80 6.59
C LEU A 60 -11.19 -0.23 6.58
N PRO A 61 -11.32 1.09 6.82
CA PRO A 61 -12.62 1.76 6.85
C PRO A 61 -13.40 1.58 5.54
N GLU A 62 -14.56 2.24 5.46
CA GLU A 62 -15.40 2.16 4.27
C GLU A 62 -14.73 2.78 3.07
N ASN A 63 -15.53 3.03 2.04
CA ASN A 63 -15.06 3.60 0.80
C ASN A 63 -14.01 4.68 1.03
N THR A 64 -12.83 4.24 1.42
CA THR A 64 -11.72 5.15 1.68
C THR A 64 -10.59 4.92 0.70
N THR A 65 -9.89 5.99 0.33
CA THR A 65 -8.78 5.89 -0.61
C THR A 65 -7.47 5.61 0.11
N LYS A 66 -7.21 4.35 0.37
CA LYS A 66 -5.99 3.93 1.04
C LYS A 66 -4.78 4.25 0.17
N THR A 67 -3.91 5.10 0.68
CA THR A 67 -2.71 5.49 -0.07
C THR A 67 -1.47 4.86 0.54
N LEU A 68 -0.75 4.06 -0.25
CA LEU A 68 0.46 3.41 0.24
C LEU A 68 1.71 4.23 -0.08
N THR A 69 2.02 5.20 0.78
CA THR A 69 3.19 6.05 0.58
C THR A 69 4.40 5.51 1.35
N PHE A 70 5.30 4.88 0.64
CA PHE A 70 6.50 4.33 1.24
C PHE A 70 7.46 5.47 1.59
N ASP A 71 7.70 5.67 2.88
CA ASP A 71 8.61 6.72 3.31
C ASP A 71 10.03 6.41 2.91
N PHE A 72 10.36 6.84 1.71
CA PHE A 72 11.68 6.63 1.15
C PHE A 72 12.57 7.83 1.42
N GLY A 73 12.22 8.61 2.43
CA GLY A 73 12.99 9.79 2.76
C GLY A 73 13.25 10.68 1.56
N VAL A 74 12.45 10.47 0.51
CA VAL A 74 12.59 11.26 -0.71
C VAL A 74 11.37 12.16 -0.92
N GLY A 75 10.21 11.70 -0.46
CA GLY A 75 8.99 12.47 -0.62
C GLY A 75 8.62 12.70 -2.07
N THR A 76 9.33 13.62 -2.70
CA THR A 76 9.09 13.96 -4.11
C THR A 76 8.97 12.70 -4.96
N LYS A 77 10.04 11.93 -5.03
CA LYS A 77 10.06 10.70 -5.81
C LYS A 77 9.56 9.52 -4.98
N ASN A 78 8.99 9.81 -3.83
CA ASN A 78 8.47 8.77 -2.95
C ASN A 78 7.30 8.04 -3.60
N PRO A 79 7.46 6.76 -3.96
CA PRO A 79 6.42 5.96 -4.58
C PRO A 79 5.15 5.92 -3.76
N LYS A 80 4.19 6.76 -4.12
CA LYS A 80 2.92 6.83 -3.40
C LYS A 80 1.89 5.94 -4.09
N LEU A 81 1.33 4.99 -3.34
CA LEU A 81 0.34 4.08 -3.89
C LEU A 81 -1.06 4.60 -3.59
N THR A 82 -1.96 4.46 -4.55
CA THR A 82 -3.32 4.91 -4.36
C THR A 82 -4.30 3.76 -4.47
N ILE A 83 -4.50 3.06 -3.34
CA ILE A 83 -5.40 1.93 -3.28
C ILE A 83 -6.71 2.32 -2.61
N THR A 84 -7.81 2.27 -3.36
CA THR A 84 -9.12 2.63 -2.85
C THR A 84 -9.88 1.41 -2.34
N VAL A 85 -10.24 1.45 -1.07
CA VAL A 85 -10.97 0.35 -0.44
C VAL A 85 -12.46 0.70 -0.31
N LEU A 86 -13.28 0.03 -1.10
CA LEU A 86 -14.72 0.27 -1.06
C LEU A 86 -15.34 -0.38 0.18
N PRO A 87 -16.64 -0.13 0.42
CA PRO A 87 -17.33 -0.68 1.58
C PRO A 87 -17.83 -2.11 1.34
N LYS A 88 -18.25 -2.76 2.42
CA LYS A 88 -18.77 -4.13 2.33
C LYS A 88 -20.05 -4.19 1.51
N ASP A 89 -20.45 -5.39 1.16
CA ASP A 89 -21.66 -5.60 0.38
C ASP A 89 -22.83 -5.98 1.27
N ILE A 90 -23.95 -6.37 0.66
CA ILE A 90 -25.13 -6.75 1.41
C ILE A 90 -25.92 -7.84 0.67
N PRO A 91 -26.38 -8.87 1.40
CA PRO A 91 -27.15 -9.98 0.81
C PRO A 91 -28.55 -9.54 0.39
N GLY A 92 -29.12 -10.26 -0.58
CA GLY A 92 -30.44 -9.94 -1.05
C GLY A 92 -30.69 -10.43 -2.48
N LEU A 93 -29.63 -10.44 -3.28
CA LEU A 93 -29.72 -10.89 -4.66
C LEU A 93 -28.35 -11.21 -5.23
N GLU A 94 -27.97 -12.48 -5.16
CA GLU A 94 -26.67 -12.92 -5.66
C GLU A 94 -26.60 -14.44 -5.72
N MET A 1 18.08 13.70 -5.78
CA MET A 1 18.72 13.13 -4.56
C MET A 1 18.87 11.62 -4.69
N GLN A 2 17.79 10.90 -4.45
CA GLN A 2 17.81 9.44 -4.53
C GLN A 2 17.14 8.96 -5.81
N ASP A 3 17.34 7.68 -6.15
CA ASP A 3 16.75 7.10 -7.34
C ASP A 3 16.00 5.81 -7.00
N PRO A 4 14.95 5.92 -6.17
CA PRO A 4 14.14 4.78 -5.76
C PRO A 4 13.03 4.48 -6.75
N THR A 5 12.60 3.22 -6.79
CA THR A 5 11.54 2.83 -7.70
C THR A 5 10.53 1.91 -7.00
N ILE A 6 9.36 1.75 -7.62
CA ILE A 6 8.31 0.90 -7.08
C ILE A 6 7.39 0.39 -8.18
N ASN A 7 6.66 -0.67 -7.88
CA ASN A 7 5.74 -1.25 -8.86
C ASN A 7 4.67 -0.26 -9.28
N PRO A 8 3.43 -0.32 -8.79
CA PRO A 8 2.45 0.59 -9.26
C PRO A 8 2.16 1.71 -8.27
N THR A 9 1.10 2.46 -8.53
CA THR A 9 0.71 3.56 -7.65
C THR A 9 -0.80 3.79 -7.67
N SER A 10 -1.54 2.89 -8.32
CA SER A 10 -2.99 3.04 -8.39
C SER A 10 -3.70 1.69 -8.50
N ILE A 11 -4.73 1.52 -7.67
CA ILE A 11 -5.53 0.30 -7.65
C ILE A 11 -6.86 0.56 -6.96
N SER A 12 -7.86 -0.28 -7.23
CA SER A 12 -9.17 -0.11 -6.62
C SER A 12 -9.91 -1.44 -6.50
N ALA A 13 -10.52 -1.66 -5.34
CA ALA A 13 -11.27 -2.86 -5.07
C ALA A 13 -12.02 -2.72 -3.76
N LYS A 14 -12.92 -3.66 -3.51
CA LYS A 14 -13.70 -3.67 -2.27
C LYS A 14 -12.79 -4.02 -1.11
N ALA A 15 -12.93 -3.29 0.00
CA ALA A 15 -12.09 -3.57 1.15
C ALA A 15 -12.22 -5.01 1.56
N GLY A 16 -11.21 -5.78 1.19
CA GLY A 16 -11.20 -7.19 1.48
C GLY A 16 -10.80 -7.97 0.24
N SER A 17 -11.25 -7.50 -0.91
CA SER A 17 -10.92 -8.14 -2.16
C SER A 17 -9.45 -7.96 -2.45
N PHE A 18 -8.72 -7.42 -1.49
CA PHE A 18 -7.31 -7.19 -1.63
C PHE A 18 -6.53 -8.32 -0.98
N ALA A 19 -6.39 -9.41 -1.70
CA ALA A 19 -5.67 -10.56 -1.20
C ALA A 19 -4.19 -10.24 -1.06
N ASP A 20 -3.55 -10.86 -0.07
CA ASP A 20 -2.12 -10.63 0.19
C ASP A 20 -1.37 -10.39 -1.10
N THR A 21 -0.75 -9.21 -1.21
CA THR A 21 0.00 -8.86 -2.40
C THR A 21 1.36 -8.29 -2.04
N LYS A 22 2.38 -8.76 -2.72
CA LYS A 22 3.73 -8.33 -2.47
C LYS A 22 4.15 -7.24 -3.46
N ILE A 23 4.90 -6.28 -2.95
CA ILE A 23 5.39 -5.17 -3.75
C ILE A 23 6.90 -5.18 -3.79
N THR A 24 7.47 -4.55 -4.82
CA THR A 24 8.92 -4.50 -4.97
C THR A 24 9.41 -3.05 -5.00
N LEU A 25 10.01 -2.62 -3.89
CA LEU A 25 10.52 -1.27 -3.78
C LEU A 25 12.00 -1.22 -4.12
N THR A 26 12.33 -0.60 -5.26
CA THR A 26 13.71 -0.49 -5.70
C THR A 26 14.50 0.45 -4.80
N PRO A 27 15.44 -0.11 -4.01
CA PRO A 27 16.27 0.64 -3.08
C PRO A 27 17.61 1.04 -3.68
N ASN A 28 17.77 0.73 -4.96
CA ASN A 28 18.97 0.97 -5.74
C ASN A 28 19.61 2.29 -5.37
N GLY A 29 20.10 2.31 -4.16
CA GLY A 29 20.75 3.48 -3.61
C GLY A 29 19.92 4.16 -2.54
N ASN A 30 18.61 3.92 -2.58
CA ASN A 30 17.69 4.50 -1.62
C ASN A 30 17.32 3.50 -0.53
N THR A 31 16.68 3.99 0.52
CA THR A 31 16.27 3.15 1.63
C THR A 31 14.79 3.35 1.94
N PHE A 32 14.20 2.37 2.60
CA PHE A 32 12.79 2.42 2.97
C PHE A 32 12.63 2.40 4.49
N ASN A 33 11.76 3.26 5.00
CA ASN A 33 11.52 3.35 6.44
C ASN A 33 10.19 2.68 6.80
N GLY A 34 9.19 2.86 5.95
CA GLY A 34 7.88 2.28 6.19
C GLY A 34 6.75 3.17 5.73
N ILE A 35 5.54 2.62 5.70
CA ILE A 35 4.37 3.37 5.27
C ILE A 35 3.54 3.79 6.48
N SER A 36 3.79 4.98 6.98
CA SER A 36 3.06 5.50 8.13
C SER A 36 1.60 5.72 7.76
N GLU A 37 1.36 5.95 6.47
CA GLU A 37 0.00 6.10 6.00
C GLU A 37 -0.82 4.93 6.50
N LEU A 38 -0.12 3.82 6.70
CA LEU A 38 -0.69 2.60 7.20
C LEU A 38 0.37 1.84 8.02
N GLN A 39 0.29 2.01 9.34
CA GLN A 39 1.23 1.41 10.28
C GLN A 39 1.76 0.09 9.76
N SER A 40 2.83 0.26 9.03
CA SER A 40 3.59 -0.82 8.38
C SER A 40 3.14 -2.21 8.78
N SER A 41 2.86 -2.38 10.06
CA SER A 41 2.41 -3.68 10.57
C SER A 41 1.29 -4.24 9.69
N GLN A 42 0.61 -3.35 8.97
CA GLN A 42 -0.47 -3.73 8.08
C GLN A 42 0.01 -4.69 7.00
N TYR A 43 1.26 -4.51 6.63
CA TYR A 43 1.89 -5.33 5.60
C TYR A 43 3.07 -6.10 6.17
N THR A 44 3.83 -6.69 5.25
CA THR A 44 5.00 -7.47 5.58
C THR A 44 6.18 -6.93 4.83
N LYS A 45 6.85 -5.99 5.47
CA LYS A 45 8.02 -5.34 4.89
C LYS A 45 9.18 -6.30 4.74
N GLY A 46 9.89 -6.18 3.64
CA GLY A 46 11.03 -7.03 3.38
C GLY A 46 12.10 -6.31 2.59
N THR A 47 12.88 -5.47 3.28
CA THR A 47 13.97 -4.69 2.67
C THR A 47 13.95 -4.80 1.15
N ASN A 48 13.56 -3.69 0.49
CA ASN A 48 13.50 -3.64 -0.96
C ASN A 48 12.13 -4.08 -1.47
N GLU A 49 11.35 -4.70 -0.60
CA GLU A 49 10.02 -5.17 -0.96
C GLU A 49 9.04 -5.02 0.21
N VAL A 50 7.76 -5.10 -0.09
CA VAL A 50 6.71 -4.98 0.94
C VAL A 50 5.42 -5.62 0.46
N THR A 51 4.90 -6.56 1.24
CA THR A 51 3.65 -7.25 0.88
C THR A 51 2.51 -6.92 1.82
N LEU A 52 1.41 -6.42 1.27
CA LEU A 52 0.25 -6.09 2.10
C LEU A 52 -0.58 -7.33 2.39
N LEU A 53 -1.17 -7.39 3.58
CA LEU A 53 -1.98 -8.53 3.97
C LEU A 53 -3.47 -8.19 3.99
N ALA A 54 -4.22 -8.85 3.12
CA ALA A 54 -5.67 -8.67 3.01
C ALA A 54 -6.36 -8.62 4.37
N SER A 55 -5.65 -8.99 5.42
CA SER A 55 -6.24 -8.99 6.76
C SER A 55 -6.47 -7.57 7.24
N TYR A 56 -5.47 -6.73 7.06
CA TYR A 56 -5.58 -5.34 7.48
C TYR A 56 -6.43 -4.58 6.47
N LEU A 57 -6.00 -4.66 5.22
CA LEU A 57 -6.68 -4.01 4.14
C LEU A 57 -8.17 -4.32 4.17
N ASN A 58 -8.51 -5.58 4.44
CA ASN A 58 -9.90 -5.98 4.50
C ASN A 58 -10.61 -5.29 5.66
N THR A 59 -9.82 -4.87 6.65
CA THR A 59 -10.37 -4.21 7.83
C THR A 59 -10.45 -2.70 7.64
N LEU A 60 -9.62 -2.16 6.75
CA LEU A 60 -9.61 -0.73 6.49
C LEU A 60 -11.03 -0.17 6.42
N PRO A 61 -11.18 1.13 6.74
CA PRO A 61 -12.49 1.80 6.72
C PRO A 61 -13.25 1.60 5.42
N GLU A 62 -14.41 2.25 5.32
CA GLU A 62 -15.25 2.16 4.13
C GLU A 62 -14.57 2.78 2.93
N ASN A 63 -15.36 3.01 1.89
CA ASN A 63 -14.88 3.57 0.65
C ASN A 63 -13.83 4.64 0.87
N THR A 64 -12.65 4.22 1.30
CA THR A 64 -11.53 5.13 1.54
C THR A 64 -10.39 4.87 0.57
N THR A 65 -9.46 5.81 0.51
CA THR A 65 -8.30 5.68 -0.37
C THR A 65 -7.10 5.17 0.39
N LYS A 66 -6.95 3.86 0.46
CA LYS A 66 -5.83 3.24 1.15
C LYS A 66 -4.53 3.57 0.45
N THR A 67 -4.02 4.76 0.70
CA THR A 67 -2.78 5.21 0.10
C THR A 67 -1.58 4.79 0.93
N LEU A 68 -0.77 3.91 0.37
CA LEU A 68 0.41 3.41 1.04
C LEU A 68 1.64 4.19 0.60
N THR A 69 2.01 5.21 1.39
CA THR A 69 3.17 6.03 1.08
C THR A 69 4.43 5.44 1.70
N PHE A 70 5.23 4.75 0.90
CA PHE A 70 6.46 4.15 1.37
C PHE A 70 7.52 5.22 1.58
N ASP A 71 7.81 5.53 2.84
CA ASP A 71 8.79 6.55 3.16
C ASP A 71 10.20 6.14 2.78
N PHE A 72 10.64 6.62 1.63
CA PHE A 72 11.95 6.33 1.10
C PHE A 72 12.91 7.48 1.40
N GLY A 73 12.60 8.27 2.42
CA GLY A 73 13.44 9.39 2.78
C GLY A 73 13.52 10.44 1.68
N VAL A 74 12.74 10.25 0.62
CA VAL A 74 12.75 11.18 -0.49
C VAL A 74 11.48 12.04 -0.49
N GLY A 75 10.35 11.42 -0.18
CA GLY A 75 9.09 12.14 -0.15
C GLY A 75 8.55 12.45 -1.53
N THR A 76 9.13 13.46 -2.15
CA THR A 76 8.72 13.88 -3.48
C THR A 76 8.57 12.69 -4.43
N LYS A 77 9.67 11.98 -4.64
CA LYS A 77 9.66 10.81 -5.51
C LYS A 77 9.27 9.55 -4.76
N ASN A 78 8.79 9.72 -3.53
CA ASN A 78 8.38 8.60 -2.70
C ASN A 78 7.32 7.76 -3.40
N PRO A 79 7.59 6.47 -3.64
CA PRO A 79 6.64 5.57 -4.30
C PRO A 79 5.38 5.36 -3.48
N LYS A 80 4.33 6.09 -3.81
CA LYS A 80 3.07 5.98 -3.10
C LYS A 80 2.09 5.12 -3.90
N LEU A 81 1.31 4.30 -3.19
CA LEU A 81 0.35 3.43 -3.83
C LEU A 81 -1.07 3.72 -3.34
N THR A 82 -1.91 4.29 -4.21
CA THR A 82 -3.27 4.61 -3.83
C THR A 82 -4.23 3.49 -4.21
N ILE A 83 -4.70 2.76 -3.21
CA ILE A 83 -5.64 1.67 -3.44
C ILE A 83 -7.02 1.99 -2.84
N THR A 84 -8.03 1.99 -3.70
CA THR A 84 -9.39 2.30 -3.27
C THR A 84 -10.02 1.15 -2.51
N VAL A 85 -10.30 1.37 -1.24
CA VAL A 85 -10.92 0.36 -0.39
C VAL A 85 -12.41 0.63 -0.21
N LEU A 86 -13.23 -0.05 -0.99
CA LEU A 86 -14.67 0.11 -0.92
C LEU A 86 -15.24 -0.54 0.34
N PRO A 87 -16.44 -0.11 0.77
CA PRO A 87 -17.08 -0.67 1.96
C PRO A 87 -17.47 -2.14 1.79
N LYS A 88 -17.05 -2.97 2.71
CA LYS A 88 -17.36 -4.40 2.67
C LYS A 88 -18.82 -4.63 2.29
N ASP A 89 -19.06 -5.66 1.48
CA ASP A 89 -20.41 -5.99 1.05
C ASP A 89 -20.68 -7.49 1.17
N ILE A 90 -21.92 -7.83 1.50
CA ILE A 90 -22.30 -9.24 1.66
C ILE A 90 -23.30 -9.64 0.58
N PRO A 91 -22.80 -10.20 -0.53
CA PRO A 91 -23.65 -10.65 -1.65
C PRO A 91 -24.48 -11.88 -1.29
N GLY A 92 -25.67 -11.97 -1.87
CA GLY A 92 -26.55 -13.09 -1.60
C GLY A 92 -27.16 -13.03 -0.21
N LEU A 93 -27.52 -11.83 0.22
CA LEU A 93 -28.12 -11.64 1.54
C LEU A 93 -29.50 -12.27 1.62
N GLU A 94 -29.57 -13.58 1.41
CA GLU A 94 -30.84 -14.30 1.46
C GLU A 94 -30.64 -15.79 1.19
N MET A 1 13.46 13.27 -4.46
CA MET A 1 14.82 13.47 -3.93
C MET A 1 15.74 12.29 -4.29
N GLN A 2 15.12 11.13 -4.53
CA GLN A 2 15.87 9.93 -4.89
C GLN A 2 15.32 9.30 -6.15
N ASP A 3 15.87 8.15 -6.53
CA ASP A 3 15.43 7.44 -7.73
C ASP A 3 14.98 6.02 -7.39
N PRO A 4 14.13 5.86 -6.37
CA PRO A 4 13.62 4.55 -5.95
C PRO A 4 12.54 4.04 -6.89
N THR A 5 12.51 2.73 -7.12
CA THR A 5 11.51 2.14 -7.99
C THR A 5 10.73 1.05 -7.26
N ILE A 6 9.53 1.39 -6.80
CA ILE A 6 8.72 0.44 -6.07
C ILE A 6 7.31 0.30 -6.66
N ASN A 7 6.46 -0.39 -5.91
CA ASN A 7 5.08 -0.62 -6.30
C ASN A 7 4.45 0.58 -6.97
N PRO A 8 3.38 0.35 -7.75
CA PRO A 8 2.68 1.40 -8.47
C PRO A 8 2.21 2.53 -7.56
N THR A 9 1.19 3.26 -7.99
CA THR A 9 0.67 4.36 -7.19
C THR A 9 -0.86 4.43 -7.24
N SER A 10 -1.50 3.44 -7.84
CA SER A 10 -2.96 3.43 -7.93
C SER A 10 -3.54 2.03 -7.98
N ILE A 11 -4.55 1.79 -7.15
CA ILE A 11 -5.23 0.50 -7.08
C ILE A 11 -6.62 0.68 -6.44
N SER A 12 -7.57 -0.18 -6.83
CA SER A 12 -8.92 -0.10 -6.28
C SER A 12 -9.58 -1.48 -6.20
N ALA A 13 -10.26 -1.73 -5.10
CA ALA A 13 -10.95 -3.00 -4.87
C ALA A 13 -11.83 -2.92 -3.63
N LYS A 14 -12.73 -3.87 -3.51
CA LYS A 14 -13.62 -3.92 -2.35
C LYS A 14 -12.83 -4.33 -1.12
N ALA A 15 -13.23 -3.83 0.05
CA ALA A 15 -12.51 -4.16 1.26
C ALA A 15 -12.57 -5.65 1.53
N GLY A 16 -11.46 -6.29 1.24
CA GLY A 16 -11.35 -7.72 1.42
C GLY A 16 -10.81 -8.34 0.16
N SER A 17 -11.21 -7.82 -0.98
CA SER A 17 -10.74 -8.31 -2.24
C SER A 17 -9.27 -7.98 -2.43
N PHE A 18 -8.67 -7.49 -1.36
CA PHE A 18 -7.28 -7.12 -1.37
C PHE A 18 -6.44 -8.22 -0.76
N ALA A 19 -6.23 -9.28 -1.52
CA ALA A 19 -5.45 -10.41 -1.04
C ALA A 19 -3.99 -10.00 -0.90
N ASP A 20 -3.24 -10.74 -0.07
CA ASP A 20 -1.83 -10.44 0.16
C ASP A 20 -1.19 -9.90 -1.12
N THR A 21 -0.78 -8.63 -1.09
CA THR A 21 -0.18 -8.01 -2.26
C THR A 21 1.31 -7.77 -2.08
N LYS A 22 2.13 -8.71 -2.57
CA LYS A 22 3.57 -8.59 -2.46
C LYS A 22 4.08 -7.48 -3.38
N ILE A 23 4.57 -6.41 -2.76
CA ILE A 23 5.09 -5.27 -3.47
C ILE A 23 6.60 -5.39 -3.67
N THR A 24 7.11 -4.71 -4.70
CA THR A 24 8.54 -4.72 -4.99
C THR A 24 9.15 -3.36 -4.74
N LEU A 25 10.13 -3.30 -3.83
CA LEU A 25 10.77 -2.06 -3.49
C LEU A 25 12.20 -1.98 -4.02
N THR A 26 12.37 -1.50 -5.26
CA THR A 26 13.69 -1.38 -5.86
C THR A 26 14.47 -0.27 -5.17
N PRO A 27 15.51 -0.65 -4.40
CA PRO A 27 16.37 0.27 -3.64
C PRO A 27 17.62 0.67 -4.40
N ASN A 28 17.70 0.19 -5.64
CA ASN A 28 18.82 0.41 -6.54
C ASN A 28 19.38 1.80 -6.40
N GLY A 29 19.95 2.01 -5.24
CA GLY A 29 20.57 3.29 -4.90
C GLY A 29 19.82 4.00 -3.80
N ASN A 30 18.53 3.70 -3.67
CA ASN A 30 17.68 4.31 -2.67
C ASN A 30 17.31 3.29 -1.59
N THR A 31 16.77 3.79 -0.48
CA THR A 31 16.36 2.92 0.62
C THR A 31 14.93 3.22 1.03
N PHE A 32 14.33 2.30 1.78
CA PHE A 32 12.96 2.46 2.25
C PHE A 32 12.90 2.59 3.76
N ASN A 33 11.96 3.39 4.25
CA ASN A 33 11.79 3.61 5.68
C ASN A 33 10.50 2.96 6.18
N GLY A 34 9.39 3.26 5.51
CA GLY A 34 8.11 2.69 5.91
C GLY A 34 6.92 3.56 5.55
N ILE A 35 5.79 2.91 5.27
CA ILE A 35 4.57 3.59 4.92
C ILE A 35 3.71 3.81 6.16
N SER A 36 4.02 4.89 6.86
CA SER A 36 3.33 5.26 8.10
C SER A 36 1.87 5.56 7.86
N GLU A 37 1.54 5.93 6.65
CA GLU A 37 0.16 6.19 6.32
C GLU A 37 -0.67 5.07 6.91
N LEU A 38 -0.07 3.88 6.96
CA LEU A 38 -0.69 2.71 7.53
C LEU A 38 0.37 1.91 8.30
N GLN A 39 0.36 2.09 9.62
CA GLN A 39 1.32 1.47 10.51
C GLN A 39 1.76 0.13 10.01
N SER A 40 2.87 0.22 9.33
CA SER A 40 3.59 -0.88 8.69
C SER A 40 3.00 -2.25 9.02
N SER A 41 2.62 -2.44 10.27
CA SER A 41 2.05 -3.71 10.70
C SER A 41 0.95 -4.16 9.75
N GLN A 42 0.37 -3.20 9.01
CA GLN A 42 -0.69 -3.50 8.06
C GLN A 42 -0.19 -4.44 6.96
N TYR A 43 1.08 -4.30 6.66
CA TYR A 43 1.73 -5.11 5.64
C TYR A 43 2.91 -5.88 6.21
N THR A 44 3.70 -6.42 5.31
CA THR A 44 4.87 -7.20 5.66
C THR A 44 6.04 -6.77 4.80
N LYS A 45 6.80 -5.83 5.32
CA LYS A 45 7.95 -5.27 4.63
C LYS A 45 9.07 -6.31 4.52
N GLY A 46 10.01 -6.06 3.62
CA GLY A 46 11.13 -6.96 3.42
C GLY A 46 12.25 -6.31 2.63
N THR A 47 13.01 -5.45 3.31
CA THR A 47 14.14 -4.73 2.70
C THR A 47 14.17 -4.89 1.18
N ASN A 48 13.76 -3.84 0.46
CA ASN A 48 13.73 -3.86 -1.00
C ASN A 48 12.40 -4.40 -1.49
N GLU A 49 11.58 -4.91 -0.57
CA GLU A 49 10.28 -5.46 -0.92
C GLU A 49 9.31 -5.33 0.24
N VAL A 50 8.03 -5.57 -0.04
CA VAL A 50 7.00 -5.48 0.98
C VAL A 50 5.79 -6.32 0.56
N THR A 51 4.89 -6.58 1.50
CA THR A 51 3.72 -7.37 1.18
C THR A 51 2.48 -6.87 1.93
N LEU A 52 1.48 -6.42 1.17
CA LEU A 52 0.23 -5.94 1.77
C LEU A 52 -0.52 -7.11 2.35
N LEU A 53 -1.07 -6.94 3.55
CA LEU A 53 -1.78 -8.03 4.17
C LEU A 53 -3.29 -7.85 4.06
N ALA A 54 -3.91 -8.66 3.22
CA ALA A 54 -5.35 -8.62 3.01
C ALA A 54 -6.13 -8.49 4.31
N SER A 55 -5.47 -8.73 5.44
CA SER A 55 -6.12 -8.63 6.74
C SER A 55 -6.44 -7.19 7.09
N TYR A 56 -5.46 -6.32 6.91
CA TYR A 56 -5.66 -4.90 7.19
C TYR A 56 -6.52 -4.29 6.11
N LEU A 57 -6.04 -4.38 4.89
CA LEU A 57 -6.76 -3.85 3.75
C LEU A 57 -8.21 -4.27 3.80
N ASN A 58 -8.45 -5.52 4.16
CA ASN A 58 -9.82 -6.02 4.26
C ASN A 58 -10.55 -5.30 5.39
N THR A 59 -9.79 -4.87 6.38
CA THR A 59 -10.34 -4.17 7.53
C THR A 59 -10.83 -2.79 7.13
N LEU A 60 -10.07 -2.14 6.25
CA LEU A 60 -10.42 -0.80 5.77
C LEU A 60 -11.93 -0.63 5.61
N PRO A 61 -12.47 0.54 5.98
CA PRO A 61 -13.90 0.83 5.87
C PRO A 61 -14.33 0.97 4.42
N GLU A 62 -15.46 1.65 4.23
CA GLU A 62 -16.02 1.89 2.90
C GLU A 62 -15.00 2.52 1.98
N ASN A 63 -15.50 3.07 0.88
CA ASN A 63 -14.69 3.70 -0.13
C ASN A 63 -13.55 4.51 0.45
N THR A 64 -12.58 3.83 1.05
CA THR A 64 -11.43 4.49 1.63
C THR A 64 -10.29 4.58 0.62
N THR A 65 -9.35 5.49 0.85
CA THR A 65 -8.22 5.66 -0.07
C THR A 65 -6.91 5.24 0.59
N LYS A 66 -6.73 3.94 0.74
CA LYS A 66 -5.53 3.39 1.32
C LYS A 66 -4.30 3.92 0.61
N THR A 67 -3.63 4.84 1.26
CA THR A 67 -2.43 5.44 0.69
C THR A 67 -1.18 4.84 1.28
N LEU A 68 -0.43 4.14 0.45
CA LEU A 68 0.80 3.49 0.87
C LEU A 68 2.00 4.38 0.56
N THR A 69 2.21 5.42 1.36
CA THR A 69 3.33 6.32 1.14
C THR A 69 4.62 5.74 1.70
N PHE A 70 5.37 5.04 0.86
CA PHE A 70 6.62 4.44 1.27
C PHE A 70 7.67 5.51 1.54
N ASP A 71 7.99 5.74 2.81
CA ASP A 71 8.99 6.74 3.16
C ASP A 71 10.37 6.27 2.73
N PHE A 72 10.73 6.65 1.52
CA PHE A 72 12.02 6.29 0.94
C PHE A 72 13.04 7.39 1.18
N GLY A 73 12.81 8.17 2.23
CA GLY A 73 13.71 9.25 2.55
C GLY A 73 13.43 10.51 1.76
N VAL A 74 12.70 10.37 0.67
CA VAL A 74 12.36 11.50 -0.17
C VAL A 74 11.13 12.24 0.37
N GLY A 75 10.07 11.48 0.62
CA GLY A 75 8.84 12.07 1.13
C GLY A 75 8.08 12.87 0.10
N THR A 76 8.73 13.88 -0.43
CA THR A 76 8.13 14.75 -1.44
C THR A 76 7.48 13.95 -2.56
N LYS A 77 8.30 13.24 -3.31
CA LYS A 77 7.81 12.45 -4.43
C LYS A 77 7.87 10.96 -4.14
N ASN A 78 7.89 10.60 -2.86
CA ASN A 78 7.95 9.22 -2.46
C ASN A 78 6.80 8.42 -3.10
N PRO A 79 7.11 7.24 -3.66
CA PRO A 79 6.10 6.39 -4.31
C PRO A 79 4.98 5.99 -3.35
N LYS A 80 3.86 6.70 -3.41
CA LYS A 80 2.71 6.40 -2.56
C LYS A 80 1.70 5.55 -3.31
N LEU A 81 1.44 4.36 -2.80
CA LEU A 81 0.49 3.44 -3.41
C LEU A 81 -0.95 3.80 -3.07
N THR A 82 -1.65 4.43 -4.00
CA THR A 82 -3.03 4.80 -3.76
C THR A 82 -3.94 3.59 -3.92
N ILE A 83 -4.69 3.29 -2.87
CA ILE A 83 -5.60 2.16 -2.86
C ILE A 83 -7.02 2.59 -2.54
N THR A 84 -7.98 2.08 -3.29
CA THR A 84 -9.38 2.41 -3.08
C THR A 84 -10.16 1.21 -2.56
N VAL A 85 -10.33 1.16 -1.24
CA VAL A 85 -11.05 0.06 -0.62
C VAL A 85 -12.53 0.39 -0.49
N LEU A 86 -13.37 -0.51 -0.98
CA LEU A 86 -14.82 -0.33 -0.93
C LEU A 86 -15.41 -1.00 0.31
N PRO A 87 -16.64 -0.62 0.71
CA PRO A 87 -17.31 -1.20 1.86
C PRO A 87 -17.90 -2.55 1.56
N LYS A 88 -18.33 -2.70 0.33
CA LYS A 88 -18.93 -3.95 -0.15
C LYS A 88 -18.17 -5.16 0.37
N ASP A 89 -18.80 -6.33 0.28
CA ASP A 89 -18.18 -7.57 0.74
C ASP A 89 -18.85 -8.78 0.12
N ILE A 90 -18.06 -9.81 -0.17
CA ILE A 90 -18.58 -11.03 -0.77
C ILE A 90 -18.37 -12.23 0.14
N PRO A 91 -19.20 -12.36 1.20
CA PRO A 91 -19.10 -13.47 2.14
C PRO A 91 -19.52 -14.80 1.53
N GLY A 92 -18.99 -15.89 2.07
CA GLY A 92 -19.33 -17.21 1.57
C GLY A 92 -19.17 -17.30 0.07
N LEU A 93 -18.10 -16.73 -0.47
CA LEU A 93 -17.84 -16.76 -1.89
C LEU A 93 -17.96 -18.17 -2.45
N GLU A 94 -19.14 -18.51 -2.93
CA GLU A 94 -19.39 -19.84 -3.49
C GLU A 94 -18.32 -20.20 -4.51
N MET A 1 14.75 13.19 -2.43
CA MET A 1 15.99 13.62 -3.14
C MET A 1 16.67 12.43 -3.81
N GLN A 2 15.90 11.40 -4.11
CA GLN A 2 16.43 10.20 -4.76
C GLN A 2 15.48 9.71 -5.84
N ASP A 3 15.86 8.62 -6.49
CA ASP A 3 15.05 8.03 -7.56
C ASP A 3 14.51 6.67 -7.15
N PRO A 4 13.70 6.62 -6.08
CA PRO A 4 13.12 5.37 -5.59
C PRO A 4 12.14 4.77 -6.59
N THR A 5 12.34 3.50 -6.94
CA THR A 5 11.49 2.85 -7.91
C THR A 5 10.52 1.87 -7.25
N ILE A 6 9.23 2.05 -7.52
CA ILE A 6 8.18 1.20 -6.97
C ILE A 6 7.28 0.67 -8.08
N ASN A 7 6.70 -0.51 -7.87
CA ASN A 7 5.85 -1.09 -8.90
C ASN A 7 4.68 -0.20 -9.26
N PRO A 8 3.56 -0.23 -8.55
CA PRO A 8 2.45 0.55 -8.93
C PRO A 8 2.27 1.81 -8.07
N THR A 9 1.21 2.56 -8.37
CA THR A 9 0.91 3.77 -7.63
C THR A 9 -0.59 4.03 -7.54
N SER A 10 -1.41 3.10 -8.04
CA SER A 10 -2.85 3.28 -7.99
C SER A 10 -3.62 2.02 -8.37
N ILE A 11 -4.67 1.73 -7.62
CA ILE A 11 -5.52 0.57 -7.87
C ILE A 11 -6.86 0.73 -7.14
N SER A 12 -7.79 -0.17 -7.42
CA SER A 12 -9.11 -0.11 -6.78
C SER A 12 -9.70 -1.50 -6.58
N ALA A 13 -10.30 -1.71 -5.41
CA ALA A 13 -10.91 -2.98 -5.07
C ALA A 13 -11.71 -2.87 -3.77
N LYS A 14 -12.67 -3.77 -3.59
CA LYS A 14 -13.49 -3.77 -2.38
C LYS A 14 -12.66 -4.20 -1.18
N ALA A 15 -12.95 -3.64 -0.02
CA ALA A 15 -12.21 -4.01 1.17
C ALA A 15 -12.44 -5.47 1.50
N GLY A 16 -11.43 -6.26 1.17
CA GLY A 16 -11.47 -7.68 1.36
C GLY A 16 -11.00 -8.37 0.12
N SER A 17 -11.39 -7.84 -1.03
CA SER A 17 -10.96 -8.40 -2.30
C SER A 17 -9.47 -8.15 -2.49
N PHE A 18 -8.83 -7.66 -1.43
CA PHE A 18 -7.43 -7.36 -1.47
C PHE A 18 -6.65 -8.48 -0.82
N ALA A 19 -6.47 -9.56 -1.55
CA ALA A 19 -5.72 -10.69 -1.03
C ALA A 19 -4.25 -10.33 -0.86
N ASP A 20 -3.62 -10.90 0.15
CA ASP A 20 -2.21 -10.62 0.44
C ASP A 20 -1.44 -10.38 -0.84
N THR A 21 -0.75 -9.25 -0.91
CA THR A 21 0.02 -8.91 -2.10
C THR A 21 1.37 -8.33 -1.70
N LYS A 22 2.40 -8.77 -2.40
CA LYS A 22 3.75 -8.35 -2.14
C LYS A 22 4.24 -7.34 -3.18
N ILE A 23 4.51 -6.13 -2.72
CA ILE A 23 5.00 -5.06 -3.58
C ILE A 23 6.52 -5.09 -3.63
N THR A 24 7.10 -4.50 -4.66
CA THR A 24 8.54 -4.46 -4.81
C THR A 24 9.07 -3.04 -4.75
N LEU A 25 9.74 -2.71 -3.65
CA LEU A 25 10.29 -1.40 -3.44
C LEU A 25 11.74 -1.36 -3.90
N THR A 26 11.94 -0.99 -5.17
CA THR A 26 13.29 -0.92 -5.74
C THR A 26 14.08 0.23 -5.12
N PRO A 27 15.12 -0.12 -4.32
CA PRO A 27 15.99 0.84 -3.63
C PRO A 27 17.24 1.17 -4.42
N ASN A 28 17.31 0.65 -5.63
CA ASN A 28 18.42 0.81 -6.54
C ASN A 28 19.02 2.19 -6.46
N GLY A 29 19.61 2.43 -5.32
CA GLY A 29 20.25 3.70 -5.02
C GLY A 29 19.60 4.42 -3.87
N ASN A 30 18.30 4.18 -3.70
CA ASN A 30 17.53 4.80 -2.64
C ASN A 30 17.23 3.78 -1.54
N THR A 31 16.81 4.27 -0.38
CA THR A 31 16.50 3.40 0.74
C THR A 31 15.03 3.55 1.13
N PHE A 32 14.50 2.50 1.73
CA PHE A 32 13.09 2.50 2.15
C PHE A 32 12.98 2.38 3.67
N ASN A 33 12.00 3.06 4.24
CA ASN A 33 11.76 3.05 5.68
C ASN A 33 10.48 2.31 6.01
N GLY A 34 9.37 2.72 5.40
CA GLY A 34 8.10 2.08 5.65
C GLY A 34 6.90 2.94 5.28
N ILE A 35 5.79 2.27 4.99
CA ILE A 35 4.57 2.93 4.61
C ILE A 35 3.69 3.18 5.84
N SER A 36 4.05 4.25 6.54
CA SER A 36 3.36 4.66 7.77
C SER A 36 1.91 4.99 7.52
N GLU A 37 1.56 5.28 6.28
CA GLU A 37 0.17 5.55 5.96
C GLU A 37 -0.66 4.51 6.68
N LEU A 38 -0.10 3.29 6.78
CA LEU A 38 -0.73 2.20 7.47
C LEU A 38 0.29 1.49 8.37
N GLN A 39 0.26 1.85 9.64
CA GLN A 39 1.17 1.32 10.64
C GLN A 39 1.55 -0.10 10.33
N SER A 40 2.69 -0.15 9.70
CA SER A 40 3.37 -1.38 9.25
C SER A 40 2.66 -2.66 9.65
N SER A 41 2.11 -2.70 10.85
CA SER A 41 1.40 -3.88 11.30
C SER A 41 0.37 -4.32 10.25
N GLN A 42 -0.07 -3.36 9.44
CA GLN A 42 -1.04 -3.60 8.40
C GLN A 42 -0.45 -4.49 7.29
N TYR A 43 0.86 -4.41 7.16
CA TYR A 43 1.59 -5.17 6.16
C TYR A 43 2.84 -5.79 6.76
N THR A 44 3.65 -6.37 5.89
CA THR A 44 4.88 -7.01 6.29
C THR A 44 5.97 -6.65 5.31
N LYS A 45 6.72 -5.63 5.69
CA LYS A 45 7.81 -5.12 4.87
C LYS A 45 8.96 -6.11 4.78
N GLY A 46 9.84 -5.88 3.82
CA GLY A 46 10.99 -6.72 3.62
C GLY A 46 12.08 -6.02 2.85
N THR A 47 12.74 -5.06 3.52
CA THR A 47 13.83 -4.28 2.92
C THR A 47 13.85 -4.39 1.39
N ASN A 48 13.37 -3.34 0.73
CA ASN A 48 13.31 -3.31 -0.73
C ASN A 48 11.99 -3.87 -1.25
N GLU A 49 11.29 -4.59 -0.38
CA GLU A 49 10.00 -5.18 -0.73
C GLU A 49 9.06 -5.13 0.45
N VAL A 50 7.78 -5.40 0.18
CA VAL A 50 6.76 -5.38 1.24
C VAL A 50 5.55 -6.19 0.80
N THR A 51 4.77 -6.66 1.77
CA THR A 51 3.60 -7.45 1.46
C THR A 51 2.43 -7.07 2.36
N LEU A 52 1.35 -6.59 1.75
CA LEU A 52 0.16 -6.21 2.53
C LEU A 52 -0.71 -7.43 2.75
N LEU A 53 -1.35 -7.50 3.92
CA LEU A 53 -2.20 -8.63 4.23
C LEU A 53 -3.67 -8.26 4.24
N ALA A 54 -4.42 -8.89 3.34
CA ALA A 54 -5.85 -8.67 3.19
C ALA A 54 -6.58 -8.57 4.53
N SER A 55 -5.92 -8.97 5.61
CA SER A 55 -6.54 -8.92 6.93
C SER A 55 -6.71 -7.49 7.42
N TYR A 56 -5.67 -6.69 7.26
CA TYR A 56 -5.74 -5.30 7.68
C TYR A 56 -6.47 -4.48 6.64
N LEU A 57 -6.03 -4.60 5.41
CA LEU A 57 -6.64 -3.88 4.31
C LEU A 57 -8.13 -4.16 4.25
N ASN A 58 -8.52 -5.41 4.47
CA ASN A 58 -9.92 -5.76 4.43
C ASN A 58 -10.65 -5.07 5.57
N THR A 59 -9.91 -4.75 6.63
CA THR A 59 -10.47 -4.08 7.79
C THR A 59 -10.51 -2.57 7.59
N LEU A 60 -9.66 -2.07 6.70
CA LEU A 60 -9.61 -0.64 6.41
C LEU A 60 -11.01 -0.05 6.35
N PRO A 61 -11.14 1.25 6.65
CA PRO A 61 -12.45 1.94 6.63
C PRO A 61 -13.21 1.72 5.35
N GLU A 62 -14.44 2.23 5.31
CA GLU A 62 -15.30 2.11 4.14
C GLU A 62 -14.62 2.66 2.90
N ASN A 63 -15.41 2.80 1.85
CA ASN A 63 -14.93 3.30 0.57
C ASN A 63 -13.90 4.40 0.75
N THR A 64 -12.71 4.02 1.20
CA THR A 64 -11.63 4.96 1.41
C THR A 64 -10.45 4.65 0.51
N THR A 65 -9.79 5.69 0.03
CA THR A 65 -8.65 5.51 -0.86
C THR A 65 -7.37 5.30 -0.10
N LYS A 66 -7.04 4.05 0.14
CA LYS A 66 -5.84 3.68 0.83
C LYS A 66 -4.62 4.09 0.00
N THR A 67 -3.55 4.45 0.67
CA THR A 67 -2.34 4.86 -0.02
C THR A 67 -1.10 4.29 0.66
N LEU A 68 -0.28 3.60 -0.11
CA LEU A 68 0.95 3.01 0.40
C LEU A 68 2.12 3.95 0.15
N THR A 69 2.31 4.92 1.06
CA THR A 69 3.40 5.87 0.91
C THR A 69 4.69 5.32 1.50
N PHE A 70 5.49 4.67 0.67
CA PHE A 70 6.74 4.09 1.10
C PHE A 70 7.75 5.19 1.42
N ASP A 71 8.10 5.34 2.70
CA ASP A 71 9.04 6.37 3.10
C ASP A 71 10.44 6.04 2.59
N PHE A 72 10.77 6.63 1.46
CA PHE A 72 12.07 6.43 0.83
C PHE A 72 13.03 7.55 1.22
N GLY A 73 12.76 8.17 2.36
CA GLY A 73 13.60 9.27 2.82
C GLY A 73 13.77 10.35 1.78
N VAL A 74 12.90 10.35 0.77
CA VAL A 74 12.97 11.34 -0.29
C VAL A 74 11.71 12.21 -0.29
N GLY A 75 10.59 11.62 0.10
CA GLY A 75 9.34 12.35 0.13
C GLY A 75 8.85 12.73 -1.25
N THR A 76 9.52 13.68 -1.86
CA THR A 76 9.17 14.15 -3.20
C THR A 76 8.93 12.98 -4.15
N LYS A 77 9.99 12.22 -4.40
CA LYS A 77 9.91 11.07 -5.29
C LYS A 77 9.46 9.81 -4.54
N ASN A 78 9.02 10.00 -3.31
CA ASN A 78 8.56 8.89 -2.48
C ASN A 78 7.50 8.06 -3.22
N PRO A 79 7.82 6.81 -3.58
CA PRO A 79 6.89 5.94 -4.28
C PRO A 79 5.65 5.62 -3.45
N LYS A 80 4.68 6.52 -3.50
CA LYS A 80 3.44 6.35 -2.75
C LYS A 80 2.32 5.92 -3.69
N LEU A 81 1.71 4.78 -3.41
CA LEU A 81 0.63 4.28 -4.24
C LEU A 81 -0.72 4.60 -3.62
N THR A 82 -1.77 4.56 -4.43
CA THR A 82 -3.11 4.85 -3.95
C THR A 82 -4.09 3.74 -4.31
N ILE A 83 -4.34 2.86 -3.35
CA ILE A 83 -5.26 1.75 -3.55
C ILE A 83 -6.61 2.08 -2.89
N THR A 84 -7.67 2.06 -3.70
CA THR A 84 -9.00 2.39 -3.22
C THR A 84 -9.70 1.17 -2.63
N VAL A 85 -10.07 1.27 -1.36
CA VAL A 85 -10.76 0.19 -0.68
C VAL A 85 -12.25 0.50 -0.50
N LEU A 86 -13.09 -0.33 -1.11
CA LEU A 86 -14.54 -0.15 -1.02
C LEU A 86 -15.08 -0.78 0.25
N PRO A 87 -16.30 -0.38 0.67
CA PRO A 87 -16.93 -0.92 1.88
C PRO A 87 -16.99 -2.44 1.87
N LYS A 88 -16.31 -3.05 2.85
CA LYS A 88 -16.29 -4.51 2.97
C LYS A 88 -17.70 -5.07 2.92
N ASP A 89 -17.84 -6.23 2.27
CA ASP A 89 -19.14 -6.88 2.15
C ASP A 89 -19.28 -7.98 3.19
N ILE A 90 -18.65 -7.77 4.33
CA ILE A 90 -18.69 -8.72 5.43
C ILE A 90 -19.59 -8.23 6.55
N PRO A 91 -20.87 -8.66 6.55
CA PRO A 91 -21.84 -8.27 7.56
C PRO A 91 -21.55 -8.89 8.92
N GLY A 92 -21.80 -8.14 9.99
CA GLY A 92 -21.56 -8.63 11.33
C GLY A 92 -20.19 -8.22 11.85
N LEU A 93 -19.64 -7.15 11.29
CA LEU A 93 -18.33 -6.66 11.71
C LEU A 93 -18.06 -5.27 11.15
N GLU A 94 -18.07 -4.27 12.03
CA GLU A 94 -17.82 -2.89 11.64
C GLU A 94 -16.34 -2.63 11.43
N MET A 1 18.18 13.63 -5.88
CA MET A 1 19.38 13.01 -5.28
C MET A 1 19.23 11.49 -5.18
N GLN A 2 17.98 11.04 -5.13
CA GLN A 2 17.71 9.60 -5.02
C GLN A 2 16.72 9.17 -6.10
N ASP A 3 16.91 7.96 -6.60
CA ASP A 3 16.04 7.42 -7.64
C ASP A 3 15.33 6.15 -7.14
N PRO A 4 14.50 6.28 -6.09
CA PRO A 4 13.77 5.16 -5.52
C PRO A 4 12.74 4.60 -6.50
N THR A 5 12.77 3.29 -6.71
CA THR A 5 11.83 2.67 -7.65
C THR A 5 11.08 1.54 -6.97
N ILE A 6 9.78 1.44 -7.26
CA ILE A 6 8.96 0.42 -6.68
C ILE A 6 7.72 0.13 -7.52
N ASN A 7 6.82 -0.66 -6.96
CA ASN A 7 5.58 -1.02 -7.61
C ASN A 7 4.83 0.21 -8.12
N PRO A 8 3.59 0.04 -8.59
CA PRO A 8 2.81 1.15 -9.13
C PRO A 8 2.42 2.18 -8.07
N THR A 9 1.39 2.96 -8.37
CA THR A 9 0.93 3.99 -7.45
C THR A 9 -0.59 4.15 -7.50
N SER A 10 -1.28 3.23 -8.16
CA SER A 10 -2.73 3.30 -8.25
C SER A 10 -3.36 1.91 -8.20
N ILE A 11 -4.32 1.75 -7.29
CA ILE A 11 -5.02 0.47 -7.13
C ILE A 11 -6.42 0.70 -6.56
N SER A 12 -7.33 -0.23 -6.84
CA SER A 12 -8.70 -0.12 -6.35
C SER A 12 -9.38 -1.49 -6.31
N ALA A 13 -10.09 -1.74 -5.22
CA ALA A 13 -10.80 -2.99 -5.03
C ALA A 13 -11.70 -2.90 -3.80
N LYS A 14 -12.61 -3.84 -3.68
CA LYS A 14 -13.51 -3.88 -2.54
C LYS A 14 -12.72 -4.28 -1.29
N ALA A 15 -12.88 -3.54 -0.22
CA ALA A 15 -12.15 -3.86 0.99
C ALA A 15 -12.40 -5.30 1.39
N GLY A 16 -11.41 -6.12 1.09
CA GLY A 16 -11.49 -7.53 1.36
C GLY A 16 -10.97 -8.29 0.17
N SER A 17 -11.31 -7.83 -1.01
CA SER A 17 -10.85 -8.45 -2.23
C SER A 17 -9.35 -8.21 -2.40
N PHE A 18 -8.74 -7.70 -1.36
CA PHE A 18 -7.34 -7.39 -1.36
C PHE A 18 -6.53 -8.49 -0.73
N ALA A 19 -6.35 -9.57 -1.45
CA ALA A 19 -5.57 -10.69 -0.95
C ALA A 19 -4.11 -10.29 -0.83
N ASP A 20 -3.34 -11.02 -0.03
CA ASP A 20 -1.93 -10.71 0.17
C ASP A 20 -1.31 -10.16 -1.12
N THR A 21 -0.98 -8.86 -1.11
CA THR A 21 -0.43 -8.24 -2.30
C THR A 21 1.04 -7.86 -2.11
N LYS A 22 1.94 -8.66 -2.69
CA LYS A 22 3.35 -8.40 -2.59
C LYS A 22 3.74 -7.17 -3.39
N ILE A 23 4.88 -6.63 -3.03
CA ILE A 23 5.41 -5.43 -3.66
C ILE A 23 6.93 -5.47 -3.70
N THR A 24 7.54 -4.69 -4.60
CA THR A 24 8.99 -4.65 -4.72
C THR A 24 9.54 -3.24 -4.52
N LEU A 25 10.24 -3.04 -3.42
CA LEU A 25 10.84 -1.77 -3.09
C LEU A 25 12.25 -1.64 -3.66
N THR A 26 12.38 -1.14 -4.89
CA THR A 26 13.69 -0.98 -5.51
C THR A 26 14.48 0.12 -4.80
N PRO A 27 15.53 -0.29 -4.03
CA PRO A 27 16.38 0.61 -3.26
C PRO A 27 17.63 1.02 -4.01
N ASN A 28 17.71 0.58 -5.26
CA ASN A 28 18.83 0.79 -6.16
C ASN A 28 19.42 2.17 -5.97
N GLY A 29 20.00 2.34 -4.82
CA GLY A 29 20.63 3.59 -4.44
C GLY A 29 19.94 4.27 -3.28
N ASN A 30 18.64 4.02 -3.15
CA ASN A 30 17.84 4.60 -2.09
C ASN A 30 17.38 3.54 -1.09
N THR A 31 16.87 3.99 0.05
CA THR A 31 16.38 3.09 1.08
C THR A 31 14.95 3.43 1.46
N PHE A 32 14.25 2.45 2.02
CA PHE A 32 12.87 2.64 2.42
C PHE A 32 12.73 2.69 3.94
N ASN A 33 11.74 3.43 4.42
CA ASN A 33 11.49 3.55 5.85
C ASN A 33 10.20 2.85 6.26
N GLY A 34 9.21 2.90 5.37
CA GLY A 34 7.93 2.27 5.65
C GLY A 34 6.76 3.10 5.15
N ILE A 35 5.55 2.64 5.46
CA ILE A 35 4.35 3.34 5.06
C ILE A 35 3.59 3.82 6.27
N SER A 36 3.84 5.06 6.66
CA SER A 36 3.17 5.63 7.83
C SER A 36 1.68 5.78 7.56
N GLU A 37 1.33 5.83 6.28
CA GLU A 37 -0.05 5.93 5.89
C GLU A 37 -0.78 4.71 6.42
N LEU A 38 -0.02 3.63 6.61
CA LEU A 38 -0.53 2.38 7.12
C LEU A 38 0.54 1.69 7.96
N GLN A 39 0.56 2.00 9.25
CA GLN A 39 1.52 1.47 10.19
C GLN A 39 1.95 0.07 9.81
N SER A 40 3.05 0.09 9.09
CA SER A 40 3.74 -1.09 8.55
C SER A 40 3.09 -2.41 8.93
N SER A 41 2.68 -2.52 10.18
CA SER A 41 2.04 -3.74 10.65
C SER A 41 0.94 -4.18 9.69
N GLN A 42 0.42 -3.22 8.93
CA GLN A 42 -0.64 -3.49 7.96
C GLN A 42 -0.20 -4.48 6.89
N TYR A 43 1.09 -4.46 6.61
CA TYR A 43 1.66 -5.35 5.60
C TYR A 43 2.85 -6.13 6.16
N THR A 44 3.55 -6.80 5.27
CA THR A 44 4.71 -7.59 5.61
C THR A 44 5.89 -7.15 4.76
N LYS A 45 6.61 -6.17 5.28
CA LYS A 45 7.75 -5.61 4.59
C LYS A 45 8.91 -6.59 4.51
N GLY A 46 9.90 -6.23 3.70
CA GLY A 46 11.07 -7.06 3.52
C GLY A 46 12.13 -6.36 2.71
N THR A 47 12.89 -5.46 3.36
CA THR A 47 13.94 -4.69 2.69
C THR A 47 13.87 -4.87 1.18
N ASN A 48 13.21 -3.93 0.51
CA ASN A 48 13.03 -3.96 -0.93
C ASN A 48 11.81 -4.80 -1.29
N GLU A 49 11.06 -5.21 -0.26
CA GLU A 49 9.86 -5.99 -0.47
C GLU A 49 8.75 -5.54 0.48
N VAL A 50 7.54 -5.51 -0.04
CA VAL A 50 6.38 -5.10 0.74
C VAL A 50 5.17 -5.96 0.41
N THR A 51 4.61 -6.63 1.42
CA THR A 51 3.45 -7.49 1.18
C THR A 51 2.20 -7.03 1.93
N LEU A 52 1.21 -6.57 1.18
CA LEU A 52 -0.04 -6.13 1.77
C LEU A 52 -0.76 -7.32 2.35
N LEU A 53 -1.24 -7.20 3.58
CA LEU A 53 -1.93 -8.33 4.18
C LEU A 53 -3.45 -8.16 4.14
N ALA A 54 -4.06 -8.92 3.23
CA ALA A 54 -5.51 -8.90 3.04
C ALA A 54 -6.29 -8.73 4.34
N SER A 55 -5.65 -9.03 5.47
CA SER A 55 -6.30 -8.92 6.76
C SER A 55 -6.52 -7.46 7.14
N TYR A 56 -5.47 -6.66 7.04
CA TYR A 56 -5.56 -5.25 7.35
C TYR A 56 -6.36 -4.53 6.28
N LEU A 57 -5.87 -4.67 5.06
CA LEU A 57 -6.52 -4.06 3.92
C LEU A 57 -8.01 -4.34 3.92
N ASN A 58 -8.36 -5.59 4.22
CA ASN A 58 -9.76 -5.97 4.27
C ASN A 58 -10.46 -5.25 5.42
N THR A 59 -9.68 -4.87 6.42
CA THR A 59 -10.21 -4.19 7.59
C THR A 59 -10.45 -2.71 7.31
N LEU A 60 -9.66 -2.13 6.42
CA LEU A 60 -9.80 -0.72 6.08
C LEU A 60 -11.27 -0.31 6.02
N PRO A 61 -11.59 0.88 6.54
CA PRO A 61 -12.97 1.40 6.57
C PRO A 61 -13.65 1.31 5.21
N GLU A 62 -14.85 1.88 5.11
CA GLU A 62 -15.61 1.87 3.87
C GLU A 62 -14.79 2.44 2.73
N ASN A 63 -15.47 2.68 1.61
CA ASN A 63 -14.86 3.21 0.42
C ASN A 63 -13.82 4.28 0.74
N THR A 64 -12.70 3.85 1.32
CA THR A 64 -11.63 4.76 1.68
C THR A 64 -10.44 4.61 0.74
N THR A 65 -9.78 5.72 0.45
CA THR A 65 -8.63 5.71 -0.44
C THR A 65 -7.36 5.31 0.31
N LYS A 66 -7.18 4.01 0.48
CA LYS A 66 -6.01 3.49 1.16
C LYS A 66 -4.76 3.79 0.35
N THR A 67 -4.08 4.87 0.70
CA THR A 67 -2.89 5.28 -0.01
C THR A 67 -1.62 4.82 0.68
N LEU A 68 -0.83 4.03 -0.03
CA LEU A 68 0.42 3.49 0.47
C LEU A 68 1.58 4.44 0.14
N THR A 69 1.87 5.38 1.04
CA THR A 69 2.95 6.33 0.82
C THR A 69 4.27 5.76 1.35
N PHE A 70 5.09 5.25 0.45
CA PHE A 70 6.37 4.68 0.82
C PHE A 70 7.39 5.76 1.12
N ASP A 71 7.60 6.03 2.40
CA ASP A 71 8.58 7.03 2.81
C ASP A 71 9.99 6.51 2.56
N PHE A 72 10.56 6.91 1.42
CA PHE A 72 11.91 6.50 1.05
C PHE A 72 12.93 7.47 1.62
N GLY A 73 12.53 8.21 2.66
CA GLY A 73 13.42 9.18 3.26
C GLY A 73 13.67 10.38 2.37
N VAL A 74 13.07 10.35 1.18
CA VAL A 74 13.24 11.44 0.24
C VAL A 74 11.99 12.32 0.18
N GLY A 75 10.82 11.68 0.09
CA GLY A 75 9.58 12.42 0.03
C GLY A 75 9.23 12.88 -1.37
N THR A 76 10.22 13.41 -2.07
CA THR A 76 10.03 13.89 -3.43
C THR A 76 9.55 12.76 -4.35
N LYS A 77 10.40 11.75 -4.51
CA LYS A 77 10.08 10.62 -5.37
C LYS A 77 9.29 9.55 -4.60
N ASN A 78 8.86 9.90 -3.40
CA ASN A 78 8.10 8.98 -2.56
C ASN A 78 6.99 8.29 -3.37
N PRO A 79 7.24 7.04 -3.80
CA PRO A 79 6.27 6.28 -4.57
C PRO A 79 5.05 5.87 -3.75
N LYS A 80 3.98 6.64 -3.88
CA LYS A 80 2.75 6.36 -3.15
C LYS A 80 1.90 5.35 -3.91
N LEU A 81 0.95 4.73 -3.22
CA LEU A 81 0.08 3.73 -3.83
C LEU A 81 -1.37 3.96 -3.43
N THR A 82 -2.07 4.76 -4.20
CA THR A 82 -3.47 5.06 -3.89
C THR A 82 -4.37 3.85 -4.11
N ILE A 83 -4.41 2.96 -3.12
CA ILE A 83 -5.25 1.78 -3.17
C ILE A 83 -6.60 2.09 -2.50
N THR A 84 -7.68 1.85 -3.24
CA THR A 84 -9.02 2.15 -2.73
C THR A 84 -9.70 0.92 -2.15
N VAL A 85 -10.14 1.03 -0.91
CA VAL A 85 -10.84 -0.07 -0.23
C VAL A 85 -12.33 0.23 -0.13
N LEU A 86 -13.13 -0.44 -0.96
CA LEU A 86 -14.58 -0.23 -0.96
C LEU A 86 -15.31 -1.52 -0.61
N PRO A 87 -15.61 -1.73 0.67
CA PRO A 87 -16.32 -2.93 1.13
C PRO A 87 -17.79 -2.89 0.77
N LYS A 88 -18.32 -1.69 0.72
CA LYS A 88 -19.72 -1.48 0.39
C LYS A 88 -20.00 -1.90 -1.05
N ASP A 89 -20.95 -2.82 -1.21
CA ASP A 89 -21.32 -3.30 -2.54
C ASP A 89 -22.55 -2.58 -3.06
N ILE A 90 -22.67 -1.33 -2.66
CA ILE A 90 -23.80 -0.49 -3.07
C ILE A 90 -23.40 0.97 -3.17
N PRO A 91 -22.98 1.42 -4.36
CA PRO A 91 -22.56 2.81 -4.60
C PRO A 91 -23.73 3.78 -4.53
N GLY A 92 -23.42 5.07 -4.41
CA GLY A 92 -24.46 6.08 -4.35
C GLY A 92 -25.27 5.99 -3.07
N LEU A 93 -24.58 5.80 -1.95
CA LEU A 93 -25.24 5.70 -0.65
C LEU A 93 -24.47 6.48 0.41
N GLU A 94 -24.69 6.14 1.67
CA GLU A 94 -24.02 6.81 2.77
C GLU A 94 -22.95 5.92 3.38
N MET A 1 20.72 13.06 -5.04
CA MET A 1 19.63 12.56 -5.91
C MET A 1 19.63 11.04 -5.98
N GLN A 2 18.46 10.44 -5.77
CA GLN A 2 18.33 8.99 -5.81
C GLN A 2 17.39 8.56 -6.93
N ASP A 3 17.22 7.25 -7.09
CA ASP A 3 16.35 6.70 -8.13
C ASP A 3 15.43 5.63 -7.56
N PRO A 4 14.49 6.02 -6.69
CA PRO A 4 13.55 5.09 -6.06
C PRO A 4 12.57 4.49 -7.06
N THR A 5 12.52 3.17 -7.13
CA THR A 5 11.62 2.51 -8.06
C THR A 5 10.60 1.64 -7.33
N ILE A 6 9.37 1.63 -7.81
CA ILE A 6 8.29 0.84 -7.20
C ILE A 6 7.34 0.30 -8.25
N ASN A 7 6.61 -0.75 -7.89
CA ASN A 7 5.67 -1.35 -8.82
C ASN A 7 4.50 -0.45 -9.14
N PRO A 8 3.45 -0.42 -8.33
CA PRO A 8 2.33 0.39 -8.67
C PRO A 8 2.22 1.66 -7.82
N THR A 9 1.18 2.43 -8.08
CA THR A 9 0.96 3.67 -7.35
C THR A 9 -0.54 3.87 -7.06
N SER A 10 -1.37 2.92 -7.46
CA SER A 10 -2.80 3.04 -7.23
C SER A 10 -3.54 1.74 -7.52
N ILE A 11 -4.25 1.23 -6.50
CA ILE A 11 -5.02 0.00 -6.62
C ILE A 11 -6.42 0.22 -6.07
N SER A 12 -7.31 -0.73 -6.30
CA SER A 12 -8.68 -0.61 -5.81
C SER A 12 -9.33 -1.97 -5.61
N ALA A 13 -10.05 -2.11 -4.50
CA ALA A 13 -10.75 -3.35 -4.17
C ALA A 13 -11.68 -3.17 -2.98
N LYS A 14 -12.80 -3.87 -2.98
CA LYS A 14 -13.75 -3.77 -1.88
C LYS A 14 -13.17 -4.43 -0.64
N ALA A 15 -13.38 -3.83 0.51
CA ALA A 15 -12.83 -4.40 1.74
C ALA A 15 -13.25 -5.84 1.89
N GLY A 16 -12.29 -6.70 1.61
CA GLY A 16 -12.50 -8.12 1.65
C GLY A 16 -11.95 -8.74 0.38
N SER A 17 -12.20 -8.08 -0.74
CA SER A 17 -11.70 -8.51 -2.02
C SER A 17 -10.25 -8.08 -2.14
N PHE A 18 -9.64 -7.85 -0.99
CA PHE A 18 -8.28 -7.39 -0.93
C PHE A 18 -7.30 -8.52 -0.71
N ALA A 19 -7.04 -9.27 -1.76
CA ALA A 19 -6.11 -10.38 -1.69
C ALA A 19 -4.67 -9.86 -1.51
N ASP A 20 -3.87 -10.57 -0.72
CA ASP A 20 -2.49 -10.17 -0.46
C ASP A 20 -1.87 -9.52 -1.69
N THR A 21 -1.19 -8.39 -1.49
CA THR A 21 -0.57 -7.68 -2.59
C THR A 21 0.91 -7.42 -2.34
N LYS A 22 1.76 -8.21 -2.99
CA LYS A 22 3.20 -8.06 -2.84
C LYS A 22 3.68 -6.78 -3.48
N ILE A 23 4.89 -6.40 -3.16
CA ILE A 23 5.48 -5.18 -3.69
C ILE A 23 7.01 -5.24 -3.66
N THR A 24 7.63 -4.58 -4.63
CA THR A 24 9.10 -4.55 -4.71
C THR A 24 9.60 -3.11 -4.75
N LEU A 25 10.15 -2.66 -3.63
CA LEU A 25 10.67 -1.31 -3.53
C LEU A 25 12.13 -1.25 -3.95
N THR A 26 12.38 -0.80 -5.18
CA THR A 26 13.74 -0.71 -5.69
C THR A 26 14.51 0.39 -4.97
N PRO A 27 15.50 0.00 -4.15
CA PRO A 27 16.34 0.91 -3.37
C PRO A 27 17.59 1.33 -4.10
N ASN A 28 17.69 0.86 -5.34
CA ASN A 28 18.82 1.09 -6.22
C ASN A 28 19.38 2.49 -6.06
N GLY A 29 19.93 2.69 -4.89
CA GLY A 29 20.52 3.96 -4.52
C GLY A 29 19.77 4.63 -3.39
N ASN A 30 18.49 4.32 -3.30
CA ASN A 30 17.63 4.87 -2.25
C ASN A 30 17.37 3.84 -1.16
N THR A 31 16.77 4.29 -0.07
CA THR A 31 16.46 3.43 1.05
C THR A 31 14.99 3.56 1.45
N PHE A 32 14.47 2.54 2.13
CA PHE A 32 13.08 2.55 2.56
C PHE A 32 12.98 2.66 4.09
N ASN A 33 12.02 3.43 4.56
CA ASN A 33 11.82 3.60 5.99
C ASN A 33 10.56 2.87 6.45
N GLY A 34 9.52 2.91 5.62
CA GLY A 34 8.28 2.24 5.95
C GLY A 34 7.06 3.02 5.50
N ILE A 35 5.90 2.36 5.51
CA ILE A 35 4.66 2.99 5.10
C ILE A 35 3.86 3.40 6.32
N SER A 36 4.10 4.61 6.80
CA SER A 36 3.38 5.12 7.97
C SER A 36 1.91 5.28 7.68
N GLU A 37 1.57 5.46 6.41
CA GLU A 37 0.19 5.57 6.00
C GLU A 37 -0.56 4.37 6.56
N LEU A 38 0.19 3.28 6.74
CA LEU A 38 -0.36 2.05 7.28
C LEU A 38 0.66 1.38 8.20
N GLN A 39 0.62 1.74 9.48
CA GLN A 39 1.52 1.23 10.49
C GLN A 39 1.93 -0.18 10.19
N SER A 40 3.04 -0.22 9.51
CA SER A 40 3.74 -1.44 9.05
C SER A 40 2.96 -2.71 9.30
N SER A 41 2.42 -2.83 10.50
CA SER A 41 1.65 -4.02 10.86
C SER A 41 0.59 -4.32 9.80
N GLN A 42 0.24 -3.30 9.01
CA GLN A 42 -0.76 -3.44 7.96
C GLN A 42 -0.26 -4.33 6.83
N TYR A 43 1.05 -4.39 6.67
CA TYR A 43 1.67 -5.18 5.62
C TYR A 43 2.83 -6.01 6.16
N THR A 44 3.56 -6.62 5.23
CA THR A 44 4.71 -7.44 5.54
C THR A 44 5.90 -6.94 4.74
N LYS A 45 6.61 -6.00 5.32
CA LYS A 45 7.75 -5.38 4.68
C LYS A 45 8.91 -6.36 4.55
N GLY A 46 9.90 -5.95 3.78
CA GLY A 46 11.07 -6.75 3.54
C GLY A 46 12.19 -5.96 2.93
N THR A 47 12.77 -5.04 3.72
CA THR A 47 13.87 -4.19 3.27
C THR A 47 13.97 -4.16 1.75
N ASN A 48 13.41 -3.11 1.14
CA ASN A 48 13.41 -2.95 -0.30
C ASN A 48 12.17 -3.57 -0.92
N GLU A 49 11.44 -4.34 -0.12
CA GLU A 49 10.21 -4.98 -0.58
C GLU A 49 9.15 -4.97 0.51
N VAL A 50 7.91 -5.25 0.13
CA VAL A 50 6.80 -5.27 1.08
C VAL A 50 5.61 -6.00 0.49
N THR A 51 4.75 -6.52 1.36
CA THR A 51 3.57 -7.25 0.92
C THR A 51 2.36 -6.88 1.75
N LEU A 52 1.34 -6.33 1.09
CA LEU A 52 0.10 -5.95 1.76
C LEU A 52 -0.65 -7.20 2.20
N LEU A 53 -1.20 -7.18 3.40
CA LEU A 53 -1.94 -8.34 3.87
C LEU A 53 -3.44 -8.09 3.90
N ALA A 54 -4.17 -8.92 3.16
CA ALA A 54 -5.62 -8.83 3.08
C ALA A 54 -6.28 -8.53 4.43
N SER A 55 -5.54 -8.71 5.51
CA SER A 55 -6.07 -8.46 6.85
C SER A 55 -6.24 -6.97 7.08
N TYR A 56 -5.23 -6.20 6.72
CA TYR A 56 -5.25 -4.76 6.87
C TYR A 56 -6.24 -4.15 5.90
N LEU A 57 -5.99 -4.41 4.63
CA LEU A 57 -6.83 -3.89 3.57
C LEU A 57 -8.28 -4.29 3.80
N ASN A 58 -8.49 -5.51 4.27
CA ASN A 58 -9.84 -5.99 4.53
C ASN A 58 -10.47 -5.18 5.65
N THR A 59 -9.64 -4.66 6.55
CA THR A 59 -10.11 -3.87 7.67
C THR A 59 -10.33 -2.41 7.29
N LEU A 60 -9.60 -1.96 6.27
CA LEU A 60 -9.71 -0.58 5.80
C LEU A 60 -11.18 -0.15 5.75
N PRO A 61 -11.46 1.10 6.17
CA PRO A 61 -12.83 1.64 6.17
C PRO A 61 -13.56 1.44 4.86
N GLU A 62 -14.82 1.85 4.82
CA GLU A 62 -15.65 1.72 3.63
C GLU A 62 -15.00 2.40 2.44
N ASN A 63 -15.82 2.63 1.42
CA ASN A 63 -15.39 3.24 0.19
C ASN A 63 -14.37 4.36 0.44
N THR A 64 -13.15 3.95 0.82
CA THR A 64 -12.08 4.90 1.09
C THR A 64 -10.94 4.73 0.10
N THR A 65 -10.06 5.72 0.06
CA THR A 65 -8.92 5.69 -0.85
C THR A 65 -7.61 5.88 -0.09
N LYS A 66 -7.20 4.85 0.62
CA LYS A 66 -5.96 4.89 1.38
C LYS A 66 -4.77 4.98 0.44
N THR A 67 -3.60 5.05 1.03
CA THR A 67 -2.38 5.16 0.25
C THR A 67 -1.19 4.52 0.94
N LEU A 68 -0.37 3.81 0.16
CA LEU A 68 0.83 3.17 0.69
C LEU A 68 2.03 4.07 0.45
N THR A 69 2.21 5.06 1.32
CA THR A 69 3.32 6.00 1.19
C THR A 69 4.62 5.40 1.70
N PHE A 70 5.43 4.89 0.77
CA PHE A 70 6.70 4.31 1.12
C PHE A 70 7.73 5.40 1.43
N ASP A 71 7.99 5.62 2.71
CA ASP A 71 8.94 6.65 3.10
C ASP A 71 10.35 6.26 2.71
N PHE A 72 10.74 6.72 1.54
CA PHE A 72 12.07 6.45 1.00
C PHE A 72 13.03 7.58 1.34
N GLY A 73 12.70 8.33 2.39
CA GLY A 73 13.55 9.44 2.80
C GLY A 73 13.78 10.43 1.68
N VAL A 74 12.99 10.32 0.62
CA VAL A 74 13.13 11.21 -0.52
C VAL A 74 11.88 12.08 -0.69
N GLY A 75 10.72 11.51 -0.37
CA GLY A 75 9.48 12.24 -0.50
C GLY A 75 9.09 12.49 -1.94
N THR A 76 9.85 13.37 -2.58
CA THR A 76 9.60 13.72 -3.98
C THR A 76 9.45 12.47 -4.84
N LYS A 77 10.52 11.70 -4.96
CA LYS A 77 10.52 10.49 -5.75
C LYS A 77 10.09 9.28 -4.93
N ASN A 78 9.56 9.54 -3.74
CA ASN A 78 9.10 8.46 -2.86
C ASN A 78 7.95 7.69 -3.49
N PRO A 79 8.15 6.38 -3.72
CA PRO A 79 7.12 5.52 -4.33
C PRO A 79 5.90 5.33 -3.43
N LYS A 80 4.87 6.14 -3.69
CA LYS A 80 3.65 6.05 -2.91
C LYS A 80 2.50 5.51 -3.76
N LEU A 81 1.71 4.61 -3.18
CA LEU A 81 0.59 4.02 -3.88
C LEU A 81 -0.74 4.45 -3.24
N THR A 82 -1.82 4.29 -3.99
CA THR A 82 -3.14 4.68 -3.50
C THR A 82 -4.08 3.48 -3.43
N ILE A 83 -4.36 3.03 -2.21
CA ILE A 83 -5.26 1.89 -2.01
C ILE A 83 -6.72 2.35 -1.97
N THR A 84 -7.49 1.98 -2.99
CA THR A 84 -8.89 2.37 -3.06
C THR A 84 -9.79 1.27 -2.52
N VAL A 85 -10.19 1.40 -1.26
CA VAL A 85 -11.07 0.42 -0.62
C VAL A 85 -12.52 0.74 -0.91
N LEU A 86 -13.26 -0.29 -1.32
CA LEU A 86 -14.68 -0.13 -1.63
C LEU A 86 -15.55 -0.75 -0.54
N PRO A 87 -16.84 -0.40 -0.52
CA PRO A 87 -17.79 -0.92 0.48
C PRO A 87 -18.13 -2.38 0.24
N LYS A 88 -18.18 -3.15 1.31
CA LYS A 88 -18.50 -4.58 1.23
C LYS A 88 -19.93 -4.77 0.74
N ASP A 89 -20.08 -5.30 -0.46
CA ASP A 89 -21.39 -5.54 -1.05
C ASP A 89 -21.31 -6.55 -2.18
N ILE A 90 -22.46 -7.09 -2.57
CA ILE A 90 -22.52 -8.07 -3.65
C ILE A 90 -23.57 -7.68 -4.69
N PRO A 91 -23.41 -6.49 -5.30
CA PRO A 91 -24.34 -5.99 -6.32
C PRO A 91 -24.23 -6.78 -7.62
N GLY A 92 -25.39 -7.17 -8.16
CA GLY A 92 -25.41 -7.92 -9.40
C GLY A 92 -25.14 -7.05 -10.61
N LEU A 93 -25.35 -5.74 -10.46
CA LEU A 93 -25.12 -4.80 -11.55
C LEU A 93 -23.92 -3.90 -11.25
N GLU A 94 -22.72 -4.44 -11.50
CA GLU A 94 -21.49 -3.68 -11.25
C GLU A 94 -21.34 -3.34 -9.78
N MET A 1 17.88 13.62 -4.17
CA MET A 1 18.40 13.14 -5.49
C MET A 1 18.51 11.62 -5.52
N GLN A 2 17.40 10.95 -5.20
CA GLN A 2 17.36 9.49 -5.18
C GLN A 2 16.67 8.95 -6.43
N ASP A 3 16.92 7.68 -6.74
CA ASP A 3 16.32 7.06 -7.91
C ASP A 3 15.74 5.69 -7.55
N PRO A 4 14.60 5.67 -6.84
CA PRO A 4 13.95 4.43 -6.43
C PRO A 4 12.99 3.91 -7.48
N THR A 5 12.74 2.61 -7.47
CA THR A 5 11.84 2.00 -8.45
C THR A 5 10.93 0.96 -7.80
N ILE A 6 9.62 1.20 -7.86
CA ILE A 6 8.68 0.29 -7.26
C ILE A 6 7.39 0.18 -8.07
N ASN A 7 6.46 -0.61 -7.55
CA ASN A 7 5.15 -0.84 -8.18
C ASN A 7 4.50 0.47 -8.60
N PRO A 8 3.26 0.38 -9.12
CA PRO A 8 2.52 1.53 -9.59
C PRO A 8 2.23 2.56 -8.50
N THR A 9 1.16 3.32 -8.69
CA THR A 9 0.80 4.36 -7.73
C THR A 9 -0.72 4.52 -7.61
N SER A 10 -1.48 3.58 -8.17
CA SER A 10 -2.94 3.68 -8.10
C SER A 10 -3.63 2.32 -8.30
N ILE A 11 -4.47 1.95 -7.34
CA ILE A 11 -5.20 0.71 -7.39
C ILE A 11 -6.53 0.84 -6.63
N SER A 12 -7.48 -0.04 -6.94
CA SER A 12 -8.79 0.01 -6.28
C SER A 12 -9.40 -1.40 -6.14
N ALA A 13 -10.08 -1.62 -5.03
CA ALA A 13 -10.73 -2.90 -4.76
C ALA A 13 -11.63 -2.80 -3.54
N LYS A 14 -12.56 -3.74 -3.44
CA LYS A 14 -13.49 -3.77 -2.30
C LYS A 14 -12.76 -4.17 -1.03
N ALA A 15 -13.20 -3.65 0.11
CA ALA A 15 -12.57 -3.98 1.36
C ALA A 15 -12.70 -5.45 1.65
N GLY A 16 -11.60 -6.15 1.43
CA GLY A 16 -11.56 -7.57 1.62
C GLY A 16 -11.01 -8.25 0.39
N SER A 17 -11.38 -7.71 -0.77
CA SER A 17 -10.90 -8.24 -2.02
C SER A 17 -9.42 -7.92 -2.18
N PHE A 18 -8.82 -7.46 -1.09
CA PHE A 18 -7.43 -7.10 -1.08
C PHE A 18 -6.58 -8.23 -0.53
N ALA A 19 -6.40 -9.26 -1.33
CA ALA A 19 -5.59 -10.40 -0.91
C ALA A 19 -4.12 -10.01 -0.81
N ASP A 20 -3.36 -10.77 -0.03
CA ASP A 20 -1.93 -10.47 0.15
C ASP A 20 -1.34 -9.91 -1.13
N THR A 21 -0.89 -8.65 -1.08
CA THR A 21 -0.33 -8.01 -2.26
C THR A 21 1.15 -7.71 -2.10
N LYS A 22 1.99 -8.59 -2.65
CA LYS A 22 3.43 -8.41 -2.58
C LYS A 22 3.85 -7.23 -3.44
N ILE A 23 4.74 -6.44 -2.89
CA ILE A 23 5.24 -5.25 -3.58
C ILE A 23 6.77 -5.22 -3.59
N THR A 24 7.34 -4.62 -4.63
CA THR A 24 8.79 -4.54 -4.76
C THR A 24 9.28 -3.09 -4.69
N LEU A 25 10.05 -2.79 -3.65
CA LEU A 25 10.58 -1.46 -3.44
C LEU A 25 12.07 -1.41 -3.80
N THR A 26 12.37 -1.06 -5.05
CA THR A 26 13.76 -0.97 -5.51
C THR A 26 14.48 0.19 -4.82
N PRO A 27 15.44 -0.14 -3.94
CA PRO A 27 16.23 0.83 -3.17
C PRO A 27 17.52 1.20 -3.86
N ASN A 28 17.71 0.66 -5.06
CA ASN A 28 18.88 0.84 -5.89
C ASN A 28 19.42 2.25 -5.78
N GLY A 29 19.92 2.53 -4.59
CA GLY A 29 20.47 3.83 -4.27
C GLY A 29 19.70 4.52 -3.16
N ASN A 30 18.42 4.23 -3.10
CA ASN A 30 17.53 4.80 -2.09
C ASN A 30 17.27 3.80 -0.97
N THR A 31 16.69 4.29 0.11
CA THR A 31 16.37 3.45 1.26
C THR A 31 14.89 3.50 1.58
N PHE A 32 14.42 2.56 2.39
CA PHE A 32 13.02 2.49 2.76
C PHE A 32 12.86 2.52 4.27
N ASN A 33 11.84 3.24 4.74
CA ASN A 33 11.57 3.35 6.16
C ASN A 33 10.28 2.61 6.52
N GLY A 34 9.28 2.73 5.65
CA GLY A 34 8.00 2.07 5.88
C GLY A 34 6.82 2.91 5.44
N ILE A 35 5.65 2.28 5.36
CA ILE A 35 4.44 2.96 4.96
C ILE A 35 3.63 3.38 6.18
N SER A 36 3.83 4.61 6.63
CA SER A 36 3.12 5.12 7.80
C SER A 36 1.64 5.24 7.50
N GLU A 37 1.30 5.18 6.22
CA GLU A 37 -0.08 5.25 5.82
C GLU A 37 -0.81 4.08 6.46
N LEU A 38 -0.07 2.99 6.64
CA LEU A 38 -0.60 1.79 7.27
C LEU A 38 0.47 1.15 8.15
N GLN A 39 0.50 1.56 9.42
CA GLN A 39 1.46 1.10 10.39
C GLN A 39 1.87 -0.32 10.13
N SER A 40 2.95 -0.38 9.39
CA SER A 40 3.64 -1.60 8.95
C SER A 40 2.91 -2.88 9.30
N SER A 41 2.39 -2.93 10.52
CA SER A 41 1.67 -4.11 10.97
C SER A 41 0.59 -4.49 9.95
N GLN A 42 0.17 -3.50 9.16
CA GLN A 42 -0.84 -3.71 8.15
C GLN A 42 -0.34 -4.65 7.05
N TYR A 43 0.97 -4.62 6.84
CA TYR A 43 1.62 -5.45 5.84
C TYR A 43 2.84 -6.15 6.42
N THR A 44 3.59 -6.77 5.53
CA THR A 44 4.80 -7.49 5.89
C THR A 44 5.97 -6.95 5.08
N LYS A 45 6.56 -5.90 5.60
CA LYS A 45 7.68 -5.25 4.94
C LYS A 45 8.92 -6.13 4.95
N GLY A 46 9.81 -5.88 4.00
CA GLY A 46 11.04 -6.64 3.88
C GLY A 46 12.09 -5.90 3.09
N THR A 47 12.84 -5.05 3.77
CA THR A 47 13.91 -4.24 3.16
C THR A 47 13.95 -4.39 1.64
N ASN A 48 13.56 -3.34 0.93
CA ASN A 48 13.55 -3.34 -0.53
C ASN A 48 12.22 -3.88 -1.08
N GLU A 49 11.40 -4.43 -0.20
CA GLU A 49 10.11 -4.98 -0.60
C GLU A 49 9.10 -4.91 0.53
N VAL A 50 7.82 -5.10 0.19
CA VAL A 50 6.75 -5.06 1.17
C VAL A 50 5.52 -5.80 0.66
N THR A 51 4.90 -6.61 1.50
CA THR A 51 3.72 -7.35 1.10
C THR A 51 2.48 -6.92 1.89
N LEU A 52 1.46 -6.46 1.17
CA LEU A 52 0.22 -6.02 1.81
C LEU A 52 -0.51 -7.23 2.37
N LEU A 53 -1.07 -7.08 3.57
CA LEU A 53 -1.77 -8.19 4.19
C LEU A 53 -3.28 -7.99 4.14
N ALA A 54 -3.93 -8.80 3.33
CA ALA A 54 -5.38 -8.74 3.17
C ALA A 54 -6.11 -8.61 4.50
N SER A 55 -5.41 -8.83 5.60
CA SER A 55 -6.02 -8.73 6.92
C SER A 55 -6.34 -7.28 7.25
N TYR A 56 -5.38 -6.40 7.02
CA TYR A 56 -5.56 -4.99 7.28
C TYR A 56 -6.47 -4.39 6.23
N LEU A 57 -6.04 -4.51 5.00
CA LEU A 57 -6.79 -4.00 3.87
C LEU A 57 -8.24 -4.45 3.92
N ASN A 58 -8.45 -5.71 4.28
CA ASN A 58 -9.80 -6.24 4.37
C ASN A 58 -10.60 -5.54 5.47
N THR A 59 -9.90 -5.12 6.53
CA THR A 59 -10.54 -4.45 7.65
C THR A 59 -10.80 -2.99 7.35
N LEU A 60 -10.01 -2.41 6.46
CA LEU A 60 -10.17 -1.01 6.10
C LEU A 60 -11.65 -0.62 6.04
N PRO A 61 -12.01 0.53 6.63
CA PRO A 61 -13.40 1.01 6.64
C PRO A 61 -14.04 1.05 5.26
N GLU A 62 -15.22 1.65 5.18
CA GLU A 62 -15.95 1.76 3.93
C GLU A 62 -15.12 2.43 2.86
N ASN A 63 -15.81 2.84 1.80
CA ASN A 63 -15.19 3.48 0.66
C ASN A 63 -14.08 4.44 1.07
N THR A 64 -12.97 3.90 1.54
CA THR A 64 -11.83 4.71 1.97
C THR A 64 -10.79 4.80 0.87
N THR A 65 -9.90 5.77 0.99
CA THR A 65 -8.85 5.96 -0.01
C THR A 65 -7.47 5.73 0.58
N LYS A 66 -7.18 4.48 0.89
CA LYS A 66 -5.90 4.10 1.45
C LYS A 66 -4.77 4.53 0.53
N THR A 67 -3.57 4.54 1.06
CA THR A 67 -2.41 4.92 0.28
C THR A 67 -1.16 4.22 0.79
N LEU A 68 -0.38 3.68 -0.14
CA LEU A 68 0.86 2.99 0.18
C LEU A 68 2.05 3.87 -0.11
N THR A 69 2.31 4.83 0.77
CA THR A 69 3.43 5.73 0.58
C THR A 69 4.67 5.20 1.27
N PHE A 70 5.51 4.50 0.52
CA PHE A 70 6.73 3.95 1.07
C PHE A 70 7.72 5.07 1.38
N ASP A 71 7.96 5.32 2.65
CA ASP A 71 8.88 6.39 3.04
C ASP A 71 10.31 6.05 2.67
N PHE A 72 10.74 6.66 1.58
CA PHE A 72 12.08 6.46 1.07
C PHE A 72 12.96 7.66 1.44
N GLY A 73 12.49 8.46 2.39
CA GLY A 73 13.25 9.63 2.80
C GLY A 73 13.34 10.66 1.69
N VAL A 74 12.66 10.38 0.58
CA VAL A 74 12.67 11.30 -0.55
C VAL A 74 11.46 12.21 -0.53
N GLY A 75 10.29 11.63 -0.29
CA GLY A 75 9.06 12.41 -0.24
C GLY A 75 8.60 12.91 -1.59
N THR A 76 9.43 13.70 -2.23
CA THR A 76 9.12 14.25 -3.54
C THR A 76 8.75 13.16 -4.54
N LYS A 77 9.75 12.37 -4.94
CA LYS A 77 9.53 11.29 -5.88
C LYS A 77 9.10 10.01 -5.18
N ASN A 78 8.74 10.14 -3.91
CA ASN A 78 8.32 9.00 -3.11
C ASN A 78 7.16 8.26 -3.77
N PRO A 79 7.34 6.98 -4.11
CA PRO A 79 6.30 6.19 -4.74
C PRO A 79 5.20 5.80 -3.76
N LYS A 80 4.11 6.56 -3.81
CA LYS A 80 2.96 6.32 -2.96
C LYS A 80 1.79 5.84 -3.81
N LEU A 81 1.34 4.62 -3.58
CA LEU A 81 0.26 4.05 -4.35
C LEU A 81 -1.09 4.20 -3.65
N THR A 82 -1.97 4.99 -4.25
CA THR A 82 -3.29 5.22 -3.66
C THR A 82 -4.15 3.98 -3.73
N ILE A 83 -4.43 3.40 -2.56
CA ILE A 83 -5.25 2.21 -2.47
C ILE A 83 -6.70 2.58 -2.12
N THR A 84 -7.61 2.34 -3.06
CA THR A 84 -9.01 2.66 -2.86
C THR A 84 -9.79 1.43 -2.40
N VAL A 85 -10.26 1.47 -1.16
CA VAL A 85 -11.03 0.36 -0.60
C VAL A 85 -12.51 0.70 -0.57
N LEU A 86 -13.31 -0.15 -1.19
CA LEU A 86 -14.75 0.04 -1.25
C LEU A 86 -15.44 -0.69 -0.10
N PRO A 87 -16.71 -0.35 0.18
CA PRO A 87 -17.49 -0.96 1.25
C PRO A 87 -17.90 -2.39 0.92
N LYS A 88 -18.43 -3.10 1.91
CA LYS A 88 -18.86 -4.48 1.73
C LYS A 88 -20.04 -4.55 0.75
N ASP A 89 -20.34 -5.77 0.31
CA ASP A 89 -21.43 -5.98 -0.62
C ASP A 89 -22.40 -7.04 -0.10
N ILE A 90 -23.68 -6.86 -0.39
CA ILE A 90 -24.71 -7.79 0.05
C ILE A 90 -25.16 -8.71 -1.07
N PRO A 91 -24.54 -9.89 -1.19
CA PRO A 91 -24.86 -10.86 -2.23
C PRO A 91 -26.23 -11.49 -2.03
N GLY A 92 -27.15 -11.22 -2.95
CA GLY A 92 -28.48 -11.77 -2.85
C GLY A 92 -28.77 -12.81 -3.92
N LEU A 93 -27.74 -13.57 -4.29
CA LEU A 93 -27.88 -14.60 -5.31
C LEU A 93 -28.10 -13.99 -6.69
N GLU A 94 -27.01 -13.63 -7.34
CA GLU A 94 -27.08 -13.03 -8.67
C GLU A 94 -26.92 -14.08 -9.76
N MET A 1 17.78 14.23 -4.81
CA MET A 1 17.24 13.45 -5.95
C MET A 1 17.46 11.96 -5.74
N GLN A 2 16.44 11.16 -6.04
CA GLN A 2 16.52 9.71 -5.88
C GLN A 2 15.83 9.00 -7.03
N ASP A 3 16.26 7.77 -7.30
CA ASP A 3 15.69 6.98 -8.38
C ASP A 3 15.12 5.65 -7.86
N PRO A 4 14.22 5.72 -6.86
CA PRO A 4 13.60 4.53 -6.29
C PRO A 4 12.51 3.96 -7.19
N THR A 5 12.40 2.64 -7.25
CA THR A 5 11.39 2.01 -8.10
C THR A 5 10.65 0.91 -7.36
N ILE A 6 9.49 1.25 -6.81
CA ILE A 6 8.69 0.27 -6.09
C ILE A 6 7.37 0.01 -6.80
N ASN A 7 6.62 -0.97 -6.30
CA ASN A 7 5.32 -1.32 -6.87
C ASN A 7 4.54 -0.09 -7.30
N PRO A 8 3.45 -0.30 -8.06
CA PRO A 8 2.62 0.79 -8.55
C PRO A 8 2.33 1.82 -7.47
N THR A 9 1.70 2.92 -7.88
CA THR A 9 1.37 3.99 -6.95
C THR A 9 -0.13 4.19 -6.83
N SER A 10 -0.92 3.31 -7.45
CA SER A 10 -2.37 3.43 -7.37
C SER A 10 -3.06 2.11 -7.74
N ILE A 11 -4.07 1.75 -6.94
CA ILE A 11 -4.84 0.54 -7.15
C ILE A 11 -6.24 0.68 -6.56
N SER A 12 -7.14 -0.21 -6.94
CA SER A 12 -8.51 -0.15 -6.44
C SER A 12 -9.06 -1.55 -6.17
N ALA A 13 -9.76 -1.70 -5.05
CA ALA A 13 -10.35 -2.98 -4.66
C ALA A 13 -11.28 -2.80 -3.47
N LYS A 14 -12.34 -3.60 -3.42
CA LYS A 14 -13.29 -3.52 -2.32
C LYS A 14 -12.65 -4.06 -1.04
N ALA A 15 -12.97 -3.44 0.08
CA ALA A 15 -12.38 -3.88 1.34
C ALA A 15 -12.67 -5.35 1.57
N GLY A 16 -11.63 -6.13 1.34
CA GLY A 16 -11.72 -7.57 1.48
C GLY A 16 -11.17 -8.23 0.24
N SER A 17 -11.48 -7.64 -0.91
CA SER A 17 -11.00 -8.14 -2.16
C SER A 17 -9.52 -7.82 -2.31
N PHE A 18 -8.92 -7.46 -1.20
CA PHE A 18 -7.52 -7.10 -1.17
C PHE A 18 -6.67 -8.27 -0.72
N ALA A 19 -6.48 -9.22 -1.61
CA ALA A 19 -5.67 -10.39 -1.30
C ALA A 19 -4.21 -9.99 -1.15
N ASP A 20 -3.44 -10.78 -0.40
CA ASP A 20 -2.03 -10.49 -0.16
C ASP A 20 -1.41 -9.85 -1.40
N THR A 21 -1.04 -8.57 -1.29
CA THR A 21 -0.45 -7.86 -2.42
C THR A 21 1.03 -7.60 -2.21
N LYS A 22 1.87 -8.40 -2.84
CA LYS A 22 3.31 -8.24 -2.71
C LYS A 22 3.77 -6.97 -3.40
N ILE A 23 4.90 -6.48 -2.95
CA ILE A 23 5.49 -5.26 -3.47
C ILE A 23 7.01 -5.35 -3.51
N THR A 24 7.61 -4.70 -4.50
CA THR A 24 9.06 -4.71 -4.66
C THR A 24 9.64 -3.30 -4.68
N LEU A 25 10.14 -2.88 -3.53
CA LEU A 25 10.73 -1.57 -3.39
C LEU A 25 12.17 -1.54 -3.92
N THR A 26 12.35 -1.10 -5.16
CA THR A 26 13.69 -1.02 -5.74
C THR A 26 14.50 0.08 -5.06
N PRO A 27 15.53 -0.32 -4.30
CA PRO A 27 16.40 0.60 -3.56
C PRO A 27 17.62 1.03 -4.36
N ASN A 28 17.68 0.55 -5.60
CA ASN A 28 18.76 0.80 -6.53
C ASN A 28 19.29 2.21 -6.40
N GLY A 29 19.89 2.43 -5.26
CA GLY A 29 20.46 3.71 -4.93
C GLY A 29 19.73 4.41 -3.80
N ASN A 30 18.46 4.07 -3.66
CA ASN A 30 17.60 4.64 -2.62
C ASN A 30 17.23 3.58 -1.58
N THR A 31 16.68 4.04 -0.47
CA THR A 31 16.27 3.14 0.60
C THR A 31 14.86 3.45 1.07
N PHE A 32 14.22 2.47 1.69
CA PHE A 32 12.86 2.64 2.19
C PHE A 32 12.81 2.35 3.69
N ASN A 33 11.82 2.93 4.37
CA ASN A 33 11.66 2.73 5.81
C ASN A 33 10.34 2.04 6.11
N GLY A 34 9.23 2.74 5.88
CA GLY A 34 7.93 2.18 6.15
C GLY A 34 6.80 3.08 5.68
N ILE A 35 5.57 2.55 5.72
CA ILE A 35 4.41 3.31 5.29
C ILE A 35 3.61 3.75 6.50
N SER A 36 3.83 4.97 6.93
CA SER A 36 3.13 5.53 8.08
C SER A 36 1.65 5.64 7.80
N GLU A 37 1.30 5.85 6.54
CA GLU A 37 -0.08 5.93 6.15
C GLU A 37 -0.79 4.70 6.69
N LEU A 38 -0.02 3.63 6.84
CA LEU A 38 -0.52 2.37 7.36
C LEU A 38 0.59 1.67 8.15
N GLN A 39 0.61 1.90 9.46
CA GLN A 39 1.59 1.34 10.36
C GLN A 39 2.07 -0.01 9.88
N SER A 40 3.15 0.10 9.15
CA SER A 40 3.87 -1.02 8.52
C SER A 40 3.28 -2.37 8.87
N SER A 41 2.92 -2.56 10.12
CA SER A 41 2.33 -3.82 10.56
C SER A 41 1.21 -4.24 9.61
N GLN A 42 0.62 -3.26 8.92
CA GLN A 42 -0.46 -3.49 7.98
C GLN A 42 -0.02 -4.43 6.85
N TYR A 43 1.26 -4.35 6.54
CA TYR A 43 1.84 -5.18 5.48
C TYR A 43 3.01 -6.00 6.01
N THR A 44 3.73 -6.60 5.07
CA THR A 44 4.88 -7.42 5.38
C THR A 44 6.11 -6.87 4.69
N LYS A 45 6.75 -5.95 5.36
CA LYS A 45 7.95 -5.30 4.83
C LYS A 45 9.11 -6.28 4.75
N GLY A 46 10.09 -5.94 3.93
CA GLY A 46 11.26 -6.79 3.76
C GLY A 46 12.35 -6.10 2.97
N THR A 47 13.09 -5.22 3.65
CA THR A 47 14.19 -4.47 3.03
C THR A 47 14.13 -4.52 1.51
N ASN A 48 13.59 -3.46 0.90
CA ASN A 48 13.47 -3.38 -0.55
C ASN A 48 12.20 -4.08 -1.03
N GLU A 49 11.48 -4.72 -0.11
CA GLU A 49 10.26 -5.42 -0.46
C GLU A 49 9.19 -5.23 0.61
N VAL A 50 7.94 -5.48 0.24
CA VAL A 50 6.81 -5.34 1.15
C VAL A 50 5.60 -6.09 0.61
N THR A 51 4.75 -6.57 1.52
CA THR A 51 3.56 -7.31 1.09
C THR A 51 2.31 -6.92 1.88
N LEU A 52 1.31 -6.44 1.16
CA LEU A 52 0.04 -6.05 1.76
C LEU A 52 -0.68 -7.28 2.26
N LEU A 53 -1.17 -7.23 3.50
CA LEU A 53 -1.87 -8.39 4.05
C LEU A 53 -3.37 -8.20 4.01
N ALA A 54 -4.03 -8.94 3.13
CA ALA A 54 -5.47 -8.89 2.96
C ALA A 54 -6.23 -8.73 4.29
N SER A 55 -5.58 -9.04 5.39
CA SER A 55 -6.22 -8.92 6.70
C SER A 55 -6.43 -7.45 7.05
N TYR A 56 -5.36 -6.67 6.91
CA TYR A 56 -5.43 -5.26 7.19
C TYR A 56 -6.28 -4.57 6.14
N LEU A 57 -5.82 -4.69 4.90
CA LEU A 57 -6.51 -4.12 3.76
C LEU A 57 -8.00 -4.39 3.83
N ASN A 58 -8.36 -5.64 4.16
CA ASN A 58 -9.76 -6.01 4.26
C ASN A 58 -10.43 -5.28 5.42
N THR A 59 -9.63 -4.91 6.42
CA THR A 59 -10.14 -4.20 7.58
C THR A 59 -10.32 -2.71 7.30
N LEU A 60 -9.54 -2.20 6.35
CA LEU A 60 -9.62 -0.78 5.99
C LEU A 60 -11.06 -0.29 6.01
N PRO A 61 -11.25 1.03 6.19
CA PRO A 61 -12.58 1.65 6.25
C PRO A 61 -13.42 1.38 5.01
N GLU A 62 -14.59 2.01 4.97
CA GLU A 62 -15.52 1.86 3.85
C GLU A 62 -14.99 2.54 2.60
N ASN A 63 -15.89 2.73 1.64
CA ASN A 63 -15.57 3.33 0.36
C ASN A 63 -14.59 4.49 0.51
N THR A 64 -13.34 4.16 0.83
CA THR A 64 -12.30 5.16 1.00
C THR A 64 -11.11 4.84 0.10
N THR A 65 -10.22 5.82 -0.06
CA THR A 65 -9.05 5.64 -0.90
C THR A 65 -7.77 5.83 -0.09
N LYS A 66 -7.35 4.77 0.59
CA LYS A 66 -6.15 4.83 1.38
C LYS A 66 -4.93 5.01 0.51
N THR A 67 -3.78 5.20 1.14
CA THR A 67 -2.55 5.40 0.40
C THR A 67 -1.36 4.80 1.14
N LEU A 68 -0.54 4.07 0.41
CA LEU A 68 0.64 3.44 0.95
C LEU A 68 1.85 4.33 0.71
N THR A 69 1.96 5.41 1.50
CA THR A 69 3.06 6.34 1.35
C THR A 69 4.36 5.70 1.81
N PHE A 70 5.05 5.04 0.89
CA PHE A 70 6.30 4.39 1.21
C PHE A 70 7.39 5.43 1.50
N ASP A 71 7.74 5.58 2.77
CA ASP A 71 8.75 6.54 3.16
C ASP A 71 10.13 6.12 2.68
N PHE A 72 10.55 6.73 1.58
CA PHE A 72 11.85 6.46 0.99
C PHE A 72 12.85 7.55 1.37
N GLY A 73 12.62 8.16 2.52
CA GLY A 73 13.49 9.22 2.98
C GLY A 73 13.10 10.57 2.45
N VAL A 74 12.38 10.58 1.33
CA VAL A 74 11.92 11.82 0.72
C VAL A 74 10.46 12.09 1.02
N GLY A 75 9.62 11.09 0.84
CA GLY A 75 8.20 11.25 1.09
C GLY A 75 7.48 12.01 0.00
N THR A 76 7.93 13.22 -0.25
CA THR A 76 7.33 14.07 -1.26
C THR A 76 7.22 13.34 -2.60
N LYS A 77 8.36 13.02 -3.20
CA LYS A 77 8.38 12.33 -4.47
C LYS A 77 8.37 10.82 -4.29
N ASN A 78 8.09 10.37 -3.07
CA ASN A 78 8.04 8.95 -2.75
C ASN A 78 6.86 8.28 -3.45
N PRO A 79 6.95 6.96 -3.66
CA PRO A 79 5.89 6.19 -4.32
C PRO A 79 4.69 5.96 -3.40
N LYS A 80 3.69 6.83 -3.53
CA LYS A 80 2.48 6.72 -2.73
C LYS A 80 1.50 5.76 -3.40
N LEU A 81 1.36 4.57 -2.83
CA LEU A 81 0.48 3.55 -3.39
C LEU A 81 -0.96 3.75 -2.91
N THR A 82 -1.72 4.57 -3.65
CA THR A 82 -3.11 4.85 -3.29
C THR A 82 -3.99 3.63 -3.48
N ILE A 83 -4.52 3.12 -2.37
CA ILE A 83 -5.38 1.95 -2.39
C ILE A 83 -6.84 2.35 -2.20
N THR A 84 -7.69 2.02 -3.17
CA THR A 84 -9.10 2.37 -3.11
C THR A 84 -9.92 1.25 -2.49
N VAL A 85 -10.33 1.44 -1.24
CA VAL A 85 -11.13 0.44 -0.53
C VAL A 85 -12.61 0.68 -0.79
N LEU A 86 -13.19 -0.17 -1.64
CA LEU A 86 -14.60 -0.06 -1.98
C LEU A 86 -15.47 -0.64 -0.86
N PRO A 87 -16.76 -0.25 -0.82
CA PRO A 87 -17.69 -0.73 0.20
C PRO A 87 -18.11 -2.18 -0.04
N LYS A 88 -18.02 -3.00 1.01
CA LYS A 88 -18.39 -4.40 0.92
C LYS A 88 -19.70 -4.58 0.14
N ASP A 89 -19.94 -5.79 -0.35
CA ASP A 89 -21.14 -6.08 -1.11
C ASP A 89 -22.36 -6.07 -0.21
N ILE A 90 -23.24 -5.10 -0.42
CA ILE A 90 -24.46 -4.97 0.37
C ILE A 90 -25.69 -5.30 -0.47
N PRO A 91 -26.83 -5.56 0.20
CA PRO A 91 -28.08 -5.89 -0.48
C PRO A 91 -28.68 -4.69 -1.22
N GLY A 92 -28.85 -4.85 -2.53
CA GLY A 92 -29.41 -3.78 -3.33
C GLY A 92 -28.43 -3.26 -4.35
N LEU A 93 -27.47 -4.09 -4.74
CA LEU A 93 -26.46 -3.71 -5.72
C LEU A 93 -26.83 -4.21 -7.11
N GLU A 94 -27.35 -3.31 -7.95
CA GLU A 94 -27.74 -3.65 -9.30
C GLU A 94 -27.17 -2.66 -10.32
#